data_4OYY
#
_entry.id   4OYY
#
_cell.length_a   125.548
_cell.length_b   126.999
_cell.length_c   134.505
_cell.angle_alpha   90.00
_cell.angle_beta   90.00
_cell.angle_gamma   90.00
#
_symmetry.space_group_name_H-M   'P 21 21 21'
#
loop_
_entity.id
_entity.type
_entity.pdbx_description
1 polymer Cutinase
2 water water
#
_entity_poly.entity_id   1
_entity_poly.type   'polypeptide(L)'
_entity_poly.pdbx_seq_one_letter_code
;QLGAIENGLESGSANACPDAILIFARGSTEPGNMGITVGPALANGLESHIRNIWIQGVGGPYDAALATNFLPRGTSQANI
DEGKRLFALANQKCPNTPVVAGGYSQGAALIAAAVSELSGAVKEQVKGVALFGYTQNLQNRGGIPNYPRERTKVFCNVGD
AVCTGTLIITPAHLSYTIEARGEAARFLRDRIRA
;
_entity_poly.pdbx_strand_id   A,B,C,D,E,F,G,H,I,J,K,L
#
# COMPACT_ATOMS: atom_id res chain seq x y z
N GLY A 3 -16.88 -22.58 64.00
CA GLY A 3 -17.55 -23.93 64.06
C GLY A 3 -16.74 -25.01 64.71
N ALA A 4 -17.38 -26.12 65.03
CA ALA A 4 -18.79 -26.44 64.80
C ALA A 4 -19.72 -26.03 65.97
N ILE A 5 -19.14 -25.67 67.12
CA ILE A 5 -19.92 -25.10 68.23
C ILE A 5 -19.34 -23.79 68.68
N GLU A 6 -20.19 -22.76 68.73
CA GLU A 6 -19.81 -21.41 69.12
C GLU A 6 -20.90 -20.80 69.97
N ASN A 7 -20.53 -20.30 71.16
CA ASN A 7 -21.46 -19.70 72.10
C ASN A 7 -20.97 -18.42 72.67
N GLY A 8 -20.29 -17.63 71.85
CA GLY A 8 -19.64 -16.43 72.32
C GLY A 8 -20.57 -15.41 72.93
N LEU A 9 -21.79 -15.35 72.41
CA LEU A 9 -22.79 -14.40 72.87
C LEU A 9 -23.41 -14.89 74.16
N GLU A 10 -23.73 -16.18 74.22
CA GLU A 10 -24.33 -16.73 75.44
C GLU A 10 -23.39 -16.70 76.62
N SER A 11 -22.14 -17.02 76.40
CA SER A 11 -21.19 -17.02 77.50
C SER A 11 -20.43 -15.69 77.65
N GLY A 12 -20.51 -14.81 76.67
CA GLY A 12 -19.82 -13.52 76.78
C GLY A 12 -20.45 -12.65 77.85
N SER A 13 -19.64 -11.81 78.50
CA SER A 13 -20.13 -10.92 79.58
C SER A 13 -20.29 -9.48 79.12
N ALA A 14 -21.28 -8.79 79.67
CA ALA A 14 -21.67 -7.44 79.22
C ALA A 14 -20.64 -6.35 79.57
N ASN A 15 -19.68 -6.69 80.43
CA ASN A 15 -18.54 -5.80 80.70
C ASN A 15 -17.45 -5.83 79.66
N ALA A 16 -17.55 -6.76 78.72
CA ALA A 16 -16.49 -6.94 77.73
C ALA A 16 -17.07 -7.12 76.34
N CYS A 17 -18.00 -6.24 75.97
CA CYS A 17 -18.62 -6.33 74.65
C CYS A 17 -17.55 -6.20 73.57
N PRO A 18 -17.77 -6.85 72.43
CA PRO A 18 -16.77 -6.83 71.37
C PRO A 18 -17.11 -5.79 70.30
N ASP A 19 -16.30 -5.75 69.24
CA ASP A 19 -16.51 -4.82 68.14
C ASP A 19 -17.72 -5.23 67.29
N ALA A 20 -18.01 -6.54 67.26
CA ALA A 20 -19.16 -7.06 66.51
C ALA A 20 -19.63 -8.43 67.00
N ILE A 21 -20.90 -8.73 66.71
CA ILE A 21 -21.48 -10.02 67.04
C ILE A 21 -22.05 -10.69 65.78
N LEU A 22 -21.70 -11.97 65.59
CA LEU A 22 -22.21 -12.75 64.45
C LEU A 22 -23.15 -13.81 64.97
N ILE A 23 -24.38 -13.81 64.46
CA ILE A 23 -25.34 -14.88 64.78
C ILE A 23 -25.58 -15.71 63.53
N PHE A 24 -25.41 -17.03 63.64
CA PHE A 24 -25.47 -17.90 62.47
C PHE A 24 -26.39 -19.09 62.68
N ALA A 25 -27.21 -19.38 61.67
CA ALA A 25 -28.06 -20.57 61.65
C ALA A 25 -27.62 -21.54 60.55
N ARG A 26 -27.35 -22.78 60.96
CA ARG A 26 -26.77 -23.82 60.10
C ARG A 26 -27.83 -24.49 59.22
N GLY A 27 -27.36 -25.33 58.31
CA GLY A 27 -28.23 -26.06 57.40
C GLY A 27 -28.82 -27.33 57.99
N SER A 28 -29.78 -27.90 57.28
CA SER A 28 -30.42 -29.13 57.74
C SER A 28 -29.36 -30.26 57.89
N THR A 29 -29.43 -30.96 59.04
CA THR A 29 -28.60 -32.10 59.39
C THR A 29 -27.17 -31.74 59.74
N GLU A 30 -26.77 -30.48 59.68
CA GLU A 30 -25.39 -30.14 60.03
C GLU A 30 -25.20 -30.29 61.56
N PRO A 31 -24.00 -30.73 61.98
CA PRO A 31 -23.69 -30.91 63.40
C PRO A 31 -23.47 -29.58 64.16
N GLY A 32 -23.48 -29.66 65.49
CA GLY A 32 -23.19 -28.53 66.33
C GLY A 32 -24.27 -27.49 66.23
N ASN A 33 -23.87 -26.25 66.39
CA ASN A 33 -24.76 -25.11 66.11
C ASN A 33 -24.25 -24.18 64.96
N MET A 34 -23.04 -24.41 64.46
CA MET A 34 -22.49 -23.65 63.34
C MET A 34 -22.40 -24.48 62.07
N GLY A 35 -22.52 -25.80 62.21
CA GLY A 35 -22.32 -26.69 61.08
C GLY A 35 -20.87 -26.73 60.73
N ILE A 36 -20.54 -27.31 59.58
CA ILE A 36 -19.14 -27.49 59.22
C ILE A 36 -18.76 -26.94 57.84
N THR A 37 -19.69 -26.31 57.15
CA THR A 37 -19.41 -25.80 55.81
C THR A 37 -19.40 -24.28 55.83
N VAL A 38 -20.55 -23.71 55.57
CA VAL A 38 -20.70 -22.27 55.43
C VAL A 38 -20.44 -21.48 56.74
N GLY A 39 -20.96 -21.97 57.87
CA GLY A 39 -20.82 -21.28 59.15
C GLY A 39 -19.39 -20.95 59.54
N PRO A 40 -18.54 -21.97 59.62
CA PRO A 40 -17.17 -21.74 59.98
C PRO A 40 -16.44 -20.91 58.95
N ALA A 41 -16.75 -21.11 57.68
CA ALA A 41 -16.15 -20.29 56.63
C ALA A 41 -16.47 -18.80 56.79
N LEU A 42 -17.71 -18.49 57.11
CA LEU A 42 -18.13 -17.11 57.31
C LEU A 42 -17.52 -16.50 58.58
N ALA A 43 -17.52 -17.27 59.65
CA ALA A 43 -16.93 -16.84 60.91
C ALA A 43 -15.45 -16.55 60.72
N ASN A 44 -14.80 -17.46 60.03
CA ASN A 44 -13.41 -17.31 59.71
C ASN A 44 -13.08 -16.04 58.92
N GLY A 45 -13.82 -15.82 57.85
CA GLY A 45 -13.57 -14.70 56.96
C GLY A 45 -13.75 -13.37 57.66
N LEU A 46 -14.75 -13.35 58.52
CA LEU A 46 -15.12 -12.14 59.21
C LEU A 46 -14.12 -11.82 60.30
N GLU A 47 -13.63 -12.87 60.95
CA GLU A 47 -12.59 -12.72 61.95
C GLU A 47 -11.27 -12.19 61.38
N SER A 48 -11.04 -12.44 60.11
CA SER A 48 -9.87 -11.91 59.45
C SER A 48 -9.95 -10.39 59.26
N HIS A 49 -11.15 -9.82 59.34
CA HIS A 49 -11.36 -8.37 59.19
C HIS A 49 -11.65 -7.65 60.50
N ILE A 50 -12.13 -8.38 61.48
CA ILE A 50 -12.55 -7.82 62.74
C ILE A 50 -12.14 -8.82 63.81
N ARG A 51 -11.02 -8.54 64.45
CA ARG A 51 -10.40 -9.53 65.35
C ARG A 51 -11.21 -9.75 66.63
N ASN A 52 -11.84 -8.69 67.14
CA ASN A 52 -12.59 -8.81 68.40
C ASN A 52 -14.08 -8.98 68.15
N ILE A 53 -14.53 -10.23 68.18
CA ILE A 53 -15.83 -10.60 67.67
C ILE A 53 -16.41 -11.75 68.47
N TRP A 54 -17.71 -11.71 68.73
CA TRP A 54 -18.38 -12.86 69.33
C TRP A 54 -19.10 -13.62 68.27
N ILE A 55 -19.02 -14.94 68.36
CA ILE A 55 -19.67 -15.82 67.38
C ILE A 55 -20.66 -16.78 68.03
N GLN A 56 -21.87 -16.81 67.48
CA GLN A 56 -22.95 -17.53 68.10
C GLN A 56 -23.71 -18.34 67.07
N GLY A 57 -23.73 -19.65 67.27
CA GLY A 57 -24.61 -20.54 66.50
C GLY A 57 -26.01 -20.52 67.08
N VAL A 58 -27.00 -20.83 66.26
CA VAL A 58 -28.35 -20.95 66.75
C VAL A 58 -28.59 -22.42 67.06
N GLY A 59 -28.66 -22.73 68.36
CA GLY A 59 -28.87 -24.09 68.84
C GLY A 59 -30.21 -24.15 69.52
N GLY A 60 -30.24 -24.63 70.77
CA GLY A 60 -31.49 -24.79 71.50
C GLY A 60 -32.41 -25.78 70.82
N PRO A 61 -33.68 -25.40 70.62
CA PRO A 61 -34.58 -26.31 69.91
C PRO A 61 -34.21 -26.59 68.44
N TYR A 62 -33.36 -25.75 67.82
CA TYR A 62 -33.05 -25.91 66.39
C TYR A 62 -32.13 -27.09 66.20
N ASP A 63 -32.75 -28.25 66.00
CA ASP A 63 -32.05 -29.50 65.74
C ASP A 63 -31.82 -29.78 64.25
N ALA A 64 -32.12 -28.80 63.37
CA ALA A 64 -31.79 -28.86 61.94
C ALA A 64 -32.39 -30.09 61.25
N ALA A 65 -33.62 -30.40 61.62
CA ALA A 65 -34.30 -31.57 61.10
C ALA A 65 -34.74 -31.37 59.66
N LEU A 66 -34.78 -32.45 58.89
CA LEU A 66 -35.32 -32.40 57.52
C LEU A 66 -36.77 -32.04 57.46
N ALA A 67 -37.56 -32.66 58.34
CA ALA A 67 -39.05 -32.49 58.31
C ALA A 67 -39.49 -31.03 58.43
N THR A 68 -38.82 -30.27 59.31
CA THR A 68 -39.23 -28.88 59.57
C THR A 68 -39.17 -27.95 58.35
N ASN A 69 -38.41 -28.33 57.33
CA ASN A 69 -38.36 -27.57 56.08
C ASN A 69 -39.71 -27.40 55.45
N PHE A 70 -40.60 -28.37 55.69
CA PHE A 70 -41.92 -28.43 55.06
C PHE A 70 -42.98 -27.61 55.78
N LEU A 71 -42.63 -26.96 56.88
CA LEU A 71 -43.56 -26.04 57.51
C LEU A 71 -43.66 -24.73 56.72
N PRO A 72 -44.75 -23.96 56.96
CA PRO A 72 -44.84 -22.66 56.33
C PRO A 72 -43.72 -21.77 56.90
N ARG A 73 -43.10 -21.06 55.98
CA ARG A 73 -41.96 -20.21 56.21
C ARG A 73 -40.61 -20.93 56.19
N GLY A 74 -40.61 -22.27 56.05
CA GLY A 74 -39.37 -23.02 55.82
C GLY A 74 -38.71 -23.58 57.02
N THR A 75 -39.28 -23.28 58.18
CA THR A 75 -38.90 -23.90 59.47
C THR A 75 -39.99 -23.72 60.56
N SER A 76 -39.76 -24.32 61.71
CA SER A 76 -40.71 -24.24 62.85
C SER A 76 -40.68 -22.88 63.54
N GLN A 77 -41.77 -22.54 64.23
CA GLN A 77 -41.82 -21.31 65.02
C GLN A 77 -40.91 -21.36 66.25
N ALA A 78 -40.77 -22.54 66.85
CA ALA A 78 -39.85 -22.74 67.95
C ALA A 78 -38.45 -22.31 67.58
N ASN A 79 -38.05 -22.66 66.37
CA ASN A 79 -36.72 -22.34 65.85
C ASN A 79 -36.55 -20.85 65.61
N ILE A 80 -37.56 -20.27 64.99
CA ILE A 80 -37.59 -18.86 64.70
C ILE A 80 -37.48 -18.06 65.99
N ASP A 81 -38.19 -18.54 67.01
CA ASP A 81 -38.20 -17.90 68.30
C ASP A 81 -36.84 -17.94 68.99
N GLU A 82 -36.14 -19.06 68.86
CA GLU A 82 -34.81 -19.16 69.41
C GLU A 82 -33.89 -18.15 68.76
N GLY A 83 -34.06 -17.96 67.46
CA GLY A 83 -33.31 -16.92 66.76
C GLY A 83 -33.61 -15.52 67.29
N LYS A 84 -34.89 -15.22 67.46
CA LYS A 84 -35.32 -13.96 68.04
C LYS A 84 -34.77 -13.72 69.45
N ARG A 85 -34.69 -14.77 70.24
CA ARG A 85 -34.16 -14.68 71.57
C ARG A 85 -32.74 -14.18 71.55
N LEU A 86 -31.94 -14.78 70.68
CA LEU A 86 -30.53 -14.43 70.60
C LEU A 86 -30.33 -13.00 70.16
N PHE A 87 -31.15 -12.51 69.25
CA PHE A 87 -31.05 -11.11 68.82
C PHE A 87 -31.37 -10.17 69.96
N ALA A 88 -32.34 -10.54 70.77
CA ALA A 88 -32.73 -9.77 71.95
C ALA A 88 -31.65 -9.80 73.04
N LEU A 89 -31.02 -10.96 73.19
CA LEU A 89 -29.94 -11.11 74.15
C LEU A 89 -28.76 -10.24 73.75
N ALA A 90 -28.51 -10.11 72.47
CA ALA A 90 -27.42 -9.26 71.99
C ALA A 90 -27.70 -7.79 72.35
N ASN A 91 -28.96 -7.41 72.21
CA ASN A 91 -29.37 -6.07 72.49
C ASN A 91 -29.33 -5.75 73.97
N GLN A 92 -29.67 -6.73 74.80
CA GLN A 92 -29.55 -6.62 76.26
C GLN A 92 -28.11 -6.52 76.76
N LYS A 93 -27.28 -7.45 76.35
CA LYS A 93 -25.89 -7.45 76.75
C LYS A 93 -25.08 -6.25 76.23
N CYS A 94 -25.29 -5.89 74.96
CA CYS A 94 -24.36 -5.01 74.24
C CYS A 94 -25.07 -4.12 73.24
N PRO A 95 -25.95 -3.25 73.71
CA PRO A 95 -26.87 -2.54 72.82
C PRO A 95 -26.14 -1.68 71.82
N ASN A 96 -24.90 -1.36 72.11
CA ASN A 96 -24.15 -0.47 71.21
C ASN A 96 -23.25 -1.19 70.21
N THR A 97 -23.15 -2.50 70.35
CA THR A 97 -22.35 -3.32 69.47
C THR A 97 -23.15 -3.71 68.24
N PRO A 98 -22.57 -3.51 67.04
CA PRO A 98 -23.30 -3.92 65.84
C PRO A 98 -23.40 -5.44 65.71
N VAL A 99 -24.54 -5.89 65.21
CA VAL A 99 -24.82 -7.30 65.01
C VAL A 99 -24.92 -7.59 63.51
N VAL A 100 -24.28 -8.66 63.08
CA VAL A 100 -24.51 -9.19 61.74
C VAL A 100 -24.98 -10.63 61.87
N ALA A 101 -25.64 -11.11 60.83
CA ALA A 101 -26.21 -12.46 60.84
C ALA A 101 -26.03 -13.21 59.54
N GLY A 102 -26.06 -14.52 59.65
CA GLY A 102 -25.95 -15.38 58.49
C GLY A 102 -26.78 -16.61 58.63
N GLY A 103 -27.10 -17.22 57.50
CA GLY A 103 -27.85 -18.46 57.50
C GLY A 103 -27.66 -19.25 56.23
N TYR A 104 -27.68 -20.57 56.37
CA TYR A 104 -27.53 -21.47 55.24
C TYR A 104 -28.70 -22.45 55.15
N SER A 105 -29.27 -22.56 53.96
CA SER A 105 -30.29 -23.54 53.69
C SER A 105 -31.46 -23.33 54.67
N GLN A 106 -31.86 -24.33 55.44
CA GLN A 106 -32.96 -24.13 56.37
C GLN A 106 -32.64 -22.98 57.37
N GLY A 107 -31.37 -22.84 57.74
CA GLY A 107 -30.94 -21.74 58.61
C GLY A 107 -31.17 -20.36 58.01
N ALA A 108 -31.11 -20.27 56.69
CA ALA A 108 -31.46 -19.02 56.01
C ALA A 108 -32.94 -18.67 56.18
N ALA A 109 -33.81 -19.66 56.01
CA ALA A 109 -35.23 -19.49 56.27
C ALA A 109 -35.46 -19.01 57.71
N LEU A 110 -34.75 -19.63 58.65
CA LEU A 110 -34.86 -19.32 60.06
C LEU A 110 -34.52 -17.85 60.33
N ILE A 111 -33.34 -17.45 59.88
CA ILE A 111 -32.84 -16.11 60.14
C ILE A 111 -33.71 -15.07 59.48
N ALA A 112 -34.15 -15.35 58.26
CA ALA A 112 -34.98 -14.39 57.51
C ALA A 112 -36.26 -14.12 58.26
N ALA A 113 -36.89 -15.19 58.73
CA ALA A 113 -38.12 -15.08 59.50
C ALA A 113 -37.92 -14.30 60.78
N ALA A 114 -36.90 -14.68 61.55
CA ALA A 114 -36.61 -14.07 62.85
C ALA A 114 -36.35 -12.57 62.70
N VAL A 115 -35.54 -12.19 61.73
CA VAL A 115 -35.22 -10.78 61.51
C VAL A 115 -36.49 -10.01 61.17
N SER A 116 -37.37 -10.61 60.37
CA SER A 116 -38.58 -9.91 59.92
C SER A 116 -39.50 -9.54 61.10
N GLU A 117 -39.52 -10.39 62.12
CA GLU A 117 -40.36 -10.17 63.30
C GLU A 117 -39.69 -9.30 64.40
N LEU A 118 -38.48 -8.83 64.18
CA LEU A 118 -37.78 -8.02 65.18
C LEU A 118 -38.32 -6.60 65.21
N SER A 119 -38.07 -5.95 66.34
CA SER A 119 -38.78 -4.73 66.71
C SER A 119 -37.82 -3.60 66.86
N GLY A 120 -38.04 -2.55 66.07
CA GLY A 120 -37.44 -1.24 66.32
C GLY A 120 -35.95 -1.22 66.62
N ALA A 121 -35.60 -1.08 67.89
CA ALA A 121 -34.21 -0.90 68.32
C ALA A 121 -33.37 -2.14 68.04
N VAL A 122 -33.94 -3.29 68.31
CA VAL A 122 -33.26 -4.57 68.13
C VAL A 122 -33.01 -4.85 66.65
N LYS A 123 -33.97 -4.53 65.80
CA LYS A 123 -33.79 -4.64 64.35
C LYS A 123 -32.72 -3.69 63.81
N GLU A 124 -32.69 -2.49 64.36
CA GLU A 124 -31.75 -1.46 63.92
C GLU A 124 -30.32 -1.91 64.20
N GLN A 125 -30.13 -2.64 65.29
CA GLN A 125 -28.81 -3.15 65.69
C GLN A 125 -28.24 -4.14 64.68
N VAL A 126 -29.12 -4.82 63.95
CA VAL A 126 -28.69 -5.78 62.94
C VAL A 126 -28.31 -5.05 61.65
N LYS A 127 -27.02 -4.84 61.47
CA LYS A 127 -26.50 -4.01 60.38
C LYS A 127 -26.45 -4.70 59.02
N GLY A 128 -26.56 -6.02 59.01
CA GLY A 128 -26.36 -6.76 57.77
C GLY A 128 -26.61 -8.23 57.93
N VAL A 129 -27.14 -8.83 56.87
CA VAL A 129 -27.49 -10.25 56.86
C VAL A 129 -27.08 -10.93 55.55
N ALA A 130 -26.36 -12.05 55.66
CA ALA A 130 -26.01 -12.86 54.48
C ALA A 130 -26.74 -14.23 54.50
N LEU A 131 -27.37 -14.57 53.40
CA LEU A 131 -28.13 -15.80 53.26
C LEU A 131 -27.53 -16.65 52.12
N PHE A 132 -27.49 -17.96 52.32
CA PHE A 132 -26.90 -18.86 51.35
C PHE A 132 -27.87 -20.00 51.07
N GLY A 133 -28.06 -20.35 49.81
CA GLY A 133 -29.01 -21.41 49.46
C GLY A 133 -30.35 -21.17 50.14
N TYR A 134 -30.87 -19.98 49.89
CA TYR A 134 -32.07 -19.45 50.58
C TYR A 134 -33.36 -20.15 50.13
N THR A 135 -33.97 -20.92 51.04
CA THR A 135 -35.10 -21.79 50.67
C THR A 135 -36.39 -21.01 50.42
N GLN A 136 -36.45 -19.78 50.91
CA GLN A 136 -37.63 -18.92 50.70
C GLN A 136 -37.32 -17.77 49.72
N ASN A 137 -36.33 -17.97 48.88
CA ASN A 137 -35.91 -16.93 47.98
C ASN A 137 -37.01 -16.52 47.02
N LEU A 138 -37.72 -17.49 46.50
CA LEU A 138 -38.81 -17.20 45.60
C LEU A 138 -39.98 -16.57 46.34
N GLN A 139 -40.41 -17.24 47.41
CA GLN A 139 -41.53 -16.80 48.24
C GLN A 139 -41.35 -15.38 48.78
N ASN A 140 -40.13 -15.02 49.20
CA ASN A 140 -39.85 -13.69 49.72
C ASN A 140 -39.22 -12.76 48.72
N ARG A 141 -39.24 -13.17 47.46
CA ARG A 141 -38.84 -12.32 46.34
C ARG A 141 -37.44 -11.80 46.46
N GLY A 142 -36.51 -12.65 46.86
CA GLY A 142 -35.12 -12.28 46.95
C GLY A 142 -34.67 -11.51 48.17
N GLY A 143 -35.53 -11.33 49.16
CA GLY A 143 -35.18 -10.54 50.32
C GLY A 143 -35.73 -11.04 51.65
N ILE A 144 -35.60 -10.21 52.67
CA ILE A 144 -36.20 -10.45 53.98
C ILE A 144 -37.32 -9.43 54.24
N PRO A 145 -38.55 -9.92 54.52
CA PRO A 145 -39.69 -9.06 54.84
C PRO A 145 -39.36 -8.06 55.95
N ASN A 146 -39.72 -6.79 55.76
CA ASN A 146 -39.48 -5.72 56.73
C ASN A 146 -38.03 -5.52 57.09
N TYR A 147 -37.14 -5.75 56.14
CA TYR A 147 -35.75 -5.50 56.42
C TYR A 147 -35.15 -4.86 55.18
N PRO A 148 -34.46 -3.72 55.36
CA PRO A 148 -33.84 -3.05 54.24
C PRO A 148 -33.12 -3.99 53.27
N ARG A 149 -33.43 -3.87 51.99
CA ARG A 149 -32.73 -4.65 51.00
C ARG A 149 -31.24 -4.33 50.95
N GLU A 150 -30.81 -3.12 51.32
CA GLU A 150 -29.37 -2.76 51.20
C GLU A 150 -28.54 -3.36 52.30
N ARG A 151 -29.20 -3.81 53.36
CA ARG A 151 -28.55 -4.55 54.44
C ARG A 151 -28.55 -6.07 54.21
N THR A 152 -29.22 -6.51 53.15
CA THR A 152 -29.38 -7.92 52.82
C THR A 152 -28.50 -8.31 51.64
N LYS A 153 -27.95 -9.52 51.69
CA LYS A 153 -27.20 -10.07 50.59
C LYS A 153 -27.52 -11.58 50.47
N VAL A 154 -28.03 -12.00 49.33
CA VAL A 154 -28.45 -13.40 49.12
C VAL A 154 -27.55 -14.11 48.10
N PHE A 155 -26.97 -15.23 48.50
CA PHE A 155 -26.20 -16.08 47.62
C PHE A 155 -27.04 -17.29 47.24
N CYS A 156 -27.44 -17.34 45.99
CA CYS A 156 -28.27 -18.41 45.45
C CYS A 156 -27.68 -18.81 44.13
N ASN A 157 -26.85 -19.84 44.15
CA ASN A 157 -26.17 -20.31 42.94
C ASN A 157 -27.15 -20.68 41.84
N VAL A 158 -26.66 -20.59 40.62
CA VAL A 158 -27.51 -20.81 39.47
C VAL A 158 -28.23 -22.14 39.37
N GLY A 159 -27.60 -23.26 39.68
CA GLY A 159 -28.39 -24.49 39.61
C GLY A 159 -29.01 -24.94 40.92
N ASP A 160 -29.09 -24.04 41.89
CA ASP A 160 -29.57 -24.42 43.21
C ASP A 160 -31.09 -24.31 43.26
N ALA A 161 -31.73 -25.46 43.17
CA ALA A 161 -33.17 -25.55 43.02
C ALA A 161 -33.99 -24.99 44.19
N VAL A 162 -33.40 -24.84 45.36
CA VAL A 162 -34.18 -24.34 46.49
C VAL A 162 -34.48 -22.86 46.32
N CYS A 163 -33.67 -22.22 45.51
CA CYS A 163 -33.77 -20.80 45.27
C CYS A 163 -34.94 -20.48 44.39
N THR A 164 -35.38 -21.48 43.62
CA THR A 164 -36.53 -21.35 42.74
C THR A 164 -37.72 -22.17 43.25
N GLY A 165 -37.92 -22.19 44.55
CA GLY A 165 -39.17 -22.69 45.17
C GLY A 165 -39.37 -24.19 45.25
N THR A 166 -38.29 -24.95 45.12
CA THR A 166 -38.34 -26.41 45.15
C THR A 166 -37.45 -26.87 46.25
N LEU A 167 -37.91 -27.79 47.09
CA LEU A 167 -37.02 -28.38 48.11
C LEU A 167 -36.24 -29.63 47.65
N ILE A 168 -35.38 -29.48 46.66
CA ILE A 168 -34.46 -30.55 46.37
C ILE A 168 -33.01 -30.11 46.35
N ILE A 169 -32.14 -31.08 46.56
CA ILE A 169 -30.76 -30.78 46.70
C ILE A 169 -29.93 -31.17 45.48
N THR A 170 -29.43 -30.16 44.79
CA THR A 170 -28.48 -30.35 43.71
C THR A 170 -27.07 -30.04 44.21
N PRO A 171 -26.05 -30.39 43.42
CA PRO A 171 -24.69 -30.10 43.85
C PRO A 171 -24.41 -28.62 44.07
N ALA A 172 -25.10 -27.77 43.34
CA ALA A 172 -24.95 -26.35 43.51
C ALA A 172 -25.29 -25.88 44.93
N HIS A 173 -26.17 -26.60 45.60
CA HIS A 173 -26.56 -26.25 46.96
C HIS A 173 -25.45 -26.51 47.97
N LEU A 174 -24.45 -27.30 47.59
CA LEU A 174 -23.40 -27.73 48.50
C LEU A 174 -22.15 -26.90 48.37
N SER A 175 -22.26 -25.73 47.77
CA SER A 175 -21.10 -25.06 47.23
C SER A 175 -21.11 -23.53 47.51
N TYR A 176 -21.00 -23.16 48.77
CA TYR A 176 -21.06 -21.72 49.15
C TYR A 176 -19.88 -21.31 50.04
N THR A 177 -18.87 -22.16 50.20
CA THR A 177 -17.86 -21.87 51.22
C THR A 177 -16.95 -20.76 50.79
N ILE A 178 -16.65 -20.67 49.51
CA ILE A 178 -15.80 -19.56 49.00
C ILE A 178 -16.48 -18.20 49.11
N GLU A 179 -17.73 -18.16 48.71
CA GLU A 179 -18.55 -16.96 48.82
C GLU A 179 -18.69 -16.52 50.27
N ALA A 180 -18.79 -17.49 51.18
CA ALA A 180 -18.97 -17.19 52.57
C ALA A 180 -17.70 -16.60 53.16
N ARG A 181 -16.56 -17.21 52.87
CA ARG A 181 -15.28 -16.75 53.42
C ARG A 181 -14.89 -15.40 52.85
N GLY A 182 -15.18 -15.20 51.58
CA GLY A 182 -14.72 -14.05 50.84
C GLY A 182 -15.74 -12.96 50.74
N GLU A 183 -16.56 -13.03 49.70
CA GLU A 183 -17.41 -11.91 49.34
C GLU A 183 -18.42 -11.53 50.42
N ALA A 184 -19.01 -12.53 51.05
CA ALA A 184 -19.98 -12.33 52.12
C ALA A 184 -19.37 -11.73 53.38
N ALA A 185 -18.17 -12.13 53.73
CA ALA A 185 -17.51 -11.56 54.91
C ALA A 185 -17.17 -10.09 54.67
N ARG A 186 -16.68 -9.76 53.48
CA ARG A 186 -16.44 -8.37 53.09
C ARG A 186 -17.71 -7.54 53.16
N PHE A 187 -18.80 -8.07 52.63
CA PHE A 187 -20.07 -7.37 52.69
C PHE A 187 -20.44 -6.99 54.12
N LEU A 188 -20.39 -7.97 55.02
CA LEU A 188 -20.79 -7.75 56.42
C LEU A 188 -19.84 -6.81 57.14
N ARG A 189 -18.57 -6.90 56.82
CA ARG A 189 -17.61 -5.97 57.35
C ARG A 189 -17.97 -4.55 56.97
N ASP A 190 -18.22 -4.35 55.68
CA ASP A 190 -18.62 -3.03 55.19
C ASP A 190 -19.84 -2.52 55.91
N ARG A 191 -20.83 -3.38 56.10
CA ARG A 191 -22.07 -3.00 56.79
C ARG A 191 -21.85 -2.60 58.25
N ILE A 192 -20.79 -3.09 58.87
CA ILE A 192 -20.42 -2.71 60.22
C ILE A 192 -19.78 -1.29 60.30
N ARG A 193 -19.30 -0.72 59.19
CA ARG A 193 -18.84 0.71 59.13
C ARG A 193 -19.75 1.62 58.24
N GLY B 3 1.45 -15.41 33.62
CA GLY B 3 2.85 -15.28 33.07
C GLY B 3 3.06 -14.18 32.08
N ALA B 4 4.30 -13.85 31.78
CA ALA B 4 5.54 -14.51 32.28
C ALA B 4 6.10 -13.85 33.55
N ILE B 5 5.57 -12.71 33.92
CA ILE B 5 5.88 -12.09 35.21
C ILE B 5 4.61 -11.79 36.00
N GLU B 6 4.58 -12.25 37.24
CA GLU B 6 3.44 -12.02 38.12
C GLU B 6 3.94 -11.76 39.52
N ASN B 7 3.47 -10.65 40.10
CA ASN B 7 3.86 -10.23 41.44
C ASN B 7 2.67 -9.80 42.32
N GLY B 8 1.55 -10.50 42.20
CA GLY B 8 0.33 -10.11 42.84
C GLY B 8 0.39 -10.11 44.33
N LEU B 9 1.20 -11.02 44.88
CA LEU B 9 1.38 -11.14 46.34
C LEU B 9 2.33 -10.08 46.86
N GLU B 10 3.42 -9.85 46.16
CA GLU B 10 4.38 -8.83 46.57
C GLU B 10 3.82 -7.43 46.49
N SER B 11 3.08 -7.12 45.45
CA SER B 11 2.50 -5.79 45.31
C SER B 11 1.06 -5.68 45.84
N GLY B 12 0.40 -6.79 46.16
CA GLY B 12 -0.94 -6.72 46.74
C GLY B 12 -0.91 -6.12 48.14
N SER B 13 -1.96 -5.42 48.53
CA SER B 13 -2.05 -4.81 49.87
C SER B 13 -2.96 -5.58 50.84
N ALA B 14 -2.63 -5.55 52.14
CA ALA B 14 -3.29 -6.41 53.17
C ALA B 14 -4.72 -5.97 53.51
N ASN B 15 -5.10 -4.78 53.03
CA ASN B 15 -6.48 -4.35 53.10
C ASN B 15 -7.39 -4.89 52.03
N ALA B 16 -6.83 -5.59 51.05
CA ALA B 16 -7.60 -6.08 49.92
C ALA B 16 -7.21 -7.52 49.57
N CYS B 17 -7.15 -8.37 50.59
CA CYS B 17 -6.84 -9.78 50.37
C CYS B 17 -7.86 -10.42 49.44
N PRO B 18 -7.41 -11.42 48.66
CA PRO B 18 -8.29 -12.01 47.69
C PRO B 18 -8.87 -13.32 48.21
N ASP B 19 -9.61 -14.01 47.36
CA ASP B 19 -10.20 -15.29 47.71
C ASP B 19 -9.15 -16.42 47.78
N ALA B 20 -8.08 -16.27 47.01
CA ALA B 20 -6.98 -17.25 47.01
C ALA B 20 -5.66 -16.67 46.48
N ILE B 21 -4.58 -17.30 46.90
CA ILE B 21 -3.22 -16.92 46.45
C ILE B 21 -2.51 -18.12 45.81
N LEU B 22 -1.96 -17.91 44.61
CA LEU B 22 -1.20 -18.94 43.91
C LEU B 22 0.27 -18.58 43.90
N ILE B 23 1.09 -19.46 44.43
CA ILE B 23 2.54 -19.29 44.34
C ILE B 23 3.09 -20.36 43.36
N PHE B 24 3.86 -19.92 42.36
CA PHE B 24 4.36 -20.81 41.32
C PHE B 24 5.86 -20.70 41.10
N ALA B 25 6.52 -21.84 40.96
CA ALA B 25 7.94 -21.90 40.61
C ALA B 25 8.14 -22.54 39.25
N ARG B 26 8.83 -21.82 38.39
CA ARG B 26 9.01 -22.19 36.98
C ARG B 26 10.09 -23.24 36.78
N GLY B 27 10.19 -23.72 35.55
CA GLY B 27 11.20 -24.72 35.16
C GLY B 27 12.57 -24.12 34.81
N SER B 28 13.57 -24.97 34.69
CA SER B 28 14.94 -24.52 34.39
C SER B 28 14.94 -23.78 33.05
N THR B 29 15.58 -22.60 33.05
CA THR B 29 15.77 -21.73 31.87
C THR B 29 14.53 -20.97 31.43
N GLU B 30 13.40 -21.14 32.09
CA GLU B 30 12.20 -20.41 31.67
C GLU B 30 12.35 -18.95 32.03
N PRO B 31 11.85 -18.05 31.17
CA PRO B 31 11.94 -16.61 31.42
C PRO B 31 11.01 -16.12 32.54
N GLY B 32 11.23 -14.88 32.98
CA GLY B 32 10.35 -14.24 33.96
C GLY B 32 10.41 -14.94 35.30
N ASN B 33 9.30 -14.91 36.03
CA ASN B 33 9.16 -15.72 37.25
C ASN B 33 8.03 -16.77 37.18
N MET B 34 7.27 -16.75 36.10
CA MET B 34 6.20 -17.67 35.87
C MET B 34 6.52 -18.67 34.74
N GLY B 35 7.51 -18.33 33.91
CA GLY B 35 7.81 -19.12 32.72
C GLY B 35 6.70 -18.93 31.71
N ILE B 36 6.73 -19.72 30.66
CA ILE B 36 5.79 -19.52 29.57
C ILE B 36 5.00 -20.76 29.19
N THR B 37 5.18 -21.85 29.93
CA THR B 37 4.43 -23.06 29.62
C THR B 37 3.39 -23.35 30.71
N VAL B 38 3.82 -24.12 31.70
CA VAL B 38 2.94 -24.60 32.76
C VAL B 38 2.38 -23.48 33.66
N GLY B 39 3.24 -22.54 34.03
CA GLY B 39 2.84 -21.48 34.95
C GLY B 39 1.62 -20.68 34.51
N PRO B 40 1.72 -20.03 33.35
CA PRO B 40 0.57 -19.29 32.83
C PRO B 40 -0.66 -20.16 32.61
N ALA B 41 -0.47 -21.38 32.14
CA ALA B 41 -1.59 -22.31 31.96
C ALA B 41 -2.35 -22.57 33.28
N LEU B 42 -1.60 -22.78 34.35
CA LEU B 42 -2.20 -23.07 35.63
C LEU B 42 -2.87 -21.83 36.20
N ALA B 43 -2.22 -20.69 36.08
CA ALA B 43 -2.79 -19.41 36.54
C ALA B 43 -4.08 -19.09 35.80
N ASN B 44 -4.05 -19.31 34.51
CA ASN B 44 -5.23 -19.18 33.69
C ASN B 44 -6.41 -20.06 34.08
N GLY B 45 -6.14 -21.35 34.24
CA GLY B 45 -7.18 -22.33 34.55
C GLY B 45 -7.83 -22.05 35.89
N LEU B 46 -7.01 -21.60 36.83
CA LEU B 46 -7.46 -21.36 38.17
C LEU B 46 -8.27 -20.08 38.25
N GLU B 47 -7.87 -19.08 37.49
CA GLU B 47 -8.61 -17.83 37.38
C GLU B 47 -10.00 -17.99 36.76
N SER B 48 -10.16 -18.99 35.92
CA SER B 48 -11.47 -19.33 35.36
C SER B 48 -12.45 -19.85 36.43
N HIS B 49 -11.94 -20.33 37.57
CA HIS B 49 -12.77 -20.86 38.65
C HIS B 49 -12.86 -19.95 39.84
N ILE B 50 -11.86 -19.09 40.01
CA ILE B 50 -11.79 -18.21 41.16
C ILE B 50 -11.29 -16.85 40.66
N ARG B 51 -12.22 -15.93 40.49
CA ARG B 51 -11.93 -14.68 39.81
C ARG B 51 -10.96 -13.84 40.59
N ASN B 52 -11.15 -13.78 41.91
CA ASN B 52 -10.41 -12.84 42.73
C ASN B 52 -9.24 -13.57 43.37
N ILE B 53 -8.09 -13.44 42.71
CA ILE B 53 -6.94 -14.26 42.99
C ILE B 53 -5.64 -13.47 42.82
N TRP B 54 -4.68 -13.69 43.71
CA TRP B 54 -3.31 -13.12 43.51
C TRP B 54 -2.38 -14.19 43.00
N ILE B 55 -1.56 -13.81 42.03
CA ILE B 55 -0.64 -14.73 41.39
C ILE B 55 0.80 -14.28 41.57
N GLN B 56 1.62 -15.19 42.05
CA GLN B 56 2.99 -14.86 42.37
C GLN B 56 3.98 -15.90 41.81
N GLY B 57 4.88 -15.46 40.94
CA GLY B 57 6.00 -16.28 40.53
C GLY B 57 7.10 -16.24 41.59
N VAL B 58 7.93 -17.29 41.64
CA VAL B 58 9.09 -17.31 42.54
C VAL B 58 10.28 -16.78 41.76
N GLY B 59 10.70 -15.55 42.08
CA GLY B 59 11.82 -14.89 41.41
C GLY B 59 12.95 -14.72 42.42
N GLY B 60 13.44 -13.49 42.56
CA GLY B 60 14.54 -13.23 43.47
C GLY B 60 15.78 -13.97 43.05
N PRO B 61 16.43 -14.68 43.98
CA PRO B 61 17.61 -15.46 43.57
C PRO B 61 17.33 -16.60 42.58
N TYR B 62 16.08 -17.03 42.44
CA TYR B 62 15.78 -18.19 41.59
C TYR B 62 15.87 -17.81 40.14
N ASP B 63 17.07 -17.98 39.59
CA ASP B 63 17.37 -17.70 38.18
C ASP B 63 17.21 -18.94 37.27
N ALA B 64 16.68 -20.03 37.82
CA ALA B 64 16.29 -21.21 37.04
C ALA B 64 17.45 -21.78 36.23
N ALA B 65 18.61 -21.80 36.87
CA ALA B 65 19.84 -22.26 36.22
C ALA B 65 19.88 -23.76 36.09
N LEU B 66 20.53 -24.26 35.04
CA LEU B 66 20.67 -25.72 34.82
C LEU B 66 21.49 -26.33 35.93
N ALA B 67 22.60 -25.68 36.29
CA ALA B 67 23.57 -26.27 37.24
C ALA B 67 22.93 -26.61 38.58
N THR B 68 22.03 -25.76 39.07
CA THR B 68 21.44 -25.94 40.41
C THR B 68 20.58 -27.22 40.56
N ASN B 69 20.14 -27.80 39.44
CA ASN B 69 19.46 -29.11 39.47
C ASN B 69 20.28 -30.20 40.15
N PHE B 70 21.61 -30.07 40.10
CA PHE B 70 22.51 -31.10 40.57
C PHE B 70 22.86 -30.99 42.03
N LEU B 71 22.31 -30.01 42.72
CA LEU B 71 22.47 -29.94 44.17
C LEU B 71 21.60 -30.97 44.86
N PRO B 72 21.91 -31.29 46.13
CA PRO B 72 21.01 -32.16 46.85
C PRO B 72 19.68 -31.45 47.04
N ARG B 73 18.63 -32.23 46.82
CA ARG B 73 17.24 -31.80 46.85
C ARG B 73 16.71 -31.21 45.55
N GLY B 74 17.58 -31.08 44.55
CA GLY B 74 17.15 -30.70 43.22
C GLY B 74 17.20 -29.22 42.91
N THR B 75 17.56 -28.42 43.91
CA THR B 75 17.86 -26.98 43.73
C THR B 75 18.67 -26.41 44.92
N SER B 76 19.07 -25.15 44.82
CA SER B 76 19.84 -24.45 45.87
C SER B 76 18.99 -24.10 47.09
N GLN B 77 19.65 -23.90 48.23
CA GLN B 77 18.96 -23.49 49.46
C GLN B 77 18.46 -22.05 49.37
N ALA B 78 19.22 -21.21 48.68
CA ALA B 78 18.83 -19.80 48.43
C ALA B 78 17.48 -19.73 47.76
N ASN B 79 17.27 -20.64 46.80
CA ASN B 79 16.02 -20.73 46.04
C ASN B 79 14.86 -21.23 46.91
N ILE B 80 15.13 -22.28 47.68
CA ILE B 80 14.19 -22.84 48.62
C ILE B 80 13.74 -21.79 49.63
N ASP B 81 14.70 -21.01 50.11
CA ASP B 81 14.43 -19.96 51.07
C ASP B 81 13.54 -18.86 50.51
N GLU B 82 13.78 -18.49 49.26
CA GLU B 82 12.94 -17.49 48.62
C GLU B 82 11.50 -17.97 48.56
N GLY B 83 11.33 -19.26 48.30
CA GLY B 83 10.00 -19.87 48.30
C GLY B 83 9.36 -19.77 49.67
N LYS B 84 10.12 -20.13 50.70
CA LYS B 84 9.67 -20.03 52.09
C LYS B 84 9.28 -18.60 52.49
N ARG B 85 10.04 -17.63 51.99
CA ARG B 85 9.76 -16.22 52.27
C ARG B 85 8.36 -15.85 51.77
N LEU B 86 8.06 -16.23 50.54
CA LEU B 86 6.79 -15.90 49.93
C LEU B 86 5.62 -16.55 50.66
N PHE B 87 5.78 -17.77 51.13
CA PHE B 87 4.74 -18.41 51.91
C PHE B 87 4.47 -17.64 53.18
N ALA B 88 5.54 -17.15 53.80
CA ALA B 88 5.46 -16.41 55.06
C ALA B 88 4.84 -15.04 54.84
N LEU B 89 5.17 -14.41 53.73
CA LEU B 89 4.59 -13.14 53.36
C LEU B 89 3.10 -13.27 53.12
N ALA B 90 2.66 -14.40 52.55
CA ALA B 90 1.22 -14.63 52.33
C ALA B 90 0.51 -14.70 53.69
N ASN B 91 1.16 -15.34 54.64
CA ASN B 91 0.59 -15.52 55.95
C ASN B 91 0.50 -14.20 56.72
N GLN B 92 1.51 -13.36 56.53
CA GLN B 92 1.58 -12.02 57.12
C GLN B 92 0.54 -11.08 56.56
N LYS B 93 0.49 -10.99 55.24
CA LYS B 93 -0.50 -10.14 54.59
C LYS B 93 -1.96 -10.59 54.73
N CYS B 94 -2.20 -11.90 54.61
CA CYS B 94 -3.55 -12.43 54.45
C CYS B 94 -3.70 -13.80 55.12
N PRO B 95 -3.54 -13.85 56.46
CA PRO B 95 -3.51 -15.14 57.15
C PRO B 95 -4.75 -15.99 56.94
N ASN B 96 -5.85 -15.39 56.55
CA ASN B 96 -7.09 -16.16 56.40
C ASN B 96 -7.40 -16.62 55.00
N THR B 97 -6.57 -16.17 54.07
CA THR B 97 -6.74 -16.47 52.67
C THR B 97 -6.06 -17.78 52.38
N PRO B 98 -6.79 -18.72 51.75
CA PRO B 98 -6.12 -19.97 51.38
C PRO B 98 -5.05 -19.78 50.30
N VAL B 99 -3.97 -20.54 50.44
CA VAL B 99 -2.84 -20.53 49.51
C VAL B 99 -2.76 -21.87 48.78
N VAL B 100 -2.57 -21.82 47.48
CA VAL B 100 -2.23 -23.02 46.71
C VAL B 100 -0.90 -22.75 46.03
N ALA B 101 -0.23 -23.83 45.65
CA ALA B 101 1.09 -23.73 45.03
C ALA B 101 1.31 -24.71 43.92
N GLY B 102 2.23 -24.34 43.05
CA GLY B 102 2.56 -25.16 41.87
C GLY B 102 4.01 -25.05 41.53
N GLY B 103 4.51 -26.06 40.87
CA GLY B 103 5.89 -26.07 40.42
C GLY B 103 6.13 -27.01 39.26
N TYR B 104 7.04 -26.64 38.40
CA TYR B 104 7.37 -27.42 37.23
C TYR B 104 8.86 -27.71 37.17
N SER B 105 9.20 -28.96 36.94
CA SER B 105 10.59 -29.37 36.72
C SER B 105 11.40 -28.91 37.93
N GLN B 106 12.44 -28.12 37.75
CA GLN B 106 13.22 -27.69 38.92
C GLN B 106 12.37 -26.93 39.95
N GLY B 107 11.40 -26.17 39.46
CA GLY B 107 10.46 -25.44 40.32
C GLY B 107 9.65 -26.36 41.21
N ALA B 108 9.41 -27.58 40.74
CA ALA B 108 8.72 -28.60 41.56
C ALA B 108 9.58 -29.04 42.73
N ALA B 109 10.85 -29.30 42.46
CA ALA B 109 11.82 -29.58 43.52
C ALA B 109 11.86 -28.45 44.54
N LEU B 110 11.87 -27.22 44.03
CA LEU B 110 11.91 -26.01 44.87
C LEU B 110 10.72 -25.95 45.82
N ILE B 111 9.52 -26.05 45.25
CA ILE B 111 8.29 -25.92 46.02
C ILE B 111 8.15 -27.05 47.03
N ALA B 112 8.53 -28.25 46.62
CA ALA B 112 8.39 -29.43 47.48
C ALA B 112 9.23 -29.25 48.72
N ALA B 113 10.46 -28.81 48.51
CA ALA B 113 11.40 -28.57 49.60
C ALA B 113 10.89 -27.49 50.55
N ALA B 114 10.51 -26.35 49.98
CA ALA B 114 10.04 -25.21 50.75
C ALA B 114 8.83 -25.58 51.61
N VAL B 115 7.85 -26.25 51.02
CA VAL B 115 6.67 -26.65 51.75
C VAL B 115 7.03 -27.56 52.91
N SER B 116 7.96 -28.48 52.69
CA SER B 116 8.32 -29.45 53.73
C SER B 116 8.89 -28.77 54.98
N GLU B 117 9.59 -27.66 54.79
CA GLU B 117 10.22 -26.92 55.89
C GLU B 117 9.31 -25.88 56.55
N LEU B 118 8.06 -25.78 56.10
CA LEU B 118 7.13 -24.76 56.64
C LEU B 118 6.60 -25.22 57.97
N SER B 119 6.13 -24.23 58.73
CA SER B 119 5.82 -24.46 60.12
C SER B 119 4.39 -24.18 60.45
N GLY B 120 3.78 -25.19 61.05
CA GLY B 120 2.50 -25.03 61.73
C GLY B 120 1.45 -24.25 60.98
N ALA B 121 1.26 -22.99 61.38
CA ALA B 121 0.16 -22.16 60.86
C ALA B 121 0.33 -21.87 59.38
N VAL B 122 1.56 -21.57 59.01
CA VAL B 122 1.88 -21.23 57.63
C VAL B 122 1.63 -22.43 56.71
N LYS B 123 2.02 -23.62 57.16
CA LYS B 123 1.83 -24.84 56.41
C LYS B 123 0.36 -25.16 56.24
N GLU B 124 -0.39 -24.92 57.31
CA GLU B 124 -1.82 -25.21 57.31
C GLU B 124 -2.53 -24.35 56.25
N GLN B 125 -2.03 -23.14 56.04
CA GLN B 125 -2.60 -22.20 55.08
C GLN B 125 -2.49 -22.69 53.63
N VAL B 126 -1.49 -23.53 53.37
CA VAL B 126 -1.29 -24.09 52.05
C VAL B 126 -2.23 -25.31 51.85
N LYS B 127 -3.34 -25.07 51.17
CA LYS B 127 -4.41 -26.06 51.04
C LYS B 127 -4.18 -27.13 49.98
N GLY B 128 -3.23 -26.88 49.10
CA GLY B 128 -3.02 -27.80 47.99
C GLY B 128 -1.80 -27.43 47.19
N VAL B 129 -1.12 -28.46 46.67
CA VAL B 129 0.06 -28.26 45.84
C VAL B 129 0.04 -29.16 44.60
N ALA B 130 0.30 -28.58 43.43
CA ALA B 130 0.44 -29.36 42.19
C ALA B 130 1.87 -29.33 41.66
N LEU B 131 2.41 -30.50 41.36
CA LEU B 131 3.76 -30.63 40.84
C LEU B 131 3.75 -31.28 39.46
N PHE B 132 4.61 -30.80 38.58
CA PHE B 132 4.65 -31.26 37.19
C PHE B 132 6.08 -31.61 36.81
N GLY B 133 6.29 -32.77 36.18
CA GLY B 133 7.65 -33.22 35.85
C GLY B 133 8.56 -33.14 37.07
N TYR B 134 8.14 -33.79 38.13
CA TYR B 134 8.74 -33.67 39.46
C TYR B 134 10.10 -34.38 39.53
N THR B 135 11.18 -33.60 39.69
CA THR B 135 12.53 -34.16 39.58
C THR B 135 12.93 -35.03 40.78
N GLN B 136 12.21 -34.88 41.90
CA GLN B 136 12.48 -35.64 43.12
C GLN B 136 11.37 -36.63 43.37
N ASN B 137 10.66 -37.00 42.31
CA ASN B 137 9.53 -37.90 42.46
C ASN B 137 9.94 -39.26 43.02
N LEU B 138 11.05 -39.78 42.54
CA LEU B 138 11.56 -41.05 43.05
C LEU B 138 12.10 -40.91 44.47
N GLN B 139 12.98 -39.94 44.66
CA GLN B 139 13.62 -39.67 45.95
C GLN B 139 12.61 -39.42 47.06
N ASN B 140 11.53 -38.69 46.77
CA ASN B 140 10.49 -38.39 47.77
C ASN B 140 9.25 -39.26 47.64
N ARG B 141 9.39 -40.34 46.88
CA ARG B 141 8.42 -41.42 46.86
C ARG B 141 7.05 -40.90 46.46
N GLY B 142 7.01 -40.01 45.48
CA GLY B 142 5.74 -39.53 44.94
C GLY B 142 5.05 -38.40 45.68
N GLY B 143 5.70 -37.85 46.70
CA GLY B 143 5.05 -36.87 47.56
C GLY B 143 5.96 -35.78 48.05
N ILE B 144 5.44 -35.01 48.99
CA ILE B 144 6.21 -33.95 49.64
C ILE B 144 6.37 -34.33 51.10
N PRO B 145 7.63 -34.38 51.58
CA PRO B 145 7.93 -34.66 53.00
C PRO B 145 7.15 -33.74 53.95
N ASN B 146 6.54 -34.31 54.99
CA ASN B 146 5.78 -33.55 55.98
C ASN B 146 4.62 -32.77 55.40
N TYR B 147 4.00 -33.28 54.36
CA TYR B 147 2.84 -32.60 53.81
C TYR B 147 1.81 -33.62 53.38
N PRO B 148 0.55 -33.42 53.79
CA PRO B 148 -0.49 -34.43 53.57
C PRO B 148 -0.51 -34.87 52.12
N ARG B 149 -0.53 -36.17 51.90
CA ARG B 149 -0.64 -36.69 50.56
C ARG B 149 -1.93 -36.27 49.89
N GLU B 150 -3.01 -36.05 50.64
CA GLU B 150 -4.30 -35.76 50.01
C GLU B 150 -4.38 -34.31 49.52
N ARG B 151 -3.45 -33.46 50.01
CA ARG B 151 -3.30 -32.07 49.53
C ARG B 151 -2.30 -31.95 48.37
N THR B 152 -1.65 -33.06 48.03
CA THR B 152 -0.63 -33.13 47.00
C THR B 152 -1.16 -33.81 45.74
N LYS B 153 -0.74 -33.32 44.58
CA LYS B 153 -1.08 -33.92 43.31
C LYS B 153 0.14 -33.81 42.38
N VAL B 154 0.65 -34.96 41.91
CA VAL B 154 1.86 -35.00 41.09
C VAL B 154 1.55 -35.47 39.69
N PHE B 155 1.93 -34.65 38.71
CA PHE B 155 1.81 -35.00 37.31
C PHE B 155 3.18 -35.40 36.81
N CYS B 156 3.33 -36.69 36.52
CA CYS B 156 4.57 -37.25 36.01
C CYS B 156 4.22 -38.13 34.86
N ASN B 157 4.32 -37.61 33.64
CA ASN B 157 3.94 -38.33 32.42
C ASN B 157 4.73 -39.62 32.26
N VAL B 158 4.12 -40.55 31.57
CA VAL B 158 4.64 -41.89 31.46
C VAL B 158 6.07 -41.99 30.85
N GLY B 159 6.39 -41.22 29.82
CA GLY B 159 7.78 -41.30 29.37
C GLY B 159 8.74 -40.26 29.94
N ASP B 160 8.36 -39.59 31.03
CA ASP B 160 9.15 -38.51 31.58
C ASP B 160 10.20 -39.01 32.56
N ALA B 161 11.43 -39.12 32.05
CA ALA B 161 12.53 -39.76 32.76
C ALA B 161 12.94 -39.09 34.07
N VAL B 162 12.61 -37.82 34.28
CA VAL B 162 13.01 -37.19 35.54
C VAL B 162 12.21 -37.75 36.73
N CYS B 163 11.08 -38.33 36.40
CA CYS B 163 10.17 -38.86 37.39
C CYS B 163 10.69 -40.16 37.95
N THR B 164 11.56 -40.82 37.20
CA THR B 164 12.20 -42.06 37.64
C THR B 164 13.68 -41.82 37.94
N GLY B 165 14.03 -40.68 38.52
CA GLY B 165 15.36 -40.45 39.10
C GLY B 165 16.50 -40.21 38.12
N THR B 166 16.19 -39.87 36.88
CA THR B 166 17.16 -39.52 35.86
C THR B 166 17.02 -38.00 35.53
N LEU B 167 18.04 -37.41 34.92
CA LEU B 167 17.91 -36.03 34.42
C LEU B 167 18.15 -35.97 32.91
N ILE B 168 17.36 -36.80 32.26
CA ILE B 168 17.20 -36.92 30.80
C ILE B 168 15.92 -36.16 30.42
N ILE B 169 15.99 -35.32 29.40
CA ILE B 169 14.80 -34.61 28.96
C ILE B 169 14.25 -35.27 27.72
N THR B 170 13.11 -35.90 27.89
CA THR B 170 12.37 -36.47 26.80
C THR B 170 11.24 -35.52 26.43
N PRO B 171 10.60 -35.78 25.28
CA PRO B 171 9.43 -34.97 24.88
C PRO B 171 8.27 -34.97 25.90
N ALA B 172 8.10 -36.07 26.64
CA ALA B 172 7.07 -36.16 27.67
C ALA B 172 7.23 -35.13 28.74
N HIS B 173 8.47 -34.71 29.01
CA HIS B 173 8.75 -33.64 30.01
C HIS B 173 8.27 -32.25 29.56
N LEU B 174 8.00 -32.07 28.26
CA LEU B 174 7.63 -30.77 27.71
C LEU B 174 6.15 -30.61 27.52
N SER B 175 5.37 -31.42 28.18
CA SER B 175 4.00 -31.64 27.78
C SER B 175 3.03 -31.72 28.98
N TYR B 176 2.89 -30.60 29.69
CA TYR B 176 2.03 -30.57 30.88
C TYR B 176 1.04 -29.40 30.86
N THR B 177 0.92 -28.69 29.73
CA THR B 177 0.08 -27.49 29.74
C THR B 177 -1.41 -27.82 29.82
N ILE B 178 -1.84 -28.92 29.21
CA ILE B 178 -3.26 -29.32 29.28
C ILE B 178 -3.65 -29.73 30.69
N GLU B 179 -2.81 -30.54 31.29
CA GLU B 179 -3.02 -30.99 32.66
C GLU B 179 -3.04 -29.81 33.61
N ALA B 180 -2.20 -28.82 33.35
CA ALA B 180 -2.10 -27.67 34.22
C ALA B 180 -3.36 -26.80 34.14
N ARG B 181 -3.83 -26.55 32.92
CA ARG B 181 -5.02 -25.69 32.70
C ARG B 181 -6.27 -26.36 33.18
N GLY B 182 -6.35 -27.68 33.00
CA GLY B 182 -7.55 -28.43 33.27
C GLY B 182 -7.57 -29.12 34.59
N GLU B 183 -7.05 -30.35 34.61
CA GLU B 183 -7.17 -31.21 35.78
C GLU B 183 -6.55 -30.64 37.07
N ALA B 184 -5.37 -30.04 36.94
CA ALA B 184 -4.67 -29.47 38.09
C ALA B 184 -5.36 -28.27 38.67
N ALA B 185 -5.94 -27.45 37.81
CA ALA B 185 -6.65 -26.27 38.28
C ALA B 185 -7.89 -26.68 39.04
N ARG B 186 -8.60 -27.68 38.52
CA ARG B 186 -9.77 -28.23 39.20
C ARG B 186 -9.38 -28.79 40.56
N PHE B 187 -8.28 -29.53 40.61
CA PHE B 187 -7.80 -30.09 41.88
C PHE B 187 -7.61 -29.00 42.93
N LEU B 188 -6.89 -27.93 42.56
CA LEU B 188 -6.58 -26.85 43.49
C LEU B 188 -7.81 -26.07 43.89
N ARG B 189 -8.73 -25.87 42.95
CA ARG B 189 -10.02 -25.26 43.27
C ARG B 189 -10.79 -26.05 44.33
N ASP B 190 -10.88 -27.36 44.12
CA ASP B 190 -11.50 -28.26 45.11
C ASP B 190 -10.84 -28.15 46.47
N ARG B 191 -9.52 -28.12 46.50
CA ARG B 191 -8.79 -27.99 47.74
C ARG B 191 -9.04 -26.66 48.48
N ILE B 192 -9.42 -25.63 47.76
CA ILE B 192 -9.77 -24.36 48.36
C ILE B 192 -11.16 -24.38 49.04
N ARG B 193 -12.02 -25.36 48.73
CA ARG B 193 -13.29 -25.59 49.46
C ARG B 193 -13.33 -26.92 50.27
N GLN C 1 33.68 -52.35 30.70
CA GLN C 1 33.18 -52.78 29.36
C GLN C 1 34.24 -52.58 28.23
N LEU C 2 33.92 -53.06 27.02
CA LEU C 2 34.96 -53.65 26.14
C LEU C 2 35.77 -52.69 25.22
N GLY C 3 35.49 -51.38 25.26
CA GLY C 3 36.27 -50.40 24.44
C GLY C 3 37.73 -50.23 24.78
N ALA C 4 38.13 -49.67 25.92
CA ALA C 4 37.70 -48.48 26.66
C ALA C 4 38.96 -47.79 27.22
N ILE C 5 40.11 -48.48 27.17
CA ILE C 5 41.39 -47.89 27.53
C ILE C 5 42.38 -48.10 26.39
N GLU C 6 42.98 -47.00 25.98
CA GLU C 6 43.93 -46.99 24.88
C GLU C 6 45.03 -46.01 25.18
N ASN C 7 46.28 -46.48 25.10
CA ASN C 7 47.47 -45.66 25.42
C ASN C 7 48.56 -45.79 24.40
N GLY C 8 48.17 -45.89 23.14
CA GLY C 8 49.10 -46.21 22.07
C GLY C 8 50.18 -45.17 21.87
N LEU C 9 49.83 -43.91 22.14
CA LEU C 9 50.77 -42.80 22.01
C LEU C 9 51.69 -42.72 23.20
N GLU C 10 51.15 -42.88 24.38
CA GLU C 10 52.00 -42.87 25.57
C GLU C 10 53.00 -44.02 25.62
N SER C 11 52.58 -45.21 25.27
CA SER C 11 53.46 -46.35 25.36
C SER C 11 54.18 -46.60 24.03
N GLY C 12 53.78 -45.94 22.96
CA GLY C 12 54.43 -46.19 21.65
C GLY C 12 55.82 -45.58 21.65
N SER C 13 56.73 -46.20 20.91
CA SER C 13 58.12 -45.72 20.86
C SER C 13 58.41 -44.96 19.57
N ALA C 14 59.31 -43.97 19.66
CA ALA C 14 59.60 -43.05 18.53
C ALA C 14 60.36 -43.69 17.36
N ASN C 15 60.87 -44.89 17.58
CA ASN C 15 61.47 -45.66 16.50
C ASN C 15 60.48 -46.39 15.63
N ALA C 16 59.21 -46.38 16.02
CA ALA C 16 58.20 -47.16 15.32
C ALA C 16 56.93 -46.35 15.15
N CYS C 17 57.08 -45.12 14.67
CA CYS C 17 55.92 -44.26 14.45
C CYS C 17 55.00 -44.87 13.43
N PRO C 18 53.71 -44.60 13.57
CA PRO C 18 52.74 -45.25 12.71
C PRO C 18 52.32 -44.33 11.59
N ASP C 19 51.36 -44.77 10.80
CA ASP C 19 50.85 -43.97 9.69
C ASP C 19 49.99 -42.81 10.19
N ALA C 20 49.35 -42.99 11.34
CA ALA C 20 48.50 -41.94 11.94
C ALA C 20 48.30 -42.12 13.43
N ILE C 21 47.99 -41.01 14.10
CA ILE C 21 47.70 -41.00 15.52
C ILE C 21 46.32 -40.42 15.79
N LEU C 22 45.51 -41.13 16.57
CA LEU C 22 44.19 -40.65 16.98
C LEU C 22 44.20 -40.29 18.45
N ILE C 23 43.84 -39.05 18.75
CA ILE C 23 43.63 -38.61 20.14
C ILE C 23 42.13 -38.38 20.40
N PHE C 24 41.58 -39.04 21.42
CA PHE C 24 40.15 -38.97 21.67
C PHE C 24 39.83 -38.59 23.10
N ALA C 25 38.85 -37.71 23.26
CA ALA C 25 38.33 -37.34 24.58
C ALA C 25 36.89 -37.80 24.73
N ARG C 26 36.63 -38.59 25.78
CA ARG C 26 35.34 -39.21 26.01
C ARG C 26 34.32 -38.27 26.62
N GLY C 27 33.08 -38.74 26.71
CA GLY C 27 31.97 -37.98 27.29
C GLY C 27 31.86 -38.06 28.79
N SER C 28 31.00 -37.24 29.36
CA SER C 28 30.87 -37.17 30.83
C SER C 28 30.39 -38.51 31.36
N THR C 29 31.06 -38.98 32.41
CA THR C 29 30.76 -40.24 33.14
C THR C 29 31.13 -41.51 32.37
N GLU C 30 31.68 -41.41 31.18
CA GLU C 30 32.12 -42.63 30.48
C GLU C 30 33.37 -43.24 31.16
N PRO C 31 33.46 -44.57 31.20
CA PRO C 31 34.59 -45.26 31.80
C PRO C 31 35.87 -45.19 30.96
N GLY C 32 36.99 -45.55 31.59
CA GLY C 32 38.29 -45.64 30.89
C GLY C 32 38.74 -44.28 30.43
N ASN C 33 39.47 -44.26 29.33
CA ASN C 33 39.85 -42.99 28.68
C ASN C 33 39.29 -42.83 27.24
N MET C 34 38.65 -43.87 26.72
CA MET C 34 37.99 -43.82 25.43
C MET C 34 36.46 -43.82 25.55
N GLY C 35 35.95 -44.22 26.71
CA GLY C 35 34.52 -44.43 26.88
C GLY C 35 34.12 -45.69 26.16
N ILE C 36 32.83 -45.89 26.02
CA ILE C 36 32.34 -47.13 25.40
C ILE C 36 31.38 -46.93 24.23
N THR C 37 31.13 -45.68 23.85
CA THR C 37 30.20 -45.41 22.78
C THR C 37 30.99 -44.90 21.57
N VAL C 38 31.11 -43.59 21.47
CA VAL C 38 31.67 -42.93 20.32
C VAL C 38 33.16 -43.25 20.10
N GLY C 39 33.92 -43.26 21.18
CA GLY C 39 35.36 -43.45 21.08
C GLY C 39 35.78 -44.71 20.38
N PRO C 40 35.36 -45.86 20.93
CA PRO C 40 35.66 -47.15 20.29
C PRO C 40 35.11 -47.25 18.87
N ALA C 41 33.92 -46.72 18.63
CA ALA C 41 33.35 -46.72 17.29
C ALA C 41 34.27 -45.98 16.30
N LEU C 42 34.79 -44.83 16.72
CA LEU C 42 35.61 -44.02 15.84
C LEU C 42 36.93 -44.70 15.61
N ALA C 43 37.50 -45.23 16.66
CA ALA C 43 38.78 -45.92 16.57
C ALA C 43 38.66 -47.11 15.64
N ASN C 44 37.59 -47.83 15.80
CA ASN C 44 37.28 -48.98 14.97
C ASN C 44 37.19 -48.63 13.50
N GLY C 45 36.41 -47.59 13.19
CA GLY C 45 36.14 -47.21 11.82
C GLY C 45 37.40 -46.80 11.13
N LEU C 46 38.23 -46.11 11.89
CA LEU C 46 39.43 -45.52 11.36
C LEU C 46 40.50 -46.60 11.12
N GLU C 47 40.52 -47.58 12.01
CA GLU C 47 41.36 -48.76 11.86
C GLU C 47 41.07 -49.56 10.61
N SER C 48 39.80 -49.56 10.21
CA SER C 48 39.40 -50.27 9.01
C SER C 48 39.97 -49.62 7.74
N HIS C 49 40.40 -48.35 7.82
CA HIS C 49 40.99 -47.64 6.68
C HIS C 49 42.47 -47.47 6.76
N ILE C 50 43.02 -47.51 7.97
CA ILE C 50 44.41 -47.23 8.20
C ILE C 50 44.89 -48.19 9.25
N ARG C 51 45.54 -49.23 8.80
CA ARG C 51 45.86 -50.36 9.64
C ARG C 51 46.84 -50.01 10.74
N ASN C 52 47.85 -49.23 10.39
CA ASN C 52 48.93 -48.94 11.32
C ASN C 52 48.69 -47.60 11.98
N ILE C 53 48.13 -47.65 13.19
CA ILE C 53 47.59 -46.47 13.84
C ILE C 53 47.78 -46.55 15.35
N TRP C 54 48.12 -45.43 15.98
CA TRP C 54 48.15 -45.37 17.44
C TRP C 54 46.88 -44.71 17.92
N ILE C 55 46.31 -45.27 18.98
CA ILE C 55 45.08 -44.74 19.57
C ILE C 55 45.29 -44.32 21.02
N GLN C 56 44.89 -43.10 21.33
CA GLN C 56 45.12 -42.52 22.64
C GLN C 56 43.88 -41.86 23.20
N GLY C 57 43.40 -42.36 24.33
CA GLY C 57 42.35 -41.68 25.09
C GLY C 57 42.97 -40.54 25.90
N VAL C 58 42.17 -39.54 26.24
CA VAL C 58 42.61 -38.49 27.14
C VAL C 58 42.20 -38.86 28.56
N GLY C 59 43.19 -39.22 29.36
CA GLY C 59 42.96 -39.64 30.73
C GLY C 59 43.64 -38.63 31.65
N GLY C 60 44.51 -39.11 32.55
CA GLY C 60 45.14 -38.24 33.53
C GLY C 60 44.10 -37.59 34.42
N PRO C 61 44.16 -36.26 34.57
CA PRO C 61 43.17 -35.57 35.42
C PRO C 61 41.75 -35.62 34.88
N TYR C 62 41.56 -35.96 33.60
CA TYR C 62 40.21 -35.93 32.97
C TYR C 62 39.40 -37.10 33.44
N ASP C 63 38.68 -36.89 34.53
CA ASP C 63 37.81 -37.89 35.13
C ASP C 63 36.36 -37.82 34.63
N ALA C 64 36.10 -36.99 33.62
CA ALA C 64 34.79 -36.92 32.95
C ALA C 64 33.62 -36.66 33.92
N ALA C 65 33.85 -35.76 34.85
CA ALA C 65 32.87 -35.42 35.85
C ALA C 65 31.75 -34.58 35.25
N LEU C 66 30.55 -34.70 35.81
CA LEU C 66 29.41 -33.83 35.42
C LEU C 66 29.64 -32.37 35.75
N ALA C 67 30.13 -32.09 36.96
CA ALA C 67 30.27 -30.73 37.44
C ALA C 67 31.12 -29.87 36.50
N THR C 68 32.20 -30.43 35.97
CA THR C 68 33.17 -29.66 35.19
C THR C 68 32.58 -29.10 33.88
N ASN C 69 31.46 -29.65 33.43
CA ASN C 69 30.73 -29.08 32.28
C ASN C 69 30.30 -27.62 32.47
N PHE C 70 30.10 -27.23 33.72
CA PHE C 70 29.66 -25.90 34.06
C PHE C 70 30.76 -24.85 34.21
N LEU C 71 32.02 -25.23 34.01
CA LEU C 71 33.08 -24.26 33.95
C LEU C 71 33.07 -23.49 32.64
N PRO C 72 33.73 -22.29 32.63
CA PRO C 72 33.81 -21.59 31.35
C PRO C 72 34.66 -22.44 30.40
N ARG C 73 34.17 -22.51 29.18
CA ARG C 73 34.71 -23.30 28.10
C ARG C 73 34.27 -24.75 28.06
N GLY C 74 33.48 -25.16 29.04
CA GLY C 74 32.82 -26.45 29.00
C GLY C 74 33.56 -27.59 29.69
N THR C 75 34.76 -27.28 30.19
CA THR C 75 35.53 -28.18 31.04
C THR C 75 36.65 -27.40 31.81
N SER C 76 37.37 -28.12 32.67
CA SER C 76 38.45 -27.56 33.49
C SER C 76 39.73 -27.33 32.70
N GLN C 77 40.57 -26.41 33.18
CA GLN C 77 41.83 -26.07 32.51
C GLN C 77 42.80 -27.22 32.64
N ALA C 78 42.73 -27.90 33.78
CA ALA C 78 43.55 -29.07 34.01
C ALA C 78 43.35 -30.10 32.89
N ASN C 79 42.10 -30.26 32.49
CA ASN C 79 41.70 -31.23 31.47
C ASN C 79 42.20 -30.80 30.09
N ILE C 80 41.99 -29.53 29.80
CA ILE C 80 42.45 -28.95 28.57
C ILE C 80 43.94 -29.14 28.43
N ASP C 81 44.65 -28.92 29.53
CA ASP C 81 46.10 -29.00 29.54
C ASP C 81 46.59 -30.42 29.27
N GLU C 82 45.88 -31.39 29.81
CA GLU C 82 46.23 -32.76 29.55
C GLU C 82 46.07 -33.09 28.08
N GLY C 83 45.03 -32.54 27.45
CA GLY C 83 44.87 -32.66 26.01
C GLY C 83 46.04 -32.04 25.24
N LYS C 84 46.42 -30.82 25.64
CA LYS C 84 47.59 -30.14 25.03
C LYS C 84 48.89 -30.91 25.18
N ARG C 85 49.07 -31.56 26.33
CA ARG C 85 50.24 -32.37 26.59
C ARG C 85 50.37 -33.51 25.60
N LEU C 86 49.27 -34.20 25.39
CA LEU C 86 49.24 -35.32 24.43
C LEU C 86 49.51 -34.90 22.96
N PHE C 87 48.98 -33.76 22.52
CA PHE C 87 49.33 -33.23 21.20
C PHE C 87 50.82 -32.91 21.06
N ALA C 88 51.41 -32.38 22.13
CA ALA C 88 52.83 -32.05 22.14
C ALA C 88 53.69 -33.30 22.16
N LEU C 89 53.22 -34.30 22.89
CA LEU C 89 53.92 -35.58 22.94
C LEU C 89 53.90 -36.27 21.57
N ALA C 90 52.82 -36.11 20.83
CA ALA C 90 52.77 -36.65 19.48
C ALA C 90 53.80 -36.00 18.58
N ASN C 91 53.96 -34.70 18.74
CA ASN C 91 54.89 -33.93 17.93
C ASN C 91 56.34 -34.23 18.26
N GLN C 92 56.61 -34.46 19.54
CA GLN C 92 57.91 -34.90 20.01
C GLN C 92 58.29 -36.29 19.51
N LYS C 93 57.42 -37.27 19.74
CA LYS C 93 57.68 -38.63 19.32
C LYS C 93 57.72 -38.82 17.81
N CYS C 94 56.82 -38.18 17.09
CA CYS C 94 56.57 -38.52 15.69
C CYS C 94 56.15 -37.30 14.88
N PRO C 95 57.04 -36.31 14.74
CA PRO C 95 56.68 -35.01 14.15
C PRO C 95 56.19 -35.12 12.74
N ASN C 96 56.51 -36.21 12.05
CA ASN C 96 56.09 -36.36 10.67
C ASN C 96 54.85 -37.16 10.45
N THR C 97 54.34 -37.74 11.54
CA THR C 97 53.11 -38.52 11.43
C THR C 97 51.86 -37.66 11.65
N PRO C 98 50.90 -37.78 10.74
CA PRO C 98 49.71 -36.96 10.89
C PRO C 98 48.89 -37.38 12.13
N VAL C 99 48.30 -36.37 12.77
CA VAL C 99 47.43 -36.55 13.92
C VAL C 99 46.01 -36.17 13.55
N VAL C 100 45.07 -37.00 13.95
CA VAL C 100 43.66 -36.65 13.95
C VAL C 100 43.11 -36.77 15.36
N ALA C 101 41.99 -36.09 15.60
CA ALA C 101 41.40 -36.01 16.95
C ALA C 101 39.90 -36.07 16.93
N GLY C 102 39.35 -36.52 18.05
CA GLY C 102 37.93 -36.63 18.21
C GLY C 102 37.52 -36.34 19.62
N GLY C 103 36.26 -35.96 19.78
CA GLY C 103 35.72 -35.69 21.10
C GLY C 103 34.21 -35.77 21.12
N TYR C 104 33.69 -36.22 22.26
CA TYR C 104 32.26 -36.39 22.44
C TYR C 104 31.77 -35.67 23.65
N SER C 105 30.71 -34.89 23.50
CA SER C 105 30.07 -34.22 24.62
C SER C 105 31.12 -33.34 25.35
N GLN C 106 31.33 -33.55 26.65
CA GLN C 106 32.33 -32.74 27.34
C GLN C 106 33.73 -32.89 26.70
N GLY C 107 34.04 -34.08 26.19
CA GLY C 107 35.32 -34.33 25.50
C GLY C 107 35.48 -33.51 24.24
N ALA C 108 34.37 -33.16 23.60
CA ALA C 108 34.40 -32.23 22.47
C ALA C 108 34.84 -30.81 22.89
N ALA C 109 34.26 -30.33 23.99
CA ALA C 109 34.67 -29.07 24.57
C ALA C 109 36.17 -29.08 24.87
N LEU C 110 36.62 -30.18 25.46
CA LEU C 110 38.00 -30.34 25.85
C LEU C 110 38.93 -30.22 24.64
N ILE C 111 38.67 -31.03 23.62
CA ILE C 111 39.51 -31.07 22.44
C ILE C 111 39.51 -29.74 21.70
N ALA C 112 38.35 -29.11 21.63
CA ALA C 112 38.22 -27.86 20.90
C ALA C 112 39.09 -26.81 21.54
N ALA C 113 39.02 -26.73 22.84
CA ALA C 113 39.79 -25.77 23.60
C ALA C 113 41.28 -26.01 23.44
N ALA C 114 41.69 -27.27 23.61
CA ALA C 114 43.11 -27.67 23.52
C ALA C 114 43.70 -27.34 22.14
N VAL C 115 42.96 -27.67 21.07
CA VAL C 115 43.42 -27.42 19.71
C VAL C 115 43.59 -25.94 19.48
N SER C 116 42.67 -25.14 20.02
CA SER C 116 42.72 -23.69 19.80
C SER C 116 43.99 -23.05 20.39
N GLU C 117 44.47 -23.59 21.51
CA GLU C 117 45.65 -23.07 22.20
C GLU C 117 46.99 -23.66 21.68
N LEU C 118 46.94 -24.53 20.69
CA LEU C 118 48.16 -25.14 20.16
C LEU C 118 48.92 -24.15 19.31
N SER C 119 50.20 -24.46 19.11
CA SER C 119 51.13 -23.54 18.54
C SER C 119 51.70 -24.04 17.26
N GLY C 120 51.54 -23.26 16.20
CA GLY C 120 52.35 -23.39 14.99
C GLY C 120 52.51 -24.80 14.46
N ALA C 121 53.69 -25.39 14.72
CA ALA C 121 54.04 -26.68 14.13
C ALA C 121 53.09 -27.76 14.63
N VAL C 122 52.83 -27.72 15.94
CA VAL C 122 52.04 -28.76 16.60
C VAL C 122 50.61 -28.74 16.09
N LYS C 123 50.09 -27.54 15.88
CA LYS C 123 48.76 -27.37 15.32
C LYS C 123 48.68 -27.87 13.87
N GLU C 124 49.73 -27.61 13.13
CA GLU C 124 49.76 -27.98 11.72
C GLU C 124 49.67 -29.51 11.59
N GLN C 125 50.27 -30.20 12.56
CA GLN C 125 50.30 -31.67 12.56
C GLN C 125 48.91 -32.29 12.72
N VAL C 126 47.99 -31.54 13.33
CA VAL C 126 46.62 -32.00 13.49
C VAL C 126 45.79 -31.77 12.23
N LYS C 127 45.64 -32.82 11.42
CA LYS C 127 45.08 -32.71 10.08
C LYS C 127 43.58 -32.67 10.04
N GLY C 128 42.95 -33.04 11.14
CA GLY C 128 41.51 -33.11 11.15
C GLY C 128 40.96 -33.40 12.52
N VAL C 129 39.78 -32.85 12.81
CA VAL C 129 39.12 -33.02 14.09
C VAL C 129 37.63 -33.31 13.92
N ALA C 130 37.12 -34.35 14.56
CA ALA C 130 35.68 -34.64 14.58
C ALA C 130 35.10 -34.45 15.96
N LEU C 131 34.01 -33.68 16.04
CA LEU C 131 33.34 -33.39 17.30
C LEU C 131 31.89 -33.92 17.27
N PHE C 132 31.43 -34.47 18.38
CA PHE C 132 30.11 -35.07 18.46
C PHE C 132 29.39 -34.49 19.65
N GLY C 133 28.14 -34.09 19.47
CA GLY C 133 27.40 -33.51 20.59
C GLY C 133 28.22 -32.42 21.24
N TYR C 134 28.63 -31.47 20.41
CA TYR C 134 29.55 -30.39 20.80
C TYR C 134 28.91 -29.34 21.72
N THR C 135 29.37 -29.30 22.97
CA THR C 135 28.72 -28.48 23.98
C THR C 135 29.00 -26.99 23.85
N GLN C 136 30.01 -26.63 23.09
CA GLN C 136 30.32 -25.21 22.80
C GLN C 136 30.05 -24.86 21.35
N ASN C 137 29.16 -25.61 20.71
CA ASN C 137 28.84 -25.36 19.33
C ASN C 137 28.30 -23.96 19.10
N LEU C 138 27.42 -23.51 19.98
CA LEU C 138 26.86 -22.17 19.85
C LEU C 138 27.90 -21.11 20.14
N GLN C 139 28.52 -21.25 21.29
CA GLN C 139 29.55 -20.31 21.76
C GLN C 139 30.69 -20.12 20.78
N ASN C 140 31.11 -21.21 20.15
CA ASN C 140 32.20 -21.14 19.17
C ASN C 140 31.74 -21.11 17.72
N ARG C 141 30.45 -20.87 17.53
CA ARG C 141 29.89 -20.65 16.23
C ARG C 141 30.19 -21.80 15.26
N GLY C 142 30.06 -23.04 15.73
CA GLY C 142 30.13 -24.20 14.86
C GLY C 142 31.51 -24.68 14.52
N GLY C 143 32.52 -24.10 15.16
CA GLY C 143 33.90 -24.46 14.84
C GLY C 143 34.82 -24.46 16.04
N ILE C 144 36.11 -24.54 15.74
CA ILE C 144 37.15 -24.45 16.75
C ILE C 144 37.92 -23.18 16.51
N PRO C 145 37.99 -22.29 17.53
CA PRO C 145 38.80 -21.07 17.46
C PRO C 145 40.23 -21.31 16.97
N ASN C 146 40.69 -20.50 16.02
CA ASN C 146 42.06 -20.61 15.47
C ASN C 146 42.35 -21.94 14.80
N TYR C 147 41.36 -22.57 14.20
CA TYR C 147 41.61 -23.83 13.54
C TYR C 147 40.78 -23.88 12.27
N PRO C 148 41.43 -24.19 11.15
CA PRO C 148 40.74 -24.17 9.87
C PRO C 148 39.38 -24.87 9.91
N ARG C 149 38.36 -24.22 9.39
CA ARG C 149 37.06 -24.83 9.30
C ARG C 149 37.06 -26.06 8.42
N GLU C 150 37.90 -26.14 7.40
CA GLU C 150 37.84 -27.27 6.47
C GLU C 150 38.47 -28.53 7.07
N ARG C 151 39.22 -28.37 8.16
CA ARG C 151 39.78 -29.50 8.91
C ARG C 151 38.86 -29.96 10.05
N THR C 152 37.77 -29.23 10.24
CA THR C 152 36.82 -29.46 11.32
C THR C 152 35.54 -30.08 10.80
N LYS C 153 34.97 -31.01 11.55
CA LYS C 153 33.70 -31.62 11.21
C LYS C 153 32.90 -31.81 12.50
N VAL C 154 31.72 -31.18 12.57
CA VAL C 154 30.90 -31.21 13.79
C VAL C 154 29.63 -32.01 13.57
N PHE C 155 29.42 -33.04 14.38
CA PHE C 155 28.17 -33.79 14.38
C PHE C 155 27.31 -33.33 15.54
N CYS C 156 26.22 -32.66 15.19
CA CYS C 156 25.30 -32.12 16.17
C CYS C 156 23.92 -32.48 15.67
N ASN C 157 23.37 -33.57 16.18
CA ASN C 157 22.07 -34.04 15.79
C ASN C 157 20.97 -33.00 15.98
N VAL C 158 19.93 -33.12 15.18
CA VAL C 158 18.78 -32.24 15.26
C VAL C 158 18.15 -32.69 16.59
N GLY C 159 17.73 -31.79 17.45
CA GLY C 159 17.16 -32.25 18.72
C GLY C 159 18.21 -32.33 19.84
N ASP C 160 19.51 -32.30 19.54
CA ASP C 160 20.51 -32.35 20.59
C ASP C 160 20.72 -30.96 21.15
N ALA C 161 20.11 -30.72 22.30
CA ALA C 161 20.04 -29.41 22.92
C ALA C 161 21.39 -28.78 23.30
N VAL C 162 22.44 -29.58 23.46
CA VAL C 162 23.74 -29.02 23.88
C VAL C 162 24.34 -28.21 22.75
N CYS C 163 23.88 -28.53 21.55
CA CYS C 163 24.37 -27.88 20.33
C CYS C 163 23.83 -26.46 20.19
N THR C 164 22.72 -26.17 20.87
CA THR C 164 22.15 -24.82 20.89
C THR C 164 22.33 -24.16 22.25
N GLY C 165 23.46 -24.37 22.90
CA GLY C 165 23.80 -23.66 24.12
C GLY C 165 23.11 -24.03 25.44
N THR C 166 22.48 -25.19 25.50
CA THR C 166 21.80 -25.65 26.70
C THR C 166 22.44 -26.94 27.18
N LEU C 167 22.77 -27.05 28.46
CA LEU C 167 23.31 -28.30 28.96
C LEU C 167 22.29 -29.29 29.43
N ILE C 168 21.46 -29.75 28.54
CA ILE C 168 20.60 -30.88 28.92
C ILE C 168 20.74 -32.03 27.97
N ILE C 169 20.40 -33.20 28.49
CA ILE C 169 20.55 -34.40 27.71
C ILE C 169 19.24 -34.95 27.16
N THR C 170 19.11 -34.88 25.84
CA THR C 170 18.01 -35.52 25.15
C THR C 170 18.50 -36.82 24.52
N PRO C 171 17.57 -37.64 24.02
CA PRO C 171 17.95 -38.87 23.38
C PRO C 171 18.84 -38.68 22.17
N ALA C 172 18.68 -37.56 21.48
CA ALA C 172 19.52 -37.24 20.32
C ALA C 172 21.01 -37.11 20.67
N HIS C 173 21.31 -36.73 21.91
CA HIS C 173 22.68 -36.66 22.41
C HIS C 173 23.35 -38.05 22.62
N LEU C 174 22.55 -39.11 22.68
CA LEU C 174 23.06 -40.47 22.95
C LEU C 174 23.23 -41.29 21.69
N SER C 175 23.28 -40.63 20.55
CA SER C 175 23.10 -41.29 19.30
C SER C 175 24.12 -40.84 18.24
N TYR C 176 25.41 -41.13 18.45
CA TYR C 176 26.44 -40.75 17.50
C TYR C 176 27.38 -41.90 17.12
N THR C 177 27.04 -43.13 17.46
CA THR C 177 27.95 -44.25 17.21
C THR C 177 28.03 -44.67 15.72
N ILE C 178 26.92 -44.57 14.99
CA ILE C 178 26.97 -44.80 13.54
C ILE C 178 27.79 -43.74 12.79
N GLU C 179 27.53 -42.49 13.11
CA GLU C 179 28.17 -41.31 12.47
C GLU C 179 29.68 -41.43 12.77
N ALA C 180 30.02 -41.94 13.94
CA ALA C 180 31.44 -42.07 14.34
C ALA C 180 32.19 -43.18 13.59
N ARG C 181 31.57 -44.35 13.49
CA ARG C 181 32.14 -45.50 12.79
C ARG C 181 32.22 -45.28 11.27
N GLY C 182 31.21 -44.64 10.72
CA GLY C 182 31.13 -44.43 9.28
C GLY C 182 31.64 -43.09 8.80
N GLU C 183 30.75 -42.10 8.78
CA GLU C 183 31.04 -40.85 8.10
C GLU C 183 32.26 -40.11 8.66
N ALA C 184 32.37 -40.10 9.99
CA ALA C 184 33.45 -39.38 10.68
C ALA C 184 34.80 -40.03 10.46
N ALA C 185 34.82 -41.35 10.39
CA ALA C 185 36.06 -42.06 10.11
C ALA C 185 36.55 -41.82 8.67
N ARG C 186 35.62 -41.84 7.72
CA ARG C 186 35.93 -41.45 6.35
C ARG C 186 36.45 -40.02 6.24
N PHE C 187 35.81 -39.08 6.93
CA PHE C 187 36.28 -37.70 6.93
C PHE C 187 37.75 -37.60 7.37
N LEU C 188 38.08 -38.22 8.49
CA LEU C 188 39.42 -38.12 9.03
C LEU C 188 40.43 -38.83 8.16
N ARG C 189 40.02 -39.95 7.57
CA ARG C 189 40.88 -40.66 6.64
C ARG C 189 41.23 -39.74 5.46
N ASP C 190 40.22 -39.09 4.89
CA ASP C 190 40.42 -38.13 3.81
C ASP C 190 41.39 -37.02 4.21
N ARG C 191 41.22 -36.48 5.41
CA ARG C 191 42.11 -35.44 5.92
C ARG C 191 43.57 -35.88 6.11
N ILE C 192 43.80 -37.16 6.29
CA ILE C 192 45.15 -37.67 6.37
C ILE C 192 45.85 -37.64 5.01
N ARG C 193 45.08 -37.35 3.95
CA ARG C 193 45.55 -37.13 2.58
C ARG C 193 45.03 -35.76 2.15
N GLY D 3 26.74 -16.34 10.72
CA GLY D 3 26.04 -17.66 10.80
C GLY D 3 26.78 -18.76 11.53
N ALA D 4 26.11 -19.85 11.85
CA ALA D 4 24.69 -20.14 11.54
C ALA D 4 23.73 -19.74 12.66
N ILE D 5 24.27 -19.38 13.82
CA ILE D 5 23.48 -18.77 14.88
C ILE D 5 24.07 -17.44 15.31
N GLU D 6 23.24 -16.40 15.35
CA GLU D 6 23.67 -15.07 15.75
C GLU D 6 22.58 -14.39 16.55
N ASN D 7 22.91 -13.89 17.73
CA ASN D 7 21.96 -13.26 18.64
C ASN D 7 22.47 -11.97 19.23
N GLY D 8 23.17 -11.21 18.41
CA GLY D 8 23.85 -10.02 18.88
C GLY D 8 22.93 -8.96 19.43
N LEU D 9 21.73 -8.87 18.88
CA LEU D 9 20.73 -7.89 19.31
C LEU D 9 20.05 -8.35 20.58
N GLU D 10 19.71 -9.64 20.66
CA GLU D 10 19.05 -10.17 21.86
C GLU D 10 19.96 -10.16 23.08
N SER D 11 21.22 -10.50 22.91
CA SER D 11 22.14 -10.51 24.03
C SER D 11 22.93 -9.20 24.17
N GLY D 12 22.88 -8.31 23.19
CA GLY D 12 23.61 -7.04 23.31
C GLY D 12 22.96 -6.14 24.34
N SER D 13 23.77 -5.32 25.02
CA SER D 13 23.27 -4.41 26.07
C SER D 13 23.15 -2.95 25.59
N ALA D 14 22.16 -2.22 26.12
CA ALA D 14 21.82 -0.87 25.64
C ALA D 14 22.84 0.21 26.03
N ASN D 15 23.75 -0.12 26.94
CA ASN D 15 24.87 0.76 27.28
C ASN D 15 26.07 0.61 26.29
N ALA D 16 25.97 -0.31 25.32
CA ALA D 16 27.06 -0.54 24.33
C ALA D 16 26.54 -0.71 22.91
N CYS D 17 25.64 0.18 22.49
CA CYS D 17 25.07 0.09 21.15
C CYS D 17 26.16 0.19 20.11
N PRO D 18 25.96 -0.47 18.97
CA PRO D 18 27.00 -0.49 17.94
C PRO D 18 26.72 0.55 16.86
N ASP D 19 27.56 0.53 15.82
CA ASP D 19 27.41 1.47 14.67
C ASP D 19 26.23 1.07 13.78
N ALA D 20 25.90 -0.23 13.76
CA ALA D 20 24.77 -0.73 12.99
C ALA D 20 24.26 -2.09 13.47
N ILE D 21 23.02 -2.38 13.15
CA ILE D 21 22.37 -3.65 13.47
C ILE D 21 21.84 -4.30 12.22
N LEU D 22 22.16 -5.57 12.05
CA LEU D 22 21.65 -6.37 10.94
C LEU D 22 20.67 -7.39 11.44
N ILE D 23 19.46 -7.36 10.90
CA ILE D 23 18.46 -8.41 11.15
C ILE D 23 18.28 -9.25 9.89
N PHE D 24 18.42 -10.55 10.02
CA PHE D 24 18.35 -11.45 8.86
C PHE D 24 17.42 -12.63 9.04
N ALA D 25 16.64 -12.91 8.00
CA ALA D 25 15.74 -14.07 7.99
C ALA D 25 16.19 -15.07 6.93
N ARG D 26 16.42 -16.31 7.38
CA ARG D 26 16.95 -17.37 6.53
C ARG D 26 15.90 -18.02 5.62
N GLY D 27 16.39 -18.88 4.72
CA GLY D 27 15.53 -19.59 3.77
C GLY D 27 14.92 -20.86 4.30
N SER D 28 13.98 -21.43 3.57
CA SER D 28 13.25 -22.63 4.04
C SER D 28 14.24 -23.79 4.24
N THR D 29 14.13 -24.46 5.40
CA THR D 29 14.94 -25.62 5.80
C THR D 29 16.37 -25.29 6.19
N GLU D 30 16.78 -24.03 6.13
CA GLU D 30 18.15 -23.72 6.54
C GLU D 30 18.30 -23.87 8.08
N PRO D 31 19.46 -24.33 8.54
CA PRO D 31 19.71 -24.48 9.96
C PRO D 31 19.94 -23.17 10.70
N GLY D 32 19.89 -23.25 12.03
CA GLY D 32 20.18 -22.10 12.87
C GLY D 32 19.15 -21.02 12.69
N ASN D 33 19.57 -19.77 12.86
CA ASN D 33 18.72 -18.62 12.57
C ASN D 33 19.28 -17.71 11.47
N MET D 34 20.49 -18.00 11.01
CA MET D 34 21.10 -17.27 9.90
C MET D 34 21.16 -18.11 8.62
N GLY D 35 21.01 -19.42 8.76
CA GLY D 35 21.25 -20.33 7.65
C GLY D 35 22.74 -20.42 7.37
N ILE D 36 23.09 -21.03 6.25
CA ILE D 36 24.50 -21.24 5.93
C ILE D 36 24.93 -20.72 4.55
N THR D 37 24.04 -20.07 3.82
CA THR D 37 24.38 -19.57 2.48
C THR D 37 24.43 -18.04 2.49
N VAL D 38 23.29 -17.44 2.20
CA VAL D 38 23.19 -15.99 2.04
C VAL D 38 23.43 -15.21 3.34
N GLY D 39 22.86 -15.69 4.45
CA GLY D 39 22.98 -14.98 5.73
C GLY D 39 24.40 -14.68 6.18
N PRO D 40 25.22 -15.73 6.38
CA PRO D 40 26.60 -15.54 6.73
C PRO D 40 27.40 -14.73 5.69
N ALA D 41 27.13 -14.93 4.40
CA ALA D 41 27.76 -14.14 3.35
C ALA D 41 27.48 -12.63 3.49
N LEU D 42 26.24 -12.29 3.79
CA LEU D 42 25.86 -10.91 3.96
C LEU D 42 26.47 -10.32 5.23
N ALA D 43 26.43 -11.08 6.30
CA ALA D 43 26.95 -10.63 7.59
C ALA D 43 28.42 -10.38 7.46
N ASN D 44 29.09 -11.30 6.80
CA ASN D 44 30.50 -11.17 6.51
C ASN D 44 30.86 -9.93 5.74
N GLY D 45 30.16 -9.70 4.63
CA GLY D 45 30.46 -8.60 3.74
C GLY D 45 30.27 -7.26 4.42
N LEU D 46 29.26 -7.21 5.25
CA LEU D 46 28.89 -6.00 5.91
C LEU D 46 29.85 -5.68 7.06
N GLU D 47 30.31 -6.73 7.73
CA GLU D 47 31.33 -6.57 8.76
C GLU D 47 32.67 -6.08 8.23
N SER D 48 32.94 -6.35 6.96
CA SER D 48 34.15 -5.85 6.33
C SER D 48 34.12 -4.34 6.11
N HIS D 49 32.94 -3.74 6.15
CA HIS D 49 32.78 -2.29 5.97
C HIS D 49 32.47 -1.57 7.27
N ILE D 50 31.92 -2.28 8.24
CA ILE D 50 31.46 -1.69 9.49
C ILE D 50 31.79 -2.66 10.62
N ARG D 51 32.89 -2.39 11.30
CA ARG D 51 33.48 -3.40 12.23
C ARG D 51 32.63 -3.58 13.46
N ASN D 52 32.00 -2.52 13.95
CA ASN D 52 31.21 -2.60 15.17
C ASN D 52 29.73 -2.74 14.87
N ILE D 53 29.27 -3.98 14.91
CA ILE D 53 27.97 -4.35 14.34
C ILE D 53 27.34 -5.48 15.13
N TRP D 54 26.04 -5.41 15.33
CA TRP D 54 25.32 -6.53 15.93
C TRP D 54 24.61 -7.28 14.83
N ILE D 55 24.67 -8.60 14.93
CA ILE D 55 24.03 -9.49 13.95
C ILE D 55 22.97 -10.39 14.58
N GLN D 56 21.77 -10.38 14.01
CA GLN D 56 20.65 -11.07 14.59
C GLN D 56 19.91 -11.89 13.54
N GLY D 57 19.85 -13.20 13.76
CA GLY D 57 18.99 -14.06 12.96
C GLY D 57 17.58 -14.02 13.49
N VAL D 58 16.60 -14.30 12.64
CA VAL D 58 15.21 -14.37 13.07
C VAL D 58 14.92 -15.83 13.40
N GLY D 59 14.80 -16.12 14.69
CA GLY D 59 14.55 -17.47 15.19
C GLY D 59 13.18 -17.52 15.83
N GLY D 60 13.11 -17.98 17.06
CA GLY D 60 11.85 -18.09 17.77
C GLY D 60 10.93 -19.07 17.05
N PRO D 61 9.69 -18.65 16.78
CA PRO D 61 8.76 -19.55 16.06
C PRO D 61 9.17 -19.85 14.62
N TYR D 62 10.07 -19.05 14.03
CA TYR D 62 10.42 -19.23 12.62
C TYR D 62 11.32 -20.44 12.48
N ASP D 63 10.68 -21.58 12.25
CA ASP D 63 11.37 -22.85 12.02
C ASP D 63 11.63 -23.15 10.53
N ALA D 64 11.39 -22.18 9.66
CA ALA D 64 11.76 -22.25 8.24
C ALA D 64 11.14 -23.47 7.53
N ALA D 65 9.90 -23.77 7.85
CA ALA D 65 9.21 -24.93 7.34
C ALA D 65 8.83 -24.74 5.89
N LEU D 66 8.79 -25.82 5.13
CA LEU D 66 8.29 -25.77 3.75
C LEU D 66 6.82 -25.39 3.62
N ALA D 67 5.97 -25.98 4.44
CA ALA D 67 4.52 -25.76 4.38
C ALA D 67 4.12 -24.30 4.50
N THR D 68 4.79 -23.53 5.37
CA THR D 68 4.41 -22.13 5.63
C THR D 68 4.55 -21.19 4.40
N ASN D 69 5.35 -21.59 3.41
CA ASN D 69 5.44 -20.86 2.14
C ASN D 69 4.10 -20.70 1.47
N PHE D 70 3.20 -21.64 1.69
CA PHE D 70 1.88 -21.66 1.04
C PHE D 70 0.81 -20.80 1.71
N LEU D 71 1.15 -20.14 2.80
CA LEU D 71 0.22 -19.19 3.41
C LEU D 71 0.17 -17.89 2.62
N PRO D 72 -0.90 -17.09 2.83
CA PRO D 72 -0.94 -15.80 2.17
C PRO D 72 0.17 -14.96 2.77
N ARG D 73 0.84 -14.27 1.85
CA ARG D 73 1.99 -13.43 2.11
C ARG D 73 3.31 -14.17 2.11
N GLY D 74 3.28 -15.50 1.97
CA GLY D 74 4.51 -16.28 1.80
C GLY D 74 5.12 -16.86 3.06
N THR D 75 4.51 -16.53 4.21
CA THR D 75 4.86 -17.15 5.49
C THR D 75 3.74 -16.90 6.54
N SER D 76 3.90 -17.51 7.72
CA SER D 76 2.93 -17.39 8.80
C SER D 76 2.96 -16.03 9.45
N GLN D 77 1.88 -15.66 10.12
CA GLN D 77 1.83 -14.41 10.92
C GLN D 77 2.71 -14.48 12.18
N ALA D 78 2.80 -15.66 12.78
CA ALA D 78 3.68 -15.88 13.93
C ALA D 78 5.10 -15.51 13.61
N ASN D 79 5.53 -15.87 12.40
CA ASN D 79 6.88 -15.58 11.91
C ASN D 79 7.11 -14.10 11.64
N ILE D 80 6.13 -13.51 10.99
CA ILE D 80 6.14 -12.10 10.71
C ILE D 80 6.24 -11.30 12.00
N ASP D 81 5.48 -11.73 12.99
CA ASP D 81 5.43 -11.06 14.29
C ASP D 81 6.77 -11.14 15.02
N GLU D 82 7.43 -12.29 14.93
CA GLU D 82 8.75 -12.41 15.53
C GLU D 82 9.72 -11.42 14.89
N GLY D 83 9.59 -11.22 13.58
CA GLY D 83 10.39 -10.22 12.89
C GLY D 83 10.11 -8.84 13.42
N LYS D 84 8.83 -8.50 13.53
CA LYS D 84 8.41 -7.20 14.08
C LYS D 84 8.90 -6.95 15.49
N ARG D 85 8.93 -8.01 16.30
CA ARG D 85 9.43 -7.91 17.66
C ARG D 85 10.87 -7.45 17.66
N LEU D 86 11.69 -8.08 16.82
CA LEU D 86 13.10 -7.79 16.78
C LEU D 86 13.38 -6.36 16.33
N PHE D 87 12.60 -5.87 15.37
CA PHE D 87 12.73 -4.47 14.96
C PHE D 87 12.40 -3.50 16.09
N ALA D 88 11.38 -3.83 16.88
CA ALA D 88 10.96 -3.02 18.03
C ALA D 88 12.01 -3.08 19.14
N LEU D 89 12.61 -4.26 19.33
CA LEU D 89 13.66 -4.41 20.33
C LEU D 89 14.87 -3.59 19.97
N ALA D 90 15.15 -3.45 18.68
CA ALA D 90 16.28 -2.63 18.23
C ALA D 90 16.04 -1.18 18.55
N ASN D 91 14.81 -0.77 18.36
CA ASN D 91 14.42 0.60 18.63
C ASN D 91 14.42 0.96 20.12
N GLN D 92 14.03 0.00 20.95
CA GLN D 92 14.08 0.10 22.41
C GLN D 92 15.50 0.16 22.94
N LYS D 93 16.33 -0.80 22.55
CA LYS D 93 17.72 -0.83 23.01
C LYS D 93 18.59 0.31 22.48
N CYS D 94 18.43 0.66 21.21
CA CYS D 94 19.39 1.53 20.53
C CYS D 94 18.72 2.40 19.50
N PRO D 95 17.83 3.29 19.94
CA PRO D 95 16.99 4.08 18.99
C PRO D 95 17.79 4.93 18.02
N ASN D 96 19.04 5.21 18.35
CA ASN D 96 19.87 6.05 17.51
C ASN D 96 20.79 5.29 16.56
N THR D 97 20.82 3.98 16.70
CA THR D 97 21.59 3.13 15.83
C THR D 97 20.82 2.75 14.57
N PRO D 98 21.44 2.94 13.40
CA PRO D 98 20.74 2.51 12.18
C PRO D 98 20.60 0.98 12.08
N VAL D 99 19.46 0.56 11.56
CA VAL D 99 19.16 -0.85 11.33
C VAL D 99 19.11 -1.14 9.83
N VAL D 100 19.72 -2.24 9.42
CA VAL D 100 19.52 -2.78 8.08
C VAL D 100 19.01 -4.20 8.21
N ALA D 101 18.39 -4.68 7.15
CA ALA D 101 17.78 -6.01 7.16
C ALA D 101 17.96 -6.76 5.88
N GLY D 102 17.89 -8.08 5.99
CA GLY D 102 18.03 -8.95 4.85
C GLY D 102 17.16 -10.17 4.98
N GLY D 103 16.86 -10.78 3.84
CA GLY D 103 16.08 -12.00 3.84
C GLY D 103 16.29 -12.80 2.58
N TYR D 104 16.21 -14.11 2.73
CA TYR D 104 16.38 -15.02 1.63
C TYR D 104 15.23 -15.99 1.49
N SER D 105 14.71 -16.11 0.27
CA SER D 105 13.65 -17.08 -0.03
C SER D 105 12.44 -16.81 0.92
N GLN D 106 12.00 -17.80 1.69
CA GLN D 106 10.89 -17.54 2.60
C GLN D 106 11.19 -16.40 3.61
N GLY D 107 12.44 -16.28 4.02
CA GLY D 107 12.86 -15.18 4.88
C GLY D 107 12.67 -13.79 4.26
N ALA D 108 12.77 -13.71 2.94
CA ALA D 108 12.50 -12.46 2.23
C ALA D 108 11.01 -12.08 2.33
N ALA D 109 10.12 -13.06 2.12
CA ALA D 109 8.70 -12.87 2.38
C ALA D 109 8.42 -12.38 3.80
N LEU D 110 9.10 -13.01 4.76
CA LEU D 110 8.98 -12.67 6.16
C LEU D 110 9.36 -11.20 6.45
N ILE D 111 10.57 -10.81 6.05
CA ILE D 111 11.09 -9.48 6.30
C ILE D 111 10.26 -8.42 5.60
N ALA D 112 9.83 -8.70 4.36
CA ALA D 112 9.06 -7.75 3.57
C ALA D 112 7.77 -7.42 4.28
N ALA D 113 7.11 -8.47 4.75
CA ALA D 113 5.83 -8.33 5.48
C ALA D 113 5.99 -7.55 6.78
N ALA D 114 6.99 -7.95 7.57
CA ALA D 114 7.27 -7.32 8.85
C ALA D 114 7.58 -5.84 8.71
N VAL D 115 8.43 -5.50 7.75
CA VAL D 115 8.77 -4.11 7.51
C VAL D 115 7.53 -3.29 7.13
N SER D 116 6.66 -3.87 6.31
CA SER D 116 5.46 -3.14 5.81
C SER D 116 4.52 -2.76 6.95
N GLU D 117 4.47 -3.59 7.99
CA GLU D 117 3.62 -3.35 9.16
C GLU D 117 4.27 -2.51 10.27
N LEU D 118 5.49 -2.05 10.08
CA LEU D 118 6.19 -1.23 11.09
C LEU D 118 5.67 0.19 11.10
N SER D 119 5.88 0.85 12.23
CA SER D 119 5.20 2.09 12.56
C SER D 119 6.20 3.23 12.72
N GLY D 120 6.03 4.26 11.92
CA GLY D 120 6.65 5.55 12.16
C GLY D 120 8.13 5.54 12.50
N ALA D 121 8.44 5.69 13.78
CA ALA D 121 9.83 5.84 14.26
C ALA D 121 10.64 4.58 14.01
N VAL D 122 10.04 3.43 14.29
CA VAL D 122 10.69 2.15 14.14
C VAL D 122 11.00 1.87 12.66
N LYS D 123 10.08 2.21 11.77
CA LYS D 123 10.29 2.05 10.34
C LYS D 123 11.41 2.96 9.83
N GLU D 124 11.44 4.17 10.36
CA GLU D 124 12.42 5.17 9.93
C GLU D 124 13.83 4.67 10.26
N GLN D 125 13.96 3.93 11.36
CA GLN D 125 15.24 3.41 11.82
C GLN D 125 15.83 2.39 10.85
N VAL D 126 14.96 1.73 10.09
CA VAL D 126 15.39 0.75 9.10
C VAL D 126 15.82 1.45 7.82
N LYS D 127 17.13 1.62 7.68
CA LYS D 127 17.71 2.44 6.60
C LYS D 127 17.78 1.74 5.25
N GLY D 128 17.66 0.43 5.25
CA GLY D 128 17.87 -0.32 4.03
C GLY D 128 17.53 -1.78 4.22
N VAL D 129 17.01 -2.38 3.14
CA VAL D 129 16.64 -3.80 3.14
C VAL D 129 17.07 -4.50 1.85
N ALA D 130 17.76 -5.64 1.99
CA ALA D 130 18.13 -6.46 0.84
C ALA D 130 17.35 -7.79 0.84
N LEU D 131 16.74 -8.11 -0.29
CA LEU D 131 15.99 -9.33 -0.43
C LEU D 131 16.61 -10.20 -1.52
N PHE D 132 16.62 -11.52 -1.31
CA PHE D 132 17.20 -12.45 -2.26
C PHE D 132 16.21 -13.57 -2.58
N GLY D 133 16.04 -13.92 -3.84
CA GLY D 133 15.09 -14.97 -4.22
C GLY D 133 13.75 -14.69 -3.59
N TYR D 134 13.25 -13.48 -3.86
CA TYR D 134 12.06 -12.92 -3.22
C TYR D 134 10.76 -13.60 -3.70
N THR D 135 10.11 -14.34 -2.80
CA THR D 135 8.96 -15.17 -3.18
C THR D 135 7.69 -14.37 -3.48
N GLN D 136 7.66 -13.14 -3.02
CA GLN D 136 6.52 -12.25 -3.28
C GLN D 136 6.89 -11.12 -4.23
N ASN D 137 7.91 -11.36 -5.03
CA ASN D 137 8.38 -10.34 -5.93
C ASN D 137 7.31 -9.91 -6.94
N LEU D 138 6.60 -10.87 -7.49
CA LEU D 138 5.52 -10.56 -8.42
C LEU D 138 4.35 -9.89 -7.71
N GLN D 139 3.88 -10.53 -6.66
CA GLN D 139 2.75 -10.06 -5.86
C GLN D 139 2.95 -8.64 -5.32
N ASN D 140 4.16 -8.31 -4.87
CA ASN D 140 4.45 -6.96 -4.37
C ASN D 140 5.17 -6.06 -5.36
N ARG D 141 5.17 -6.48 -6.61
CA ARG D 141 5.60 -5.66 -7.73
C ARG D 141 7.02 -5.16 -7.57
N GLY D 142 7.90 -6.03 -7.11
CA GLY D 142 9.30 -5.70 -6.99
C GLY D 142 9.74 -4.93 -5.75
N GLY D 143 8.85 -4.74 -4.80
CA GLY D 143 9.17 -3.92 -3.64
C GLY D 143 8.56 -4.41 -2.35
N ILE D 144 8.68 -3.57 -1.33
CA ILE D 144 8.04 -3.80 -0.04
C ILE D 144 6.92 -2.75 0.14
N PRO D 145 5.68 -3.18 0.35
CA PRO D 145 4.57 -2.31 0.68
C PRO D 145 4.90 -1.30 1.79
N ASN D 146 4.58 -0.01 1.56
CA ASN D 146 4.82 1.07 2.55
C ASN D 146 6.26 1.25 2.94
N TYR D 147 7.18 1.00 2.02
CA TYR D 147 8.57 1.17 2.35
C TYR D 147 9.26 1.76 1.13
N PRO D 148 9.99 2.86 1.33
CA PRO D 148 10.61 3.54 0.21
C PRO D 148 11.32 2.58 -0.73
N ARG D 149 11.07 2.72 -2.02
CA ARG D 149 11.77 1.91 -2.99
C ARG D 149 13.28 2.16 -2.97
N GLU D 150 13.73 3.37 -2.60
CA GLU D 150 15.17 3.69 -2.70
C GLU D 150 15.96 3.07 -1.55
N ARG D 151 15.25 2.64 -0.51
CA ARG D 151 15.84 1.89 0.61
C ARG D 151 15.79 0.37 0.41
N THR D 152 15.13 -0.06 -0.66
CA THR D 152 14.96 -1.47 -0.99
C THR D 152 15.86 -1.90 -2.12
N LYS D 153 16.38 -3.11 -2.04
CA LYS D 153 17.17 -3.70 -3.12
C LYS D 153 16.81 -5.19 -3.23
N VAL D 154 16.31 -5.61 -4.40
CA VAL D 154 15.87 -6.97 -4.60
C VAL D 154 16.80 -7.70 -5.57
N PHE D 155 17.36 -8.84 -5.14
CA PHE D 155 18.10 -9.73 -6.01
C PHE D 155 17.23 -10.93 -6.40
N CYS D 156 16.87 -10.98 -7.68
CA CYS D 156 16.00 -12.01 -8.23
C CYS D 156 16.62 -12.44 -9.52
N ASN D 157 17.41 -13.49 -9.47
CA ASN D 157 18.11 -13.97 -10.64
C ASN D 157 17.13 -14.27 -11.78
N VAL D 158 17.64 -14.17 -12.99
CA VAL D 158 16.86 -14.48 -14.16
C VAL D 158 16.75 -16.00 -14.05
N GLY D 159 15.60 -16.60 -14.28
CA GLY D 159 15.57 -18.08 -14.16
C GLY D 159 15.15 -18.53 -12.77
N ASP D 160 15.15 -17.64 -11.77
CA ASP D 160 14.65 -17.99 -10.45
C ASP D 160 13.12 -17.86 -10.42
N ALA D 161 12.45 -18.99 -10.54
CA ALA D 161 11.01 -19.06 -10.75
C ALA D 161 10.17 -18.49 -9.63
N VAL D 162 10.72 -18.35 -8.42
CA VAL D 162 9.94 -17.81 -7.32
C VAL D 162 9.69 -16.31 -7.51
N CYS D 163 10.55 -15.71 -8.32
CA CYS D 163 10.48 -14.29 -8.58
C CYS D 163 9.34 -13.95 -9.52
N THR D 164 8.86 -14.93 -10.28
CA THR D 164 7.71 -14.75 -11.21
C THR D 164 6.51 -15.51 -10.70
N GLY D 165 6.30 -15.52 -9.38
CA GLY D 165 5.04 -16.04 -8.81
C GLY D 165 4.80 -17.54 -8.71
N THR D 166 5.86 -18.33 -8.80
CA THR D 166 5.78 -19.79 -8.76
C THR D 166 6.65 -20.31 -7.66
N LEU D 167 6.16 -21.22 -6.83
CA LEU D 167 7.01 -21.79 -5.76
C LEU D 167 7.78 -23.04 -6.16
N ILE D 168 8.68 -22.93 -7.13
CA ILE D 168 9.58 -24.02 -7.39
C ILE D 168 11.04 -23.63 -7.35
N ILE D 169 11.91 -24.60 -7.08
CA ILE D 169 13.37 -24.31 -6.85
C ILE D 169 14.18 -24.73 -8.06
N THR D 170 14.65 -23.74 -8.79
CA THR D 170 15.60 -23.96 -9.86
C THR D 170 17.00 -23.67 -9.33
N PRO D 171 18.03 -24.06 -10.11
CA PRO D 171 19.40 -23.77 -9.68
C PRO D 171 19.68 -22.28 -9.44
N ALA D 172 18.99 -21.41 -10.17
CA ALA D 172 19.19 -19.97 -10.03
C ALA D 172 18.83 -19.50 -8.66
N HIS D 173 17.91 -20.18 -8.00
CA HIS D 173 17.51 -19.83 -6.64
C HIS D 173 18.61 -20.11 -5.59
N LEU D 174 19.60 -20.94 -5.93
CA LEU D 174 20.61 -21.39 -4.99
C LEU D 174 21.89 -20.61 -5.09
N SER D 175 21.82 -19.45 -5.70
CA SER D 175 23.01 -18.80 -6.23
C SER D 175 23.01 -17.29 -5.94
N TYR D 176 23.07 -16.92 -4.66
CA TYR D 176 23.04 -15.51 -4.27
C TYR D 176 24.20 -15.11 -3.34
N THR D 177 25.17 -16.00 -3.11
CA THR D 177 26.16 -15.72 -2.06
C THR D 177 27.14 -14.62 -2.48
N ILE D 178 27.48 -14.54 -3.76
CA ILE D 178 28.37 -13.47 -4.26
C ILE D 178 27.71 -12.11 -4.17
N GLU D 179 26.48 -12.05 -4.62
CA GLU D 179 25.69 -10.83 -4.54
C GLU D 179 25.50 -10.37 -3.10
N ALA D 180 25.32 -11.33 -2.20
CA ALA D 180 25.13 -11.01 -0.82
C ALA D 180 26.41 -10.43 -0.17
N ARG D 181 27.54 -11.08 -0.43
CA ARG D 181 28.81 -10.66 0.16
C ARG D 181 29.27 -9.33 -0.42
N GLY D 182 29.03 -9.14 -1.72
CA GLY D 182 29.54 -8.00 -2.42
C GLY D 182 28.55 -6.88 -2.55
N GLU D 183 27.76 -6.94 -3.62
CA GLU D 183 26.94 -5.80 -4.03
C GLU D 183 25.91 -5.38 -2.98
N ALA D 184 25.29 -6.36 -2.34
CA ALA D 184 24.27 -6.12 -1.31
C ALA D 184 24.84 -5.51 -0.06
N ALA D 185 26.03 -5.93 0.32
CA ALA D 185 26.67 -5.39 1.52
C ALA D 185 27.04 -3.92 1.27
N ARG D 186 27.58 -3.63 0.08
CA ARG D 186 27.88 -2.25 -0.31
C ARG D 186 26.63 -1.39 -0.29
N PHE D 187 25.55 -1.92 -0.84
CA PHE D 187 24.29 -1.19 -0.84
C PHE D 187 23.87 -0.78 0.57
N LEU D 188 23.87 -1.75 1.50
CA LEU D 188 23.43 -1.50 2.88
C LEU D 188 24.38 -0.58 3.64
N ARG D 189 25.67 -0.71 3.36
CA ARG D 189 26.64 0.22 3.91
C ARG D 189 26.34 1.65 3.47
N ASP D 190 26.13 1.84 2.17
CA ASP D 190 25.77 3.18 1.63
C ASP D 190 24.54 3.74 2.30
N ARG D 191 23.53 2.90 2.46
CA ARG D 191 22.28 3.30 3.14
C ARG D 191 22.46 3.71 4.61
N ILE D 192 23.49 3.20 5.26
CA ILE D 192 23.82 3.60 6.61
C ILE D 192 24.47 5.01 6.70
N ARG D 193 25.02 5.54 5.61
CA ARG D 193 25.52 6.95 5.57
C ARG D 193 24.68 7.88 4.64
N GLY E 3 47.14 -7.78 -23.78
CA GLY E 3 48.12 -7.98 -22.66
C GLY E 3 47.68 -7.51 -21.30
N ALA E 4 48.46 -7.72 -20.26
CA ALA E 4 49.88 -8.13 -20.19
C ALA E 4 50.50 -7.51 -18.97
N ILE E 5 50.02 -6.33 -18.59
CA ILE E 5 50.35 -5.78 -17.27
C ILE E 5 49.10 -5.47 -16.47
N GLU E 6 49.03 -5.98 -15.25
CA GLU E 6 47.89 -5.79 -14.38
C GLU E 6 48.39 -5.60 -12.97
N ASN E 7 47.95 -4.53 -12.32
CA ASN E 7 48.35 -4.18 -10.96
C ASN E 7 47.20 -3.77 -10.08
N GLY E 8 46.07 -4.43 -10.26
CA GLY E 8 44.84 -4.06 -9.59
C GLY E 8 44.95 -4.11 -8.08
N LEU E 9 45.73 -5.05 -7.57
CA LEU E 9 45.88 -5.25 -6.14
C LEU E 9 46.84 -4.23 -5.58
N GLU E 10 47.93 -3.97 -6.28
CA GLU E 10 48.90 -2.99 -5.79
C GLU E 10 48.38 -1.58 -5.80
N SER E 11 47.65 -1.20 -6.85
CA SER E 11 47.12 0.12 -6.91
C SER E 11 45.71 0.24 -6.34
N GLY E 12 45.04 -0.87 -6.07
CA GLY E 12 43.68 -0.82 -5.52
C GLY E 12 43.70 -0.30 -4.08
N SER E 13 42.65 0.41 -3.68
CA SER E 13 42.55 0.98 -2.31
C SER E 13 41.64 0.13 -1.41
N ALA E 14 41.96 0.08 -0.11
CA ALA E 14 41.27 -0.80 0.85
C ALA E 14 39.83 -0.36 1.20
N ASN E 15 39.46 0.86 0.81
CA ASN E 15 38.09 1.36 0.96
C ASN E 15 37.19 0.90 -0.22
N ALA E 16 37.76 0.22 -1.22
CA ALA E 16 37.00 -0.22 -2.40
C ALA E 16 37.38 -1.65 -2.78
N CYS E 17 37.41 -2.55 -1.79
CA CYS E 17 37.70 -3.95 -2.08
C CYS E 17 36.68 -4.52 -3.04
N PRO E 18 37.10 -5.48 -3.86
CA PRO E 18 36.21 -6.05 -4.86
C PRO E 18 35.62 -7.37 -4.40
N ASP E 19 34.87 -8.02 -5.28
CA ASP E 19 34.23 -9.33 -4.98
C ASP E 19 35.25 -10.47 -4.97
N ALA E 20 36.33 -10.30 -5.73
CA ALA E 20 37.42 -11.29 -5.76
C ALA E 20 38.76 -10.71 -6.27
N ILE E 21 39.85 -11.36 -5.87
CA ILE E 21 41.20 -10.98 -6.30
C ILE E 21 41.87 -12.17 -6.98
N LEU E 22 42.40 -11.91 -8.17
CA LEU E 22 43.19 -12.92 -8.92
C LEU E 22 44.66 -12.58 -8.92
N ILE E 23 45.48 -13.49 -8.41
CA ILE E 23 46.93 -13.35 -8.49
C ILE E 23 47.46 -14.35 -9.51
N PHE E 24 48.21 -13.88 -10.51
CA PHE E 24 48.71 -14.75 -11.57
C PHE E 24 50.22 -14.64 -11.81
N ALA E 25 50.88 -15.78 -11.97
CA ALA E 25 52.30 -15.83 -12.32
C ALA E 25 52.48 -16.41 -13.72
N ARG E 26 53.18 -15.66 -14.56
CA ARG E 26 53.35 -15.98 -15.99
C ARG E 26 54.43 -17.03 -16.24
N GLY E 27 54.51 -17.46 -17.50
CA GLY E 27 55.49 -18.44 -17.93
C GLY E 27 56.85 -17.84 -18.28
N SER E 28 57.84 -18.70 -18.46
CA SER E 28 59.21 -18.25 -18.74
C SER E 28 59.22 -17.45 -20.04
N THR E 29 59.89 -16.30 -20.00
CA THR E 29 60.09 -15.37 -21.14
C THR E 29 58.84 -14.59 -21.53
N GLU E 30 57.69 -14.79 -20.88
CA GLU E 30 56.50 -14.02 -21.26
C GLU E 30 56.69 -12.55 -20.83
N PRO E 31 56.17 -11.62 -21.63
CA PRO E 31 56.26 -10.20 -21.33
C PRO E 31 55.34 -9.76 -20.19
N GLY E 32 55.58 -8.55 -19.68
CA GLY E 32 54.72 -7.94 -18.67
C GLY E 32 54.80 -8.70 -17.37
N ASN E 33 53.70 -8.70 -16.64
CA ASN E 33 53.55 -9.55 -15.44
C ASN E 33 52.41 -10.59 -15.57
N MET E 34 51.62 -10.52 -16.65
CA MET E 34 50.56 -11.48 -16.90
C MET E 34 50.89 -12.40 -18.04
N GLY E 35 51.87 -12.00 -18.85
CA GLY E 35 52.13 -12.74 -20.09
C GLY E 35 51.03 -12.46 -21.11
N ILE E 36 51.02 -13.22 -22.19
CA ILE E 36 50.07 -12.98 -23.26
C ILE E 36 49.28 -14.21 -23.69
N THR E 37 49.45 -15.32 -23.01
CA THR E 37 48.71 -16.52 -23.35
C THR E 37 47.69 -16.84 -22.28
N VAL E 38 48.10 -17.65 -21.33
CA VAL E 38 47.22 -18.19 -20.28
C VAL E 38 46.69 -17.10 -19.34
N GLY E 39 47.54 -16.17 -18.94
CA GLY E 39 47.16 -15.15 -17.96
C GLY E 39 45.94 -14.31 -18.37
N PRO E 40 46.02 -13.64 -19.51
CA PRO E 40 44.89 -12.87 -20.00
C PRO E 40 43.68 -13.72 -20.26
N ALA E 41 43.86 -14.93 -20.77
CA ALA E 41 42.73 -15.84 -20.98
C ALA E 41 41.97 -16.15 -19.69
N LEU E 42 42.71 -16.39 -18.63
CA LEU E 42 42.12 -16.71 -17.35
C LEU E 42 41.44 -15.49 -16.74
N ALA E 43 42.11 -14.35 -16.83
CA ALA E 43 41.57 -13.11 -16.29
C ALA E 43 40.27 -12.79 -17.00
N ASN E 44 40.29 -12.94 -18.31
CA ASN E 44 39.13 -12.73 -19.13
C ASN E 44 37.95 -13.60 -18.75
N GLY E 45 38.20 -14.89 -18.61
CA GLY E 45 37.15 -15.88 -18.36
C GLY E 45 36.51 -15.64 -17.01
N LEU E 46 37.32 -15.26 -16.06
CA LEU E 46 36.88 -15.06 -14.71
C LEU E 46 36.08 -13.76 -14.58
N GLU E 47 36.49 -12.75 -15.34
CA GLU E 47 35.77 -11.49 -15.39
C GLU E 47 34.38 -11.61 -16.01
N SER E 48 34.20 -12.59 -16.88
CA SER E 48 32.89 -12.89 -17.43
C SER E 48 31.90 -13.44 -16.39
N HIS E 49 32.40 -13.96 -15.27
CA HIS E 49 31.57 -14.50 -14.21
C HIS E 49 31.48 -13.60 -13.00
N ILE E 50 32.47 -12.75 -12.81
CA ILE E 50 32.59 -11.92 -11.62
C ILE E 50 33.09 -10.58 -12.09
N ARG E 51 32.17 -9.63 -12.25
CA ARG E 51 32.48 -8.36 -12.92
C ARG E 51 33.42 -7.48 -12.08
N ASN E 52 33.27 -7.50 -10.76
CA ASN E 52 34.06 -6.64 -9.89
C ASN E 52 35.21 -7.42 -9.29
N ILE E 53 36.37 -7.29 -9.92
CA ILE E 53 37.53 -8.15 -9.65
C ILE E 53 38.83 -7.36 -9.78
N TRP E 54 39.79 -7.62 -8.90
CA TRP E 54 41.14 -7.07 -9.06
C TRP E 54 42.05 -8.13 -9.65
N ILE E 55 42.88 -7.72 -10.60
CA ILE E 55 43.79 -8.63 -11.28
C ILE E 55 45.24 -8.20 -11.07
N GLN E 56 46.07 -9.13 -10.64
CA GLN E 56 47.43 -8.84 -10.27
C GLN E 56 48.40 -9.86 -10.86
N GLY E 57 49.31 -9.39 -11.70
CA GLY E 57 50.42 -10.22 -12.16
C GLY E 57 51.50 -10.26 -11.08
N VAL E 58 52.32 -11.30 -11.09
CA VAL E 58 53.50 -11.35 -10.21
C VAL E 58 54.70 -10.82 -10.96
N GLY E 59 55.13 -9.61 -10.59
CA GLY E 59 56.25 -8.91 -11.25
C GLY E 59 57.40 -8.80 -10.25
N GLY E 60 57.90 -7.59 -10.05
CA GLY E 60 59.00 -7.37 -9.14
C GLY E 60 60.23 -8.10 -9.61
N PRO E 61 60.88 -8.87 -8.72
CA PRO E 61 62.04 -9.64 -9.17
C PRO E 61 61.75 -10.71 -10.22
N TYR E 62 60.49 -11.13 -10.37
CA TYR E 62 60.18 -12.24 -11.24
C TYR E 62 60.26 -11.77 -12.66
N ASP E 63 61.45 -11.95 -13.23
CA ASP E 63 61.74 -11.63 -14.64
C ASP E 63 61.56 -12.81 -15.59
N ALA E 64 61.02 -13.94 -15.09
CA ALA E 64 60.62 -15.08 -15.93
C ALA E 64 61.77 -15.62 -16.78
N ALA E 65 62.94 -15.69 -16.15
CA ALA E 65 64.16 -16.13 -16.82
C ALA E 65 64.15 -17.64 -17.04
N LEU E 66 64.78 -18.10 -18.12
CA LEU E 66 64.92 -19.55 -18.39
C LEU E 66 65.77 -20.26 -17.33
N ALA E 67 66.90 -19.65 -16.96
CA ALA E 67 67.86 -20.28 -16.04
C ALA E 67 67.26 -20.67 -14.71
N THR E 68 66.40 -19.83 -14.20
CA THR E 68 65.83 -20.07 -12.89
C THR E 68 64.94 -21.35 -12.75
N ASN E 69 64.46 -21.86 -13.87
CA ASN E 69 63.73 -23.13 -13.89
C ASN E 69 64.52 -24.26 -13.28
N PHE E 70 65.85 -24.15 -13.35
CA PHE E 70 66.74 -25.23 -12.91
C PHE E 70 67.11 -25.18 -11.43
N LEU E 71 66.58 -24.21 -10.68
CA LEU E 71 66.74 -24.20 -9.25
C LEU E 71 65.84 -25.24 -8.60
N PRO E 72 66.15 -25.59 -7.34
CA PRO E 72 65.25 -26.49 -6.64
C PRO E 72 63.94 -25.76 -6.41
N ARG E 73 62.88 -26.51 -6.64
CA ARG E 73 61.50 -26.07 -6.58
C ARG E 73 60.96 -25.41 -7.84
N GLY E 74 61.82 -25.24 -8.84
CA GLY E 74 61.40 -24.81 -10.17
C GLY E 74 61.47 -23.32 -10.41
N THR E 75 61.84 -22.58 -9.37
CA THR E 75 62.16 -21.15 -9.50
C THR E 75 62.97 -20.65 -8.28
N SER E 76 63.38 -19.38 -8.33
CA SER E 76 64.18 -18.76 -7.27
C SER E 76 63.35 -18.46 -6.03
N GLN E 77 64.00 -18.34 -4.89
CA GLN E 77 63.34 -17.96 -3.64
C GLN E 77 62.88 -16.48 -3.68
N ALA E 78 63.65 -15.62 -4.33
CA ALA E 78 63.28 -14.23 -4.51
C ALA E 78 61.90 -14.12 -5.14
N ASN E 79 61.66 -14.98 -6.14
CA ASN E 79 60.41 -15.00 -6.88
C ASN E 79 59.26 -15.50 -6.02
N ILE E 80 59.54 -16.58 -5.31
CA ILE E 80 58.57 -17.18 -4.42
C ILE E 80 58.12 -16.14 -3.40
N ASP E 81 59.10 -15.38 -2.90
CA ASP E 81 58.86 -14.38 -1.85
C ASP E 81 58.00 -13.24 -2.35
N GLU E 82 58.22 -12.83 -3.59
CA GLU E 82 57.39 -11.81 -4.18
C GLU E 82 55.94 -12.28 -4.26
N GLY E 83 55.75 -13.56 -4.57
CA GLY E 83 54.42 -14.14 -4.58
C GLY E 83 53.79 -14.09 -3.21
N LYS E 84 54.55 -14.51 -2.20
CA LYS E 84 54.09 -14.47 -0.80
C LYS E 84 53.72 -13.06 -0.34
N ARG E 85 54.48 -12.07 -0.79
CA ARG E 85 54.21 -10.69 -0.45
C ARG E 85 52.83 -10.27 -0.92
N LEU E 86 52.52 -10.60 -2.17
CA LEU E 86 51.25 -10.23 -2.76
C LEU E 86 50.07 -10.89 -2.04
N PHE E 87 50.22 -12.13 -1.63
CA PHE E 87 49.16 -12.80 -0.89
C PHE E 87 48.91 -12.10 0.44
N ALA E 88 49.99 -11.65 1.08
CA ALA E 88 49.92 -10.94 2.36
C ALA E 88 49.32 -9.55 2.19
N LEU E 89 49.66 -8.89 1.10
CA LEU E 89 49.08 -7.61 0.79
C LEU E 89 47.58 -7.71 0.56
N ALA E 90 47.12 -8.82 -0.04
CA ALA E 90 45.68 -9.02 -0.28
C ALA E 90 44.95 -9.16 1.05
N ASN E 91 45.59 -9.85 1.97
CA ASN E 91 45.03 -10.06 3.28
C ASN E 91 44.96 -8.78 4.12
N GLN E 92 45.99 -7.94 3.97
CA GLN E 92 46.06 -6.62 4.62
C GLN E 92 45.02 -5.65 4.08
N LYS E 93 44.98 -5.48 2.77
CA LYS E 93 44.01 -4.59 2.17
C LYS E 93 42.55 -5.05 2.30
N CYS E 94 42.28 -6.34 2.14
CA CYS E 94 40.91 -6.82 1.92
C CYS E 94 40.74 -8.20 2.51
N PRO E 95 40.91 -8.32 3.83
CA PRO E 95 40.89 -9.65 4.47
C PRO E 95 39.62 -10.47 4.22
N ASN E 96 38.53 -9.80 3.86
CA ASN E 96 37.24 -10.47 3.68
C ASN E 96 36.93 -10.83 2.25
N THR E 97 37.78 -10.38 1.34
CA THR E 97 37.65 -10.68 -0.07
C THR E 97 38.32 -12.01 -0.41
N PRO E 98 37.60 -12.90 -1.10
CA PRO E 98 38.24 -14.17 -1.48
C PRO E 98 39.33 -13.97 -2.55
N VAL E 99 40.40 -14.75 -2.43
CA VAL E 99 41.52 -14.70 -3.36
C VAL E 99 41.56 -16.00 -4.15
N VAL E 100 41.75 -15.90 -5.44
CA VAL E 100 42.11 -17.06 -6.25
C VAL E 100 43.44 -16.80 -6.92
N ALA E 101 44.10 -17.87 -7.34
CA ALA E 101 45.42 -17.75 -7.97
C ALA E 101 45.60 -18.68 -9.16
N GLY E 102 46.51 -18.29 -10.02
CA GLY E 102 46.86 -19.08 -11.18
C GLY E 102 48.33 -18.98 -11.51
N GLY E 103 48.82 -19.98 -12.22
CA GLY E 103 50.18 -19.98 -12.69
C GLY E 103 50.39 -20.87 -13.89
N TYR E 104 51.30 -20.45 -14.76
CA TYR E 104 51.61 -21.20 -15.97
C TYR E 104 53.12 -21.50 -16.05
N SER E 105 53.44 -22.76 -16.32
CA SER E 105 54.82 -23.16 -16.56
C SER E 105 55.65 -22.76 -15.32
N GLN E 106 56.71 -21.97 -15.47
CA GLN E 106 57.50 -21.60 -14.30
C GLN E 106 56.66 -20.87 -13.25
N GLY E 107 55.70 -20.08 -13.71
CA GLY E 107 54.78 -19.40 -12.80
C GLY E 107 53.94 -20.33 -11.94
N ALA E 108 53.66 -21.52 -12.47
CA ALA E 108 52.98 -22.56 -11.70
C ALA E 108 53.87 -23.05 -10.54
N ALA E 109 55.13 -23.31 -10.84
CA ALA E 109 56.09 -23.65 -9.81
C ALA E 109 56.12 -22.58 -8.72
N LEU E 110 56.14 -21.32 -9.16
CA LEU E 110 56.22 -20.15 -8.27
C LEU E 110 55.04 -20.12 -7.31
N ILE E 111 53.84 -20.16 -7.87
CA ILE E 111 52.62 -20.06 -7.10
C ILE E 111 52.48 -21.22 -6.15
N ALA E 112 52.83 -22.41 -6.62
CA ALA E 112 52.68 -23.61 -5.81
C ALA E 112 53.53 -23.50 -4.56
N ALA E 113 54.77 -23.06 -4.76
CA ALA E 113 55.71 -22.89 -3.67
C ALA E 113 55.25 -21.84 -2.66
N ALA E 114 54.86 -20.67 -3.18
CA ALA E 114 54.40 -19.56 -2.37
C ALA E 114 53.18 -19.94 -1.51
N VAL E 115 52.19 -20.59 -2.12
CA VAL E 115 51.00 -21.02 -1.41
C VAL E 115 51.36 -22.00 -0.28
N SER E 116 52.29 -22.91 -0.54
CA SER E 116 52.65 -23.93 0.45
C SER E 116 53.23 -23.32 1.72
N GLU E 117 53.95 -22.20 1.56
CA GLU E 117 54.59 -21.51 2.69
C GLU E 117 53.68 -20.47 3.39
N LEU E 118 52.43 -20.33 2.94
CA LEU E 118 51.51 -19.35 3.55
C LEU E 118 50.96 -19.86 4.88
N SER E 119 50.51 -18.92 5.69
CA SER E 119 50.26 -19.14 7.11
C SER E 119 48.81 -18.92 7.44
N GLY E 120 48.18 -19.95 7.97
CA GLY E 120 46.89 -19.81 8.65
C GLY E 120 45.82 -18.98 7.95
N ALA E 121 45.65 -17.74 8.41
CA ALA E 121 44.58 -16.85 7.89
C ALA E 121 44.76 -16.50 6.42
N VAL E 122 46.01 -16.18 6.05
CA VAL E 122 46.38 -15.77 4.68
C VAL E 122 46.10 -16.94 3.71
N LYS E 123 46.45 -18.15 4.13
CA LYS E 123 46.21 -19.35 3.33
C LYS E 123 44.71 -19.64 3.17
N GLU E 124 43.95 -19.41 4.22
CA GLU E 124 42.52 -19.70 4.24
C GLU E 124 41.82 -18.81 3.23
N GLN E 125 42.34 -17.58 3.07
CA GLN E 125 41.79 -16.62 2.14
C GLN E 125 41.89 -17.06 0.66
N VAL E 126 42.91 -17.88 0.33
CA VAL E 126 43.04 -18.39 -1.07
C VAL E 126 42.13 -19.60 -1.30
N LYS E 127 40.99 -19.31 -1.94
CA LYS E 127 39.90 -20.26 -2.08
C LYS E 127 40.12 -21.28 -3.17
N GLY E 128 41.07 -21.02 -4.04
CA GLY E 128 41.27 -21.89 -5.19
C GLY E 128 42.49 -21.50 -5.98
N VAL E 129 43.15 -22.51 -6.54
CA VAL E 129 44.36 -22.32 -7.36
C VAL E 129 44.36 -23.16 -8.63
N ALA E 130 44.61 -22.54 -9.77
CA ALA E 130 44.72 -23.27 -11.03
C ALA E 130 46.13 -23.21 -11.56
N LEU E 131 46.66 -24.38 -11.90
CA LEU E 131 48.00 -24.51 -12.44
C LEU E 131 47.97 -25.09 -13.85
N PHE E 132 48.83 -24.60 -14.73
CA PHE E 132 48.87 -25.03 -16.13
C PHE E 132 50.30 -25.38 -16.51
N GLY E 133 50.51 -26.53 -17.15
CA GLY E 133 51.84 -26.95 -17.53
C GLY E 133 52.76 -26.91 -16.32
N TYR E 134 52.33 -27.59 -15.28
CA TYR E 134 52.95 -27.54 -13.97
C TYR E 134 54.30 -28.26 -13.95
N THR E 135 55.39 -27.51 -13.75
CA THR E 135 56.74 -28.07 -13.86
C THR E 135 57.15 -28.94 -12.70
N GLN E 136 56.44 -28.83 -11.59
CA GLN E 136 56.68 -29.66 -10.39
C GLN E 136 55.56 -30.66 -10.18
N ASN E 137 54.84 -31.00 -11.24
CA ASN E 137 53.70 -31.92 -11.13
C ASN E 137 54.11 -33.30 -10.62
N LEU E 138 55.22 -33.80 -11.13
CA LEU E 138 55.72 -35.08 -10.66
C LEU E 138 56.26 -34.98 -9.23
N GLN E 139 57.15 -34.04 -9.01
CA GLN E 139 57.80 -33.81 -7.72
C GLN E 139 56.80 -33.59 -6.60
N ASN E 140 55.74 -32.84 -6.85
CA ASN E 140 54.70 -32.58 -5.83
C ASN E 140 53.47 -33.45 -5.97
N ARG E 141 53.60 -34.51 -6.77
CA ARG E 141 52.63 -35.57 -6.84
C ARG E 141 51.25 -35.03 -7.22
N GLY E 142 51.20 -34.11 -8.17
CA GLY E 142 49.92 -33.62 -8.68
C GLY E 142 49.24 -32.52 -7.90
N GLY E 143 49.89 -32.00 -6.87
CA GLY E 143 49.26 -31.02 -5.99
C GLY E 143 50.18 -29.95 -5.49
N ILE E 144 49.67 -29.20 -4.52
CA ILE E 144 50.46 -28.19 -3.82
C ILE E 144 50.63 -28.66 -2.37
N PRO E 145 51.88 -28.81 -1.91
CA PRO E 145 52.18 -29.10 -0.51
C PRO E 145 51.41 -28.21 0.50
N ASN E 146 50.80 -28.83 1.52
CA ASN E 146 50.05 -28.10 2.55
C ASN E 146 48.90 -27.27 2.02
N TYR E 147 48.26 -27.72 0.93
CA TYR E 147 47.12 -26.99 0.43
C TYR E 147 46.07 -27.98 -0.03
N PRO E 148 44.82 -27.79 0.41
CA PRO E 148 43.78 -28.77 0.15
C PRO E 148 43.75 -29.16 -1.31
N ARG E 149 43.69 -30.44 -1.58
CA ARG E 149 43.56 -30.91 -2.94
C ARG E 149 42.26 -30.44 -3.59
N GLU E 150 41.20 -30.22 -2.83
CA GLU E 150 39.90 -29.86 -3.45
C GLU E 150 39.87 -28.42 -3.90
N ARG E 151 40.79 -27.62 -3.39
CA ARG E 151 40.95 -26.23 -3.81
C ARG E 151 41.95 -26.08 -4.95
N THR E 152 42.59 -27.19 -5.32
CA THR E 152 43.60 -27.23 -6.37
C THR E 152 43.07 -27.85 -7.65
N LYS E 153 43.48 -27.32 -8.79
CA LYS E 153 43.14 -27.87 -10.07
C LYS E 153 44.36 -27.74 -10.98
N VAL E 154 44.88 -28.87 -11.47
CA VAL E 154 46.07 -28.90 -12.31
C VAL E 154 45.73 -29.29 -13.74
N PHE E 155 46.11 -28.44 -14.69
CA PHE E 155 46.00 -28.76 -16.09
C PHE E 155 47.37 -29.14 -16.60
N CYS E 156 47.51 -30.42 -16.94
CA CYS E 156 48.74 -30.96 -17.48
C CYS E 156 48.39 -31.81 -18.66
N ASN E 157 48.48 -31.25 -19.87
CA ASN E 157 48.11 -31.95 -21.09
C ASN E 157 48.90 -33.23 -21.25
N VAL E 158 48.31 -34.17 -21.97
CA VAL E 158 48.91 -35.49 -22.12
C VAL E 158 50.29 -35.55 -22.72
N GLY E 159 50.61 -34.78 -23.74
CA GLY E 159 51.97 -34.85 -24.22
C GLY E 159 52.92 -33.82 -23.65
N ASP E 160 52.53 -33.17 -22.57
CA ASP E 160 53.32 -32.09 -22.00
C ASP E 160 54.37 -32.65 -21.04
N ALA E 161 55.59 -32.73 -21.55
CA ALA E 161 56.69 -33.38 -20.85
C ALA E 161 57.07 -32.78 -19.49
N VAL E 162 56.73 -31.52 -19.22
CA VAL E 162 57.17 -30.92 -17.98
C VAL E 162 56.38 -31.52 -16.83
N CYS E 163 55.25 -32.09 -17.17
CA CYS E 163 54.34 -32.66 -16.21
C CYS E 163 54.86 -33.99 -15.69
N THR E 164 55.75 -34.61 -16.45
CA THR E 164 56.39 -35.87 -16.06
C THR E 164 57.87 -35.66 -15.74
N GLY E 165 58.20 -34.55 -15.11
CA GLY E 165 59.54 -34.34 -14.56
C GLY E 165 60.69 -34.03 -15.51
N THR E 166 60.37 -33.60 -16.72
CA THR E 166 61.37 -33.24 -17.74
C THR E 166 61.21 -31.81 -18.20
N LEU E 167 62.27 -31.03 -18.26
CA LEU E 167 62.11 -29.65 -18.74
C LEU E 167 62.32 -29.52 -20.26
N ILE E 168 61.49 -30.23 -21.07
CA ILE E 168 61.35 -30.30 -22.59
C ILE E 168 60.06 -29.60 -23.02
N ILE E 169 60.13 -28.77 -24.05
CA ILE E 169 58.93 -28.06 -24.48
C ILE E 169 58.37 -28.66 -25.73
N THR E 170 57.23 -29.30 -25.57
CA THR E 170 56.49 -29.87 -26.68
C THR E 170 55.34 -28.94 -27.02
N PRO E 171 54.69 -29.18 -28.17
CA PRO E 171 53.53 -28.36 -28.55
C PRO E 171 52.37 -28.39 -27.55
N ALA E 172 52.22 -29.51 -26.85
CA ALA E 172 51.20 -29.63 -25.82
C ALA E 172 51.37 -28.61 -24.68
N HIS E 173 52.60 -28.19 -24.41
CA HIS E 173 52.88 -27.18 -23.38
C HIS E 173 52.39 -25.78 -23.77
N LEU E 174 52.11 -25.56 -25.05
CA LEU E 174 51.76 -24.23 -25.56
C LEU E 174 50.27 -24.06 -25.76
N SER E 175 49.50 -24.90 -25.11
CA SER E 175 48.13 -25.10 -25.52
C SER E 175 47.18 -25.19 -24.32
N TYR E 176 47.07 -24.10 -23.58
CA TYR E 176 46.23 -24.09 -22.38
C TYR E 176 45.25 -22.92 -22.37
N THR E 177 45.12 -22.17 -23.47
CA THR E 177 44.32 -20.94 -23.41
C THR E 177 42.84 -21.28 -23.32
N ILE E 178 42.39 -22.34 -23.96
CA ILE E 178 40.98 -22.72 -23.90
C ILE E 178 40.58 -23.21 -22.51
N GLU E 179 41.40 -24.09 -21.95
CA GLU E 179 41.23 -24.66 -20.61
C GLU E 179 41.25 -23.47 -19.59
N ALA E 180 42.05 -22.45 -19.84
CA ALA E 180 42.14 -21.30 -18.93
C ALA E 180 40.89 -20.40 -18.97
N ARG E 181 40.42 -20.09 -20.17
CA ARG E 181 39.26 -19.22 -20.35
C ARG E 181 37.99 -19.89 -19.91
N GLY E 182 37.90 -21.19 -20.14
CA GLY E 182 36.69 -21.94 -19.89
C GLY E 182 36.68 -22.67 -18.57
N GLU E 183 37.20 -23.89 -18.58
CA GLU E 183 37.05 -24.80 -17.45
C GLU E 183 37.67 -24.30 -16.17
N ALA E 184 38.87 -23.71 -16.28
CA ALA E 184 39.60 -23.19 -15.13
C ALA E 184 38.91 -22.00 -14.49
N ALA E 185 38.33 -21.14 -15.30
CA ALA E 185 37.63 -19.97 -14.79
C ALA E 185 36.38 -20.40 -14.04
N ARG E 186 35.65 -21.36 -14.61
CA ARG E 186 34.49 -21.94 -13.93
C ARG E 186 34.87 -22.56 -12.60
N PHE E 187 35.95 -23.31 -12.59
CA PHE E 187 36.44 -23.92 -11.35
C PHE E 187 36.67 -22.87 -10.26
N LEU E 188 37.38 -21.79 -10.60
CA LEU E 188 37.71 -20.75 -9.62
C LEU E 188 36.49 -19.96 -9.18
N ARG E 189 35.57 -19.73 -10.11
CA ARG E 189 34.29 -19.11 -9.76
C ARG E 189 33.52 -19.94 -8.72
N ASP E 190 33.40 -21.23 -8.99
CA ASP E 190 32.79 -22.16 -8.05
C ASP E 190 33.45 -22.10 -6.68
N ARG E 191 34.77 -22.08 -6.66
CA ARG E 191 35.52 -22.02 -5.40
C ARG E 191 35.29 -20.70 -4.61
N ILE E 192 34.91 -19.65 -5.29
CA ILE E 192 34.57 -18.40 -4.64
C ILE E 192 33.18 -18.43 -3.97
N ARG E 193 32.31 -19.37 -4.31
CA ARG E 193 31.05 -19.62 -3.56
C ARG E 193 31.05 -20.98 -2.79
N GLN F 1 -24.40 -23.75 35.38
CA GLN F 1 -24.30 -22.29 35.11
C GLN F 1 -25.18 -21.79 33.97
N LEU F 2 -25.54 -22.56 32.94
CA LEU F 2 -26.54 -22.12 31.89
C LEU F 2 -26.30 -20.81 31.17
N GLY F 3 -25.02 -20.51 30.99
CA GLY F 3 -24.54 -19.40 30.22
C GLY F 3 -24.57 -18.14 31.14
N ALA F 4 -24.71 -18.29 32.47
CA ALA F 4 -24.94 -17.13 33.35
C ALA F 4 -23.68 -16.42 33.83
N ILE F 5 -22.55 -17.09 33.73
CA ILE F 5 -21.26 -16.48 34.06
C ILE F 5 -20.32 -16.64 32.89
N GLU F 6 -19.76 -15.52 32.45
CA GLU F 6 -18.85 -15.49 31.32
C GLU F 6 -17.75 -14.47 31.58
N ASN F 7 -16.50 -14.91 31.44
CA ASN F 7 -15.34 -14.08 31.71
C ASN F 7 -14.27 -14.19 30.64
N GLY F 8 -14.70 -14.28 29.41
CA GLY F 8 -13.80 -14.59 28.32
C GLY F 8 -12.76 -13.53 28.09
N LEU F 9 -13.13 -12.29 28.36
CA LEU F 9 -12.24 -11.15 28.19
C LEU F 9 -11.27 -11.06 29.34
N GLU F 10 -11.75 -11.26 30.55
CA GLU F 10 -10.86 -11.22 31.69
C GLU F 10 -9.83 -12.33 31.71
N SER F 11 -10.24 -13.54 31.36
CA SER F 11 -9.32 -14.66 31.41
C SER F 11 -8.65 -14.90 30.04
N GLY F 12 -9.13 -14.26 28.99
CA GLY F 12 -8.52 -14.45 27.67
C GLY F 12 -7.13 -13.81 27.62
N SER F 13 -6.23 -14.40 26.83
CA SER F 13 -4.86 -13.89 26.72
C SER F 13 -4.63 -13.13 25.41
N ALA F 14 -3.76 -12.12 25.46
CA ALA F 14 -3.56 -11.17 24.33
C ALA F 14 -2.84 -11.75 23.13
N ASN F 15 -2.24 -12.92 23.33
CA ASN F 15 -1.61 -13.65 22.22
C ASN F 15 -2.65 -14.49 21.44
N ALA F 16 -3.92 -14.50 21.88
CA ALA F 16 -4.98 -15.29 21.21
C ALA F 16 -6.29 -14.51 21.10
N CYS F 17 -6.19 -13.27 20.61
CA CYS F 17 -7.38 -12.45 20.44
C CYS F 17 -8.33 -13.11 19.47
N PRO F 18 -9.63 -12.88 19.67
CA PRO F 18 -10.62 -13.51 18.83
C PRO F 18 -11.09 -12.59 17.73
N ASP F 19 -12.08 -13.04 16.97
CA ASP F 19 -12.65 -12.25 15.89
C ASP F 19 -13.52 -11.10 16.41
N ALA F 20 -14.11 -11.30 17.60
CA ALA F 20 -14.95 -10.29 18.24
C ALA F 20 -15.07 -10.47 19.73
N ILE F 21 -15.38 -9.38 20.42
CA ILE F 21 -15.62 -9.38 21.84
C ILE F 21 -17.02 -8.83 22.15
N LEU F 22 -17.78 -9.57 22.96
CA LEU F 22 -19.09 -9.11 23.45
C LEU F 22 -19.03 -8.76 24.93
N ILE F 23 -19.39 -7.52 25.25
CA ILE F 23 -19.53 -7.11 26.64
C ILE F 23 -21.03 -6.91 26.95
N PHE F 24 -21.51 -7.59 27.99
CA PHE F 24 -22.93 -7.56 28.32
C PHE F 24 -23.22 -7.19 29.78
N ALA F 25 -24.21 -6.33 29.99
CA ALA F 25 -24.68 -5.98 31.33
C ALA F 25 -26.10 -6.48 31.52
N ARG F 26 -26.28 -7.26 32.58
CA ARG F 26 -27.56 -7.90 32.89
C ARG F 26 -28.58 -6.98 33.54
N GLY F 27 -29.79 -7.50 33.69
CA GLY F 27 -30.90 -6.75 34.31
C GLY F 27 -30.93 -6.85 35.83
N SER F 28 -31.77 -6.04 36.46
CA SER F 28 -31.85 -5.97 37.92
C SER F 28 -32.28 -7.34 38.46
N THR F 29 -31.57 -7.79 39.49
CA THR F 29 -31.81 -9.06 40.19
C THR F 29 -31.43 -10.33 39.41
N GLU F 30 -30.92 -10.22 38.18
CA GLU F 30 -30.49 -11.42 37.48
C GLU F 30 -29.23 -12.00 38.08
N PRO F 31 -29.11 -13.33 38.05
CA PRO F 31 -27.94 -14.01 38.61
C PRO F 31 -26.69 -13.92 37.72
N GLY F 32 -25.53 -14.28 38.29
CA GLY F 32 -24.28 -14.31 37.55
C GLY F 32 -23.86 -12.93 37.12
N ASN F 33 -23.16 -12.88 36.00
CA ASN F 33 -22.84 -11.59 35.33
C ASN F 33 -23.44 -11.46 33.90
N MET F 34 -24.10 -12.51 33.41
CA MET F 34 -24.83 -12.46 32.15
C MET F 34 -26.33 -12.49 32.35
N GLY F 35 -26.80 -12.89 33.52
CA GLY F 35 -28.22 -13.15 33.74
C GLY F 35 -28.63 -14.45 33.03
N ILE F 36 -29.93 -14.70 32.94
CA ILE F 36 -30.39 -15.94 32.32
C ILE F 36 -31.41 -15.74 31.19
N THR F 37 -31.72 -14.51 30.84
CA THR F 37 -32.72 -14.23 29.80
C THR F 37 -32.01 -13.70 28.56
N VAL F 38 -31.92 -12.37 28.49
CA VAL F 38 -31.40 -11.67 27.30
C VAL F 38 -29.91 -11.94 27.04
N GLY F 39 -29.09 -11.93 28.07
CA GLY F 39 -27.66 -12.11 27.91
C GLY F 39 -27.23 -13.38 27.18
N PRO F 40 -27.60 -14.54 27.72
CA PRO F 40 -27.29 -15.80 27.07
C PRO F 40 -27.89 -15.90 25.68
N ALA F 41 -29.11 -15.40 25.51
CA ALA F 41 -29.76 -15.42 24.19
C ALA F 41 -28.91 -14.66 23.16
N LEU F 42 -28.41 -13.50 23.55
CA LEU F 42 -27.63 -12.67 22.66
C LEU F 42 -26.28 -13.30 22.37
N ALA F 43 -25.64 -13.82 23.41
CA ALA F 43 -24.35 -14.51 23.27
C ALA F 43 -24.48 -15.71 22.36
N ASN F 44 -25.55 -16.45 22.55
CA ASN F 44 -25.86 -17.59 21.71
C ASN F 44 -26.04 -17.25 20.26
N GLY F 45 -26.84 -16.23 20.00
CA GLY F 45 -27.18 -15.82 18.62
C GLY F 45 -25.95 -15.36 17.87
N LEU F 46 -25.11 -14.66 18.59
CA LEU F 46 -23.95 -14.08 18.02
C LEU F 46 -22.87 -15.13 17.76
N GLU F 47 -22.74 -16.13 18.66
CA GLU F 47 -21.81 -17.28 18.41
C GLU F 47 -22.24 -18.11 17.23
N SER F 48 -23.51 -18.11 16.88
CA SER F 48 -23.95 -18.81 15.67
C SER F 48 -23.45 -18.13 14.37
N HIS F 49 -23.06 -16.86 14.42
CA HIS F 49 -22.56 -16.11 13.25
C HIS F 49 -21.06 -15.91 13.27
N ILE F 50 -20.47 -15.93 14.45
CA ILE F 50 -19.06 -15.63 14.64
C ILE F 50 -18.53 -16.58 15.67
N ARG F 51 -17.87 -17.61 15.19
CA ARG F 51 -17.51 -18.74 16.00
C ARG F 51 -16.49 -18.38 17.07
N ASN F 52 -15.50 -17.58 16.68
CA ASN F 52 -14.39 -17.29 17.56
C ASN F 52 -14.62 -15.94 18.24
N ILE F 53 -15.13 -16.01 19.47
CA ILE F 53 -15.69 -14.85 20.15
C ILE F 53 -15.42 -14.93 21.65
N TRP F 54 -15.06 -13.82 22.27
CA TRP F 54 -14.99 -13.77 23.72
C TRP F 54 -16.25 -13.13 24.27
N ILE F 55 -16.77 -13.71 25.35
CA ILE F 55 -17.97 -13.22 25.98
C ILE F 55 -17.72 -12.78 27.43
N GLN F 56 -18.14 -11.57 27.77
CA GLN F 56 -17.84 -10.98 29.07
C GLN F 56 -19.09 -10.35 29.70
N GLY F 57 -19.50 -10.86 30.86
CA GLY F 57 -20.53 -10.21 31.63
C GLY F 57 -19.90 -9.05 32.39
N VAL F 58 -20.71 -8.07 32.78
CA VAL F 58 -20.26 -7.01 33.69
C VAL F 58 -20.60 -7.41 35.13
N GLY F 59 -19.57 -7.78 35.88
CA GLY F 59 -19.72 -8.21 37.26
C GLY F 59 -19.05 -7.20 38.16
N GLY F 60 -18.15 -7.66 39.02
CA GLY F 60 -17.50 -6.77 39.96
C GLY F 60 -18.50 -6.13 40.91
N PRO F 61 -18.45 -4.79 41.07
CA PRO F 61 -19.42 -4.14 41.94
C PRO F 61 -20.85 -4.21 41.46
N TYR F 62 -21.08 -4.54 40.19
CA TYR F 62 -22.44 -4.53 39.65
C TYR F 62 -23.20 -5.75 40.16
N ASP F 63 -23.89 -5.54 41.28
CA ASP F 63 -24.73 -6.55 41.91
C ASP F 63 -26.21 -6.49 41.48
N ALA F 64 -26.53 -5.67 40.49
CA ALA F 64 -27.85 -5.65 39.87
C ALA F 64 -28.98 -5.41 40.87
N ALA F 65 -28.72 -4.50 41.78
CA ALA F 65 -29.67 -4.19 42.83
C ALA F 65 -30.84 -3.39 42.29
N LEU F 66 -32.01 -3.54 42.91
CA LEU F 66 -33.18 -2.69 42.58
C LEU F 66 -32.99 -1.23 42.91
N ALA F 67 -32.44 -0.95 44.09
CA ALA F 67 -32.29 0.43 44.56
C ALA F 67 -31.52 1.31 43.59
N THR F 68 -30.45 0.77 43.00
CA THR F 68 -29.54 1.56 42.17
C THR F 68 -30.21 2.13 40.91
N ASN F 69 -31.35 1.56 40.51
CA ASN F 69 -32.14 2.12 39.39
C ASN F 69 -32.59 3.54 39.59
N PHE F 70 -32.75 3.92 40.85
CA PHE F 70 -33.21 5.26 41.21
C PHE F 70 -32.14 6.34 41.26
N LEU F 71 -30.88 5.99 41.01
CA LEU F 71 -29.84 7.00 40.96
C LEU F 71 -29.94 7.77 39.66
N PRO F 72 -29.36 8.99 39.63
CA PRO F 72 -29.31 9.67 38.35
C PRO F 72 -28.46 8.83 37.38
N ARG F 73 -29.00 8.75 36.18
CA ARG F 73 -28.47 7.97 35.07
C ARG F 73 -28.85 6.52 35.04
N GLY F 74 -29.59 6.08 36.05
CA GLY F 74 -30.24 4.78 36.02
C GLY F 74 -29.46 3.66 36.67
N THR F 75 -28.24 4.00 37.12
CA THR F 75 -27.41 3.12 37.92
C THR F 75 -26.29 3.93 38.65
N SER F 76 -25.53 3.23 39.49
CA SER F 76 -24.42 3.82 40.26
C SER F 76 -23.20 4.10 39.41
N GLN F 77 -22.36 5.02 39.87
CA GLN F 77 -21.12 5.35 39.15
C GLN F 77 -20.14 4.20 39.24
N ALA F 78 -20.14 3.50 40.37
CA ALA F 78 -19.27 2.36 40.55
C ALA F 78 -19.48 1.35 39.45
N ASN F 79 -20.75 1.17 39.10
CA ASN F 79 -21.17 0.18 38.08
C ASN F 79 -20.77 0.63 36.69
N ILE F 80 -21.00 1.90 36.44
CA ILE F 80 -20.60 2.52 35.18
C ILE F 80 -19.10 2.39 34.97
N ASP F 81 -18.35 2.60 36.04
CA ASP F 81 -16.91 2.55 35.98
C ASP F 81 -16.41 1.14 35.69
N GLU F 82 -17.06 0.14 36.26
CA GLU F 82 -16.70 -1.25 35.99
C GLU F 82 -16.93 -1.59 34.52
N GLY F 83 -17.99 -1.06 33.94
CA GLY F 83 -18.19 -1.15 32.51
C GLY F 83 -17.07 -0.50 31.70
N LYS F 84 -16.70 0.73 32.06
CA LYS F 84 -15.59 1.43 31.42
C LYS F 84 -14.26 0.69 31.50
N ARG F 85 -14.02 0.05 32.64
CA ARG F 85 -12.80 -0.73 32.84
C ARG F 85 -12.70 -1.83 31.80
N LEU F 86 -13.79 -2.56 31.62
CA LEU F 86 -13.82 -3.68 30.69
C LEU F 86 -13.61 -3.26 29.26
N PHE F 87 -14.18 -2.13 28.86
CA PHE F 87 -13.93 -1.59 27.51
C PHE F 87 -12.45 -1.23 27.29
N ALA F 88 -11.81 -0.69 28.34
CA ALA F 88 -10.40 -0.34 28.30
C ALA F 88 -9.53 -1.58 28.27
N LEU F 89 -9.95 -2.60 29.00
CA LEU F 89 -9.23 -3.85 29.02
C LEU F 89 -9.27 -4.53 27.66
N ALA F 90 -10.38 -4.39 26.96
CA ALA F 90 -10.48 -4.95 25.61
C ALA F 90 -9.49 -4.26 24.67
N ASN F 91 -9.36 -2.96 24.85
CA ASN F 91 -8.51 -2.16 24.00
C ASN F 91 -7.04 -2.43 24.28
N GLN F 92 -6.71 -2.67 25.54
CA GLN F 92 -5.38 -3.07 25.96
C GLN F 92 -4.98 -4.44 25.43
N LYS F 93 -5.84 -5.42 25.66
CA LYS F 93 -5.56 -6.80 25.23
C LYS F 93 -5.57 -6.98 23.72
N CYS F 94 -6.50 -6.35 23.05
CA CYS F 94 -6.81 -6.70 21.66
C CYS F 94 -7.28 -5.50 20.87
N PRO F 95 -6.41 -4.49 20.73
CA PRO F 95 -6.84 -3.20 20.16
C PRO F 95 -7.40 -3.31 18.75
N ASN F 96 -7.11 -4.40 18.06
CA ASN F 96 -7.56 -4.55 16.69
C ASN F 96 -8.81 -5.39 16.51
N THR F 97 -9.26 -5.98 17.62
CA THR F 97 -10.47 -6.79 17.63
C THR F 97 -11.70 -5.93 17.84
N PRO F 98 -12.70 -6.07 16.96
CA PRO F 98 -13.91 -5.29 17.18
C PRO F 98 -14.67 -5.71 18.44
N VAL F 99 -15.27 -4.73 19.11
CA VAL F 99 -16.06 -4.93 20.30
C VAL F 99 -17.51 -4.59 20.00
N VAL F 100 -18.41 -5.45 20.43
CA VAL F 100 -19.83 -5.13 20.46
C VAL F 100 -20.33 -5.25 21.91
N ALA F 101 -21.45 -4.59 22.20
CA ALA F 101 -21.98 -4.53 23.56
C ALA F 101 -23.48 -4.62 23.61
N GLY F 102 -23.96 -5.10 24.75
CA GLY F 102 -25.36 -5.22 24.98
C GLY F 102 -25.72 -4.94 26.41
N GLY F 103 -26.98 -4.60 26.64
CA GLY F 103 -27.47 -4.36 27.97
C GLY F 103 -28.96 -4.45 28.07
N TYR F 104 -29.42 -4.92 29.23
CA TYR F 104 -30.85 -5.14 29.48
C TYR F 104 -31.30 -4.44 30.73
N SER F 105 -32.38 -3.67 30.61
CA SER F 105 -32.99 -3.01 31.75
C SER F 105 -31.91 -2.17 32.41
N GLN F 106 -31.62 -2.38 33.69
CA GLN F 106 -30.64 -1.53 34.34
C GLN F 106 -29.27 -1.61 33.64
N GLY F 107 -28.96 -2.79 33.12
CA GLY F 107 -27.72 -3.00 32.39
C GLY F 107 -27.63 -2.16 31.15
N ALA F 108 -28.77 -1.85 30.55
CA ALA F 108 -28.81 -0.93 29.40
C ALA F 108 -28.39 0.50 29.81
N ALA F 109 -28.93 0.96 30.93
CA ALA F 109 -28.52 2.23 31.50
C ALA F 109 -27.00 2.26 31.72
N LEU F 110 -26.50 1.17 32.30
CA LEU F 110 -25.11 1.02 32.64
C LEU F 110 -24.24 1.15 31.40
N ILE F 111 -24.55 0.36 30.37
CA ILE F 111 -23.74 0.34 29.14
C ILE F 111 -23.82 1.65 28.40
N ALA F 112 -25.00 2.24 28.36
CA ALA F 112 -25.18 3.51 27.68
C ALA F 112 -24.29 4.59 28.28
N ALA F 113 -24.31 4.66 29.60
CA ALA F 113 -23.51 5.65 30.33
C ALA F 113 -22.05 5.43 30.09
N ALA F 114 -21.61 4.19 30.23
CA ALA F 114 -20.20 3.83 30.10
C ALA F 114 -19.67 4.17 28.69
N VAL F 115 -20.43 3.81 27.67
CA VAL F 115 -20.05 4.07 26.29
C VAL F 115 -19.93 5.58 26.05
N SER F 116 -20.84 6.36 26.61
CA SER F 116 -20.81 7.82 26.40
C SER F 116 -19.52 8.48 26.93
N GLU F 117 -18.99 7.95 28.02
CA GLU F 117 -17.79 8.51 28.66
C GLU F 117 -16.48 7.96 28.09
N LEU F 118 -16.55 7.07 27.11
CA LEU F 118 -15.34 6.47 26.53
C LEU F 118 -14.63 7.46 25.65
N SER F 119 -13.35 7.19 25.45
CA SER F 119 -12.45 8.15 24.84
C SER F 119 -11.89 7.67 23.50
N GLY F 120 -12.13 8.46 22.46
CA GLY F 120 -11.41 8.33 21.20
C GLY F 120 -11.24 6.93 20.66
N ALA F 121 -10.05 6.37 20.87
CA ALA F 121 -9.69 5.08 20.27
C ALA F 121 -10.58 3.97 20.80
N VAL F 122 -10.79 4.00 22.12
CA VAL F 122 -11.53 2.94 22.82
C VAL F 122 -12.98 2.93 22.37
N LYS F 123 -13.53 4.13 22.20
CA LYS F 123 -14.89 4.27 21.69
C LYS F 123 -15.02 3.77 20.24
N GLU F 124 -14.00 4.03 19.44
CA GLU F 124 -14.01 3.67 18.02
C GLU F 124 -14.05 2.16 17.88
N GLN F 125 -13.41 1.47 18.83
CA GLN F 125 -13.35 0.00 18.85
C GLN F 125 -14.74 -0.64 19.05
N VAL F 126 -15.64 0.07 19.71
CA VAL F 126 -16.99 -0.39 19.92
C VAL F 126 -17.86 -0.17 18.69
N LYS F 127 -18.04 -1.24 17.90
CA LYS F 127 -18.67 -1.15 16.57
C LYS F 127 -20.17 -1.14 16.59
N GLY F 128 -20.75 -1.50 17.72
CA GLY F 128 -22.20 -1.62 17.79
C GLY F 128 -22.67 -1.95 19.19
N VAL F 129 -23.85 -1.41 19.53
CA VAL F 129 -24.45 -1.59 20.85
C VAL F 129 -25.94 -1.87 20.75
N ALA F 130 -26.39 -2.95 21.40
CA ALA F 130 -27.82 -3.27 21.46
C ALA F 130 -28.36 -3.10 22.88
N LEU F 131 -29.45 -2.38 23.01
CA LEU F 131 -30.07 -2.10 24.29
C LEU F 131 -31.49 -2.65 24.30
N PHE F 132 -31.89 -3.20 25.44
CA PHE F 132 -33.19 -3.83 25.57
C PHE F 132 -33.87 -3.26 26.80
N GLY F 133 -35.14 -2.88 26.68
CA GLY F 133 -35.85 -2.34 27.81
C GLY F 133 -35.02 -1.24 28.42
N TYR F 134 -34.70 -0.28 27.58
CA TYR F 134 -33.78 0.82 27.92
C TYR F 134 -34.38 1.85 28.88
N THR F 135 -33.87 1.89 30.12
CA THR F 135 -34.50 2.70 31.21
C THR F 135 -34.27 4.20 31.05
N GLN F 136 -33.29 4.59 30.24
CA GLN F 136 -33.01 6.00 29.95
C GLN F 136 -33.37 6.35 28.49
N ASN F 137 -34.26 5.59 27.89
CA ASN F 137 -34.65 5.83 26.52
C ASN F 137 -35.22 7.23 26.31
N LEU F 138 -36.08 7.66 27.22
CA LEU F 138 -36.69 8.99 27.11
C LEU F 138 -35.65 10.07 27.39
N GLN F 139 -34.96 9.93 28.52
CA GLN F 139 -33.94 10.89 28.98
C GLN F 139 -32.83 11.08 27.98
N ASN F 140 -32.40 10.01 27.31
CA ASN F 140 -31.37 10.11 26.28
C ASN F 140 -31.88 10.14 24.84
N ARG F 141 -33.17 10.35 24.70
CA ARG F 141 -33.78 10.58 23.41
C ARG F 141 -33.54 9.46 22.42
N GLY F 142 -33.66 8.22 22.88
CA GLY F 142 -33.59 7.07 22.01
C GLY F 142 -32.20 6.60 21.64
N GLY F 143 -31.18 7.18 22.25
CA GLY F 143 -29.83 6.85 21.87
C GLY F 143 -28.86 6.86 23.01
N ILE F 144 -27.59 6.82 22.64
CA ILE F 144 -26.50 6.92 23.60
C ILE F 144 -25.78 8.25 23.31
N PRO F 145 -25.68 9.12 24.32
CA PRO F 145 -24.90 10.34 24.22
C PRO F 145 -23.48 10.11 23.67
N ASN F 146 -23.07 10.94 22.70
CA ASN F 146 -21.72 10.88 22.11
C ASN F 146 -21.42 9.57 21.43
N TYR F 147 -22.42 8.93 20.88
CA TYR F 147 -22.19 7.67 20.20
C TYR F 147 -23.07 7.63 18.95
N PRO F 148 -22.47 7.35 17.79
CA PRO F 148 -23.21 7.33 16.56
C PRO F 148 -24.52 6.59 16.64
N ARG F 149 -25.58 7.21 16.16
CA ARG F 149 -26.88 6.60 16.17
C ARG F 149 -26.91 5.36 15.26
N GLU F 150 -26.08 5.30 14.23
CA GLU F 150 -26.15 4.15 13.29
C GLU F 150 -25.48 2.89 13.85
N ARG F 151 -24.69 3.08 14.91
CA ARG F 151 -24.07 1.95 15.64
C ARG F 151 -24.94 1.48 16.81
N THR F 152 -26.04 2.17 17.05
CA THR F 152 -26.93 1.91 18.18
C THR F 152 -28.22 1.28 17.70
N LYS F 153 -28.73 0.35 18.47
CA LYS F 153 -30.02 -0.29 18.19
C LYS F 153 -30.76 -0.50 19.51
N VAL F 154 -31.95 0.10 19.65
CA VAL F 154 -32.69 0.05 20.88
C VAL F 154 -33.95 -0.76 20.70
N PHE F 155 -34.12 -1.80 21.52
CA PHE F 155 -35.36 -2.60 21.58
C PHE F 155 -36.18 -2.16 22.79
N CYS F 156 -37.30 -1.51 22.52
CA CYS F 156 -38.17 -0.99 23.53
C CYS F 156 -39.56 -1.38 23.10
N ASN F 157 -40.05 -2.49 23.62
CA ASN F 157 -41.38 -2.98 23.28
C ASN F 157 -42.50 -1.98 23.57
N VAL F 158 -43.57 -2.14 22.82
CA VAL F 158 -44.73 -1.28 22.93
C VAL F 158 -45.27 -1.74 24.25
N GLY F 159 -45.67 -0.86 25.13
CA GLY F 159 -46.17 -1.32 26.44
C GLY F 159 -45.08 -1.38 27.51
N ASP F 160 -43.80 -1.32 27.14
CA ASP F 160 -42.75 -1.36 28.13
C ASP F 160 -42.54 0.04 28.69
N ALA F 161 -43.09 0.25 29.88
CA ALA F 161 -43.18 1.58 30.49
C ALA F 161 -41.83 2.25 30.77
N VAL F 162 -40.75 1.46 30.86
CA VAL F 162 -39.47 2.06 31.27
C VAL F 162 -38.93 2.89 30.13
N CYS F 163 -39.44 2.56 28.94
CA CYS F 163 -39.01 3.21 27.73
C CYS F 163 -39.60 4.62 27.61
N THR F 164 -40.69 4.86 28.31
CA THR F 164 -41.30 6.19 28.35
C THR F 164 -41.08 6.87 29.72
N GLY F 165 -39.91 6.70 30.33
CA GLY F 165 -39.53 7.44 31.52
C GLY F 165 -40.16 7.07 32.87
N THR F 166 -40.73 5.88 32.96
CA THR F 166 -41.34 5.41 34.21
C THR F 166 -40.65 4.13 34.65
N LEU F 167 -40.25 4.04 35.92
CA LEU F 167 -39.67 2.77 36.38
C LEU F 167 -40.66 1.74 36.90
N ILE F 168 -41.53 1.26 36.03
CA ILE F 168 -42.34 0.13 36.44
C ILE F 168 -42.21 -1.02 35.50
N ILE F 169 -42.50 -2.20 36.04
CA ILE F 169 -42.35 -3.39 35.26
C ILE F 169 -43.66 -3.97 34.76
N THR F 170 -43.86 -3.90 33.44
CA THR F 170 -44.98 -4.56 32.79
C THR F 170 -44.50 -5.84 32.14
N PRO F 171 -45.44 -6.67 31.68
CA PRO F 171 -45.05 -7.92 31.02
C PRO F 171 -44.21 -7.71 29.77
N ALA F 172 -44.43 -6.60 29.09
CA ALA F 172 -43.65 -6.29 27.91
C ALA F 172 -42.14 -6.15 28.20
N HIS F 173 -41.80 -5.74 29.42
CA HIS F 173 -40.39 -5.63 29.82
C HIS F 173 -39.68 -6.98 29.97
N LEU F 174 -40.46 -8.08 30.07
CA LEU F 174 -39.92 -9.41 30.33
C LEU F 174 -39.80 -10.23 29.09
N SER F 175 -39.80 -9.58 27.95
CA SER F 175 -40.03 -10.24 26.70
C SER F 175 -39.08 -9.75 25.58
N TYR F 176 -37.79 -10.03 25.73
CA TYR F 176 -36.81 -9.61 24.72
C TYR F 176 -35.87 -10.75 24.27
N THR F 177 -36.16 -12.00 24.62
CA THR F 177 -35.23 -13.07 24.36
C THR F 177 -35.21 -13.46 22.86
N ILE F 178 -36.33 -13.38 22.18
CA ILE F 178 -36.35 -13.63 20.72
C ILE F 178 -35.58 -12.57 19.93
N GLU F 179 -35.84 -11.32 20.27
CA GLU F 179 -35.18 -10.21 19.62
C GLU F 179 -33.69 -10.31 19.83
N ALA F 180 -33.29 -10.77 21.00
CA ALA F 180 -31.89 -10.81 21.35
C ALA F 180 -31.16 -11.91 20.57
N ARG F 181 -31.77 -13.09 20.47
CA ARG F 181 -31.20 -14.25 19.75
C ARG F 181 -31.18 -14.00 18.24
N GLY F 182 -32.24 -13.36 17.73
CA GLY F 182 -32.39 -13.14 16.31
C GLY F 182 -31.91 -11.78 15.83
N GLU F 183 -32.82 -10.82 15.85
CA GLU F 183 -32.60 -9.54 15.15
C GLU F 183 -31.38 -8.78 15.66
N ALA F 184 -31.20 -8.79 16.97
CA ALA F 184 -30.10 -8.06 17.62
C ALA F 184 -28.75 -8.67 17.32
N ALA F 185 -28.71 -9.99 17.26
CA ALA F 185 -27.46 -10.65 16.95
C ALA F 185 -27.04 -10.37 15.49
N ARG F 186 -28.01 -10.40 14.57
CA ARG F 186 -27.77 -10.03 13.18
C ARG F 186 -27.29 -8.59 13.05
N PHE F 187 -27.94 -7.67 13.77
CA PHE F 187 -27.48 -6.28 13.78
C PHE F 187 -26.01 -6.12 14.18
N LEU F 188 -25.61 -6.76 15.28
CA LEU F 188 -24.25 -6.66 15.76
C LEU F 188 -23.25 -7.35 14.84
N ARG F 189 -23.65 -8.47 14.25
CA ARG F 189 -22.82 -9.14 13.26
C ARG F 189 -22.54 -8.21 12.08
N ASP F 190 -23.58 -7.59 11.55
CA ASP F 190 -23.45 -6.62 10.47
C ASP F 190 -22.50 -5.47 10.84
N ARG F 191 -22.62 -4.95 12.05
CA ARG F 191 -21.74 -3.88 12.54
C ARG F 191 -20.27 -4.29 12.69
N ILE F 192 -20.01 -5.56 12.86
CA ILE F 192 -18.64 -6.06 12.87
C ILE F 192 -18.00 -5.99 11.47
N ARG F 193 -18.82 -5.70 10.45
CA ARG F 193 -18.41 -5.47 9.07
C ARG F 193 -18.94 -4.08 8.72
N GLN G 1 -34.42 6.11 18.13
CA GLN G 1 -33.07 6.44 17.59
C GLN G 1 -32.73 7.87 17.94
N LEU G 2 -31.46 8.21 17.88
CA LEU G 2 -31.02 9.49 18.44
C LEU G 2 -31.52 10.72 17.63
N GLY G 3 -32.47 11.47 18.19
CA GLY G 3 -33.18 12.58 17.50
C GLY G 3 -34.73 12.33 17.50
N ALA G 4 -35.16 11.12 17.90
CA ALA G 4 -36.58 10.72 17.75
C ALA G 4 -37.46 11.08 18.95
N ILE G 5 -36.84 11.42 20.08
CA ILE G 5 -37.58 11.96 21.20
C ILE G 5 -36.99 13.29 21.62
N GLU G 6 -37.84 14.32 21.74
CA GLU G 6 -37.42 15.64 22.16
C GLU G 6 -38.48 16.24 23.05
N ASN G 7 -38.07 16.72 24.23
CA ASN G 7 -38.96 17.32 25.23
C ASN G 7 -38.42 18.60 25.80
N GLY G 8 -37.79 19.41 24.96
CA GLY G 8 -37.11 20.59 25.42
C GLY G 8 -38.04 21.61 26.09
N LEU G 9 -39.28 21.67 25.62
CA LEU G 9 -40.24 22.62 26.12
C LEU G 9 -40.80 22.11 27.43
N GLU G 10 -41.11 20.83 27.48
CA GLU G 10 -41.70 20.27 28.71
C GLU G 10 -40.72 20.27 29.86
N SER G 11 -39.48 19.95 29.60
CA SER G 11 -38.51 19.93 30.66
C SER G 11 -37.73 21.25 30.80
N GLY G 12 -37.84 22.15 29.84
CA GLY G 12 -37.15 23.43 29.94
C GLY G 12 -37.75 24.28 31.06
N SER G 13 -36.91 25.10 31.69
CA SER G 13 -37.38 25.98 32.79
C SER G 13 -37.56 27.45 32.33
N ALA G 14 -38.53 28.14 32.94
CA ALA G 14 -38.92 29.51 32.54
C ALA G 14 -37.89 30.58 32.88
N ASN G 15 -36.90 30.22 33.67
CA ASN G 15 -35.75 31.10 33.94
C ASN G 15 -34.68 31.07 32.88
N ALA G 16 -34.79 30.15 31.93
CA ALA G 16 -33.77 29.99 30.91
C ALA G 16 -34.38 29.86 29.51
N CYS G 17 -35.33 30.75 29.19
CA CYS G 17 -36.00 30.67 27.90
C CYS G 17 -34.97 30.83 26.80
N PRO G 18 -35.21 30.17 25.66
CA PRO G 18 -34.25 30.22 24.56
C PRO G 18 -34.60 31.31 23.53
N ASP G 19 -33.85 31.35 22.44
CA ASP G 19 -34.09 32.29 21.34
C ASP G 19 -35.31 31.88 20.50
N ALA G 20 -35.62 30.59 20.47
CA ALA G 20 -36.81 30.08 19.76
C ALA G 20 -37.26 28.70 20.24
N ILE G 21 -38.52 28.39 19.99
CA ILE G 21 -39.12 27.09 20.33
C ILE G 21 -39.72 26.45 19.08
N LEU G 22 -39.37 25.18 18.85
CA LEU G 22 -39.93 24.42 17.74
C LEU G 22 -40.85 23.34 18.27
N ILE G 23 -42.10 23.35 17.81
CA ILE G 23 -43.05 22.29 18.11
C ILE G 23 -43.31 21.49 16.85
N PHE G 24 -43.13 20.17 16.92
CA PHE G 24 -43.24 19.30 15.73
C PHE G 24 -44.15 18.10 15.95
N ALA G 25 -44.99 17.82 14.95
CA ALA G 25 -45.87 16.64 14.97
C ALA G 25 -45.49 15.69 13.86
N ARG G 26 -45.24 14.44 14.24
CA ARG G 26 -44.70 13.42 13.33
C ARG G 26 -45.77 12.78 12.50
N GLY G 27 -45.31 11.94 11.56
CA GLY G 27 -46.20 11.22 10.65
C GLY G 27 -46.77 9.93 11.20
N SER G 28 -47.75 9.38 10.51
CA SER G 28 -48.41 8.14 10.97
C SER G 28 -47.38 7.00 11.08
N THR G 29 -47.42 6.30 12.20
CA THR G 29 -46.57 5.15 12.53
C THR G 29 -45.12 5.50 12.83
N GLU G 30 -44.73 6.76 12.78
CA GLU G 30 -43.33 7.10 13.12
C GLU G 30 -43.09 6.92 14.63
N PRO G 31 -41.88 6.47 14.99
CA PRO G 31 -41.54 6.28 16.40
C PRO G 31 -41.31 7.57 17.17
N GLY G 32 -41.27 7.46 18.50
CA GLY G 32 -40.95 8.60 19.37
C GLY G 32 -42.03 9.66 19.29
N ASN G 33 -41.62 10.91 19.47
CA ASN G 33 -42.51 12.04 19.25
C ASN G 33 -42.04 12.99 18.10
N MET G 34 -40.84 12.76 17.56
CA MET G 34 -40.32 13.53 16.45
C MET G 34 -40.31 12.72 15.16
N GLY G 35 -40.40 11.40 15.27
CA GLY G 35 -40.23 10.52 14.14
C GLY G 35 -38.77 10.48 13.75
N ILE G 36 -38.48 9.92 12.60
CA ILE G 36 -37.07 9.76 12.18
C ILE G 36 -36.74 10.32 10.81
N THR G 37 -37.70 10.96 10.17
CA THR G 37 -37.47 11.50 8.82
C THR G 37 -37.44 13.03 8.86
N VAL G 38 -38.59 13.61 8.65
CA VAL G 38 -38.74 15.05 8.55
C VAL G 38 -38.46 15.83 9.86
N GLY G 39 -38.95 15.31 10.98
CA GLY G 39 -38.76 15.96 12.26
C GLY G 39 -37.31 16.29 12.61
N PRO G 40 -36.46 15.26 12.66
CA PRO G 40 -35.04 15.47 13.01
C PRO G 40 -34.35 16.33 11.99
N ALA G 41 -34.71 16.15 10.72
CA ALA G 41 -34.12 16.99 9.67
C ALA G 41 -34.42 18.49 9.90
N LEU G 42 -35.65 18.80 10.26
CA LEU G 42 -36.08 20.19 10.45
C LEU G 42 -35.46 20.76 11.70
N ALA G 43 -35.42 19.98 12.75
CA ALA G 43 -34.78 20.40 13.99
C ALA G 43 -33.31 20.69 13.76
N ASN G 44 -32.67 19.79 13.03
CA ASN G 44 -31.31 19.95 12.69
C ASN G 44 -31.00 21.22 11.91
N GLY G 45 -31.77 21.47 10.87
CA GLY G 45 -31.54 22.60 9.98
C GLY G 45 -31.72 23.91 10.70
N LEU G 46 -32.67 23.92 11.58
CA LEU G 46 -33.02 25.09 12.30
C LEU G 46 -31.97 25.41 13.38
N GLU G 47 -31.46 24.36 14.01
CA GLU G 47 -30.37 24.47 14.99
C GLU G 47 -29.10 25.03 14.37
N SER G 48 -28.91 24.81 13.09
CA SER G 48 -27.75 25.38 12.39
C SER G 48 -27.84 26.90 12.22
N HIS G 49 -29.03 27.46 12.31
CA HIS G 49 -29.26 28.92 12.19
C HIS G 49 -29.53 29.61 13.53
N ILE G 50 -30.00 28.85 14.51
CA ILE G 50 -30.35 29.37 15.81
C ILE G 50 -29.90 28.36 16.85
N ARG G 51 -28.77 28.63 17.46
CA ARG G 51 -28.10 27.63 18.35
C ARG G 51 -28.85 27.39 19.65
N ASN G 52 -29.48 28.43 20.21
CA ASN G 52 -30.19 28.30 21.47
C ASN G 52 -31.70 28.14 21.27
N ILE G 53 -32.13 26.89 21.28
CA ILE G 53 -33.45 26.50 20.79
C ILE G 53 -34.01 25.35 21.60
N TRP G 54 -35.29 25.37 21.89
CA TRP G 54 -35.95 24.22 22.49
C TRP G 54 -36.72 23.48 21.43
N ILE G 55 -36.63 22.16 21.47
CA ILE G 55 -37.30 21.28 20.51
C ILE G 55 -38.28 20.30 21.19
N GLN G 56 -39.52 20.29 20.69
CA GLN G 56 -40.59 19.57 21.32
C GLN G 56 -41.39 18.79 20.29
N GLY G 57 -41.39 17.48 20.46
CA GLY G 57 -42.28 16.62 19.69
C GLY G 57 -43.67 16.62 20.31
N VAL G 58 -44.70 16.32 19.52
CA VAL G 58 -46.04 16.18 20.04
C VAL G 58 -46.26 14.71 20.34
N GLY G 59 -46.29 14.38 21.65
CA GLY G 59 -46.51 13.01 22.12
C GLY G 59 -47.84 12.97 22.86
N GLY G 60 -47.82 12.48 24.10
CA GLY G 60 -49.04 12.28 24.88
C GLY G 60 -49.97 11.29 24.19
N PRO G 61 -51.24 11.68 24.00
CA PRO G 61 -52.16 10.79 23.31
C PRO G 61 -51.83 10.54 21.86
N TYR G 62 -51.00 11.39 21.24
CA TYR G 62 -50.75 11.25 19.81
C TYR G 62 -49.86 10.06 19.54
N ASP G 63 -50.49 8.92 19.32
CA ASP G 63 -49.81 7.67 19.01
C ASP G 63 -49.63 7.41 17.52
N ALA G 64 -49.93 8.41 16.68
CA ALA G 64 -49.66 8.37 15.25
C ALA G 64 -50.30 7.15 14.56
N ALA G 65 -51.53 6.86 14.94
CA ALA G 65 -52.26 5.69 14.43
C ALA G 65 -52.77 5.90 13.03
N LEU G 66 -52.84 4.83 12.24
CA LEU G 66 -53.36 4.91 10.87
C LEU G 66 -54.83 5.26 10.83
N ALA G 67 -55.61 4.63 11.69
CA ALA G 67 -57.06 4.83 11.71
C ALA G 67 -57.48 6.29 11.88
N THR G 68 -56.79 7.03 12.75
CA THR G 68 -57.18 8.43 13.06
C THR G 68 -57.16 9.38 11.84
N ASN G 69 -56.42 9.01 10.79
CA ASN G 69 -56.38 9.80 9.55
C ASN G 69 -57.75 9.98 8.94
N PHE G 70 -58.62 9.03 9.19
CA PHE G 70 -59.95 9.02 8.61
C PHE G 70 -61.00 9.85 9.36
N LEU G 71 -60.62 10.48 10.46
CA LEU G 71 -61.54 11.36 11.16
C LEU G 71 -61.67 12.65 10.39
N PRO G 72 -62.74 13.40 10.67
CA PRO G 72 -62.81 14.72 10.09
C PRO G 72 -61.66 15.57 10.64
N ARG G 73 -61.07 16.30 9.72
CA ARG G 73 -59.94 17.17 9.94
C ARG G 73 -58.58 16.46 9.88
N GLY G 74 -58.59 15.14 9.71
CA GLY G 74 -57.38 14.37 9.43
C GLY G 74 -56.69 13.76 10.62
N THR G 75 -57.23 14.05 11.81
CA THR G 75 -56.81 13.41 13.07
C THR G 75 -57.87 13.60 14.18
N SER G 76 -57.63 12.97 15.33
CA SER G 76 -58.54 13.03 16.49
C SER G 76 -58.46 14.37 17.19
N GLN G 77 -59.52 14.69 17.92
CA GLN G 77 -59.54 15.92 18.74
C GLN G 77 -58.57 15.84 19.93
N ALA G 78 -58.43 14.64 20.49
CA ALA G 78 -57.49 14.41 21.59
C ALA G 78 -56.09 14.84 21.19
N ASN G 79 -55.73 14.52 19.95
CA ASN G 79 -54.42 14.84 19.40
C ASN G 79 -54.24 16.33 19.15
N ILE G 80 -55.27 16.92 18.57
CA ILE G 80 -55.30 18.33 18.34
C ILE G 80 -55.12 19.08 19.65
N ASP G 81 -55.80 18.59 20.68
CA ASP G 81 -55.78 19.25 21.98
C ASP G 81 -54.40 19.20 22.59
N GLU G 82 -53.72 18.08 22.41
CA GLU G 82 -52.37 17.94 22.95
C GLU G 82 -51.46 18.94 22.29
N GLY G 83 -51.67 19.16 21.01
CA GLY G 83 -50.96 20.22 20.31
C GLY G 83 -51.22 21.61 20.90
N LYS G 84 -52.51 21.91 21.11
CA LYS G 84 -52.92 23.18 21.70
C LYS G 84 -52.33 23.39 23.08
N ARG G 85 -52.22 22.31 23.84
CA ARG G 85 -51.65 22.37 25.18
C ARG G 85 -50.22 22.86 25.14
N LEU G 86 -49.44 22.27 24.23
CA LEU G 86 -48.04 22.64 24.08
C LEU G 86 -47.83 24.07 23.64
N PHE G 87 -48.68 24.57 22.76
CA PHE G 87 -48.61 25.99 22.39
C PHE G 87 -48.87 26.91 23.57
N ALA G 88 -49.81 26.51 24.40
CA ALA G 88 -50.18 27.29 25.60
C ALA G 88 -49.07 27.23 26.65
N LEU G 89 -48.44 26.07 26.76
CA LEU G 89 -47.33 25.90 27.68
C LEU G 89 -46.15 26.76 27.26
N ALA G 90 -45.95 26.93 25.96
CA ALA G 90 -44.88 27.79 25.48
C ALA G 90 -45.15 29.24 25.86
N ASN G 91 -46.40 29.63 25.77
CA ASN G 91 -46.80 30.99 26.09
C ASN G 91 -46.72 31.30 27.57
N GLN G 92 -47.03 30.30 28.40
CA GLN G 92 -46.87 30.37 29.86
C GLN G 92 -45.43 30.45 30.32
N LYS G 93 -44.60 29.53 29.85
CA LYS G 93 -43.21 29.52 30.21
C LYS G 93 -42.39 30.69 29.67
N CYS G 94 -42.63 31.05 28.41
CA CYS G 94 -41.74 31.96 27.68
C CYS G 94 -42.51 32.85 26.71
N PRO G 95 -43.39 33.69 27.25
CA PRO G 95 -44.27 34.47 26.38
C PRO G 95 -43.57 35.38 25.37
N ASN G 96 -42.32 35.70 25.62
CA ASN G 96 -41.60 36.59 24.73
C ASN G 96 -40.76 35.89 23.69
N THR G 97 -40.68 34.58 23.80
CA THR G 97 -39.90 33.78 22.90
C THR G 97 -40.73 33.42 21.69
N PRO G 98 -40.21 33.69 20.48
CA PRO G 98 -40.94 33.24 19.30
C PRO G 98 -41.05 31.70 19.16
N VAL G 99 -42.21 31.26 18.69
CA VAL G 99 -42.49 29.86 18.45
C VAL G 99 -42.64 29.61 16.95
N VAL G 100 -42.04 28.55 16.48
CA VAL G 100 -42.31 28.04 15.14
C VAL G 100 -42.80 26.60 15.26
N ALA G 101 -43.46 26.13 14.22
CA ALA G 101 -44.04 24.78 14.24
C ALA G 101 -43.91 24.07 12.92
N GLY G 102 -43.95 22.74 13.00
CA GLY G 102 -43.87 21.90 11.83
C GLY G 102 -44.74 20.68 11.99
N GLY G 103 -45.08 20.09 10.86
CA GLY G 103 -45.81 18.85 10.86
C GLY G 103 -45.68 18.09 9.58
N TYR G 104 -45.70 16.76 9.69
CA TYR G 104 -45.57 15.88 8.54
C TYR G 104 -46.72 14.90 8.46
N SER G 105 -47.34 14.79 7.29
CA SER G 105 -48.38 13.80 7.03
C SER G 105 -49.51 14.01 8.03
N GLN G 106 -49.90 13.00 8.79
CA GLN G 106 -50.96 13.22 9.78
C GLN G 106 -50.61 14.34 10.81
N GLY G 107 -49.34 14.47 11.14
CA GLY G 107 -48.89 15.56 12.01
C GLY G 107 -49.15 16.95 11.46
N ALA G 108 -49.14 17.07 10.14
CA ALA G 108 -49.46 18.33 9.48
C ALA G 108 -50.92 18.67 9.72
N ALA G 109 -51.78 17.67 9.56
CA ALA G 109 -53.20 17.85 9.86
C ALA G 109 -53.40 18.31 11.30
N LEU G 110 -52.66 17.67 12.19
CA LEU G 110 -52.72 17.96 13.62
C LEU G 110 -52.34 19.40 13.93
N ILE G 111 -51.16 19.80 13.46
CA ILE G 111 -50.68 21.14 13.69
C ILE G 111 -51.58 22.21 13.09
N ALA G 112 -52.07 21.95 11.87
CA ALA G 112 -52.89 22.92 11.17
C ALA G 112 -54.16 23.20 11.97
N ALA G 113 -54.77 22.12 12.43
CA ALA G 113 -55.99 22.23 13.24
C ALA G 113 -55.76 22.98 14.55
N ALA G 114 -54.71 22.59 15.27
CA ALA G 114 -54.37 23.19 16.55
C ALA G 114 -54.10 24.67 16.43
N VAL G 115 -53.32 25.06 15.44
CA VAL G 115 -53.02 26.47 15.22
C VAL G 115 -54.27 27.27 14.90
N SER G 116 -55.18 26.69 14.12
CA SER G 116 -56.42 27.40 13.75
C SER G 116 -57.29 27.76 14.96
N GLU G 117 -57.27 26.90 15.97
CA GLU G 117 -58.07 27.10 17.19
C GLU G 117 -57.39 27.94 18.28
N LEU G 118 -56.18 28.43 18.02
CA LEU G 118 -55.45 29.19 19.02
C LEU G 118 -56.00 30.61 19.09
N SER G 119 -55.71 31.26 20.21
CA SER G 119 -56.38 32.48 20.61
C SER G 119 -55.40 33.61 20.74
N GLY G 120 -55.65 34.66 19.99
CA GLY G 120 -55.05 35.96 20.22
C GLY G 120 -53.54 36.00 20.47
N ALA G 121 -53.15 36.13 21.74
CA ALA G 121 -51.74 36.28 22.14
C ALA G 121 -50.93 35.03 21.81
N VAL G 122 -51.50 33.86 22.12
CA VAL G 122 -50.83 32.59 21.86
C VAL G 122 -50.59 32.36 20.37
N LYS G 123 -51.57 32.68 19.55
CA LYS G 123 -51.45 32.58 18.11
C LYS G 123 -50.39 33.54 17.54
N GLU G 124 -50.35 34.74 18.08
CA GLU G 124 -49.43 35.77 17.63
C GLU G 124 -47.98 35.31 17.87
N GLN G 125 -47.77 34.53 18.94
CA GLN G 125 -46.46 34.00 19.31
C GLN G 125 -45.91 33.03 18.26
N VAL G 126 -46.81 32.36 17.56
CA VAL G 126 -46.42 31.43 16.51
C VAL G 126 -46.09 32.18 15.22
N LYS G 127 -44.79 32.39 15.00
CA LYS G 127 -44.31 33.22 13.92
C LYS G 127 -44.28 32.56 12.55
N GLY G 128 -44.38 31.24 12.53
CA GLY G 128 -44.25 30.54 11.28
C GLY G 128 -44.55 29.08 11.44
N VAL G 129 -45.15 28.50 10.38
CA VAL G 129 -45.47 27.06 10.35
C VAL G 129 -45.10 26.39 9.02
N ALA G 130 -44.38 25.27 9.07
CA ALA G 130 -44.06 24.48 7.87
C ALA G 130 -44.78 23.13 7.88
N LEU G 131 -45.45 22.81 6.78
CA LEU G 131 -46.20 21.57 6.65
C LEU G 131 -45.65 20.76 5.52
N PHE G 132 -45.61 19.45 5.68
CA PHE G 132 -45.03 18.54 4.69
C PHE G 132 -45.98 17.41 4.42
N GLY G 133 -46.21 17.09 3.16
CA GLY G 133 -47.19 16.03 2.80
C GLY G 133 -48.51 16.27 3.50
N TYR G 134 -49.04 17.47 3.30
CA TYR G 134 -50.20 18.00 4.05
C TYR G 134 -51.50 17.30 3.64
N THR G 135 -52.09 16.53 4.56
CA THR G 135 -53.24 15.67 4.22
C THR G 135 -54.54 16.45 4.02
N GLN G 136 -54.56 17.68 4.51
CA GLN G 136 -55.73 18.56 4.35
C GLN G 136 -55.40 19.72 3.43
N ASN G 137 -54.41 19.53 2.57
CA ASN G 137 -54.07 20.58 1.64
C ASN G 137 -55.22 21.01 0.71
N LEU G 138 -55.96 20.03 0.20
CA LEU G 138 -57.07 20.33 -0.67
C LEU G 138 -58.22 20.96 0.10
N GLN G 139 -58.62 20.27 1.17
CA GLN G 139 -59.71 20.71 2.04
C GLN G 139 -59.51 22.12 2.59
N ASN G 140 -58.28 22.48 2.97
CA ASN G 140 -57.98 23.80 3.51
C ASN G 140 -57.35 24.75 2.51
N ARG G 141 -57.43 24.37 1.25
CA ARG G 141 -57.07 25.23 0.14
C ARG G 141 -55.66 25.75 0.23
N GLY G 142 -54.73 24.88 0.60
CA GLY G 142 -53.32 25.24 0.64
C GLY G 142 -52.84 26.01 1.85
N GLY G 143 -53.68 26.16 2.88
CA GLY G 143 -53.31 26.94 4.05
C GLY G 143 -53.83 26.41 5.36
N ILE G 144 -53.69 27.24 6.40
CA ILE G 144 -54.23 26.95 7.71
C ILE G 144 -55.33 27.96 8.00
N PRO G 145 -56.54 27.47 8.30
CA PRO G 145 -57.66 28.33 8.72
C PRO G 145 -57.29 29.31 9.84
N ASN G 146 -57.65 30.59 9.68
CA ASN G 146 -57.37 31.64 10.69
C ASN G 146 -55.91 31.82 10.99
N TYR G 147 -55.06 31.63 9.99
CA TYR G 147 -53.66 31.85 10.21
C TYR G 147 -53.06 32.49 8.97
N PRO G 148 -52.34 33.60 9.15
CA PRO G 148 -51.80 34.33 8.02
C PRO G 148 -51.13 33.43 7.01
N ARG G 149 -51.46 33.61 5.74
CA ARG G 149 -50.81 32.85 4.70
C ARG G 149 -49.32 33.13 4.61
N GLU G 150 -48.87 34.33 4.97
CA GLU G 150 -47.45 34.68 4.81
C GLU G 150 -46.58 34.06 5.91
N ARG G 151 -47.21 33.56 6.98
CA ARG G 151 -46.53 32.79 8.03
C ARG G 151 -46.58 31.28 7.80
N THR G 152 -47.28 30.86 6.74
CA THR G 152 -47.44 29.47 6.38
C THR G 152 -46.61 29.08 5.17
N LYS G 153 -46.06 27.89 5.19
CA LYS G 153 -45.34 27.33 4.06
C LYS G 153 -45.67 25.83 3.94
N VAL G 154 -46.19 25.42 2.80
CA VAL G 154 -46.59 24.04 2.59
C VAL G 154 -45.70 23.36 1.55
N PHE G 155 -45.10 22.23 1.92
CA PHE G 155 -44.38 21.36 0.98
C PHE G 155 -45.23 20.14 0.60
N CYS G 156 -45.65 20.11 -0.66
CA CYS G 156 -46.51 19.07 -1.17
C CYS G 156 -45.94 18.70 -2.51
N ASN G 157 -45.13 17.66 -2.53
CA ASN G 157 -44.49 17.19 -3.76
C ASN G 157 -45.47 16.86 -4.87
N VAL G 158 -44.97 16.98 -6.09
CA VAL G 158 -45.73 16.64 -7.26
C VAL G 158 -45.84 15.11 -7.16
N GLY G 159 -46.99 14.52 -7.36
CA GLY G 159 -47.06 13.05 -7.22
C GLY G 159 -47.48 12.61 -5.81
N ASP G 160 -47.47 13.49 -4.81
CA ASP G 160 -47.91 13.12 -3.45
C ASP G 160 -49.43 13.24 -3.30
N ALA G 161 -50.08 12.10 -3.39
CA ALA G 161 -51.51 12.01 -3.54
C ALA G 161 -52.30 12.56 -2.39
N VAL G 162 -51.68 12.67 -1.22
CA VAL G 162 -52.44 13.16 -0.05
C VAL G 162 -52.72 14.64 -0.19
N CYS G 163 -51.91 15.28 -1.01
CA CYS G 163 -52.03 16.71 -1.23
C CYS G 163 -53.24 17.04 -2.08
N THR G 164 -53.72 16.08 -2.85
CA THR G 164 -54.90 16.26 -3.69
C THR G 164 -56.08 15.45 -3.13
N GLY G 165 -56.21 15.41 -1.83
CA GLY G 165 -57.42 14.86 -1.19
C GLY G 165 -57.61 13.35 -1.11
N THR G 166 -56.55 12.59 -1.34
CA THR G 166 -56.60 11.13 -1.34
C THR G 166 -55.67 10.60 -0.29
N LEU G 167 -56.13 9.69 0.56
CA LEU G 167 -55.23 9.11 1.56
C LEU G 167 -54.45 7.88 1.09
N ILE G 168 -53.61 8.05 0.09
CA ILE G 168 -52.71 6.95 -0.26
C ILE G 168 -51.25 7.36 -0.30
N ILE G 169 -50.39 6.38 -0.14
CA ILE G 169 -48.98 6.67 -0.01
C ILE G 169 -48.17 6.31 -1.22
N THR G 170 -47.70 7.34 -1.92
CA THR G 170 -46.79 7.15 -3.03
C THR G 170 -45.39 7.43 -2.57
N PRO G 171 -44.41 7.08 -3.40
CA PRO G 171 -43.03 7.40 -3.04
C PRO G 171 -42.74 8.89 -2.81
N ALA G 172 -43.46 9.75 -3.50
CA ALA G 172 -43.29 11.18 -3.32
C ALA G 172 -43.58 11.64 -1.90
N HIS G 173 -44.44 10.91 -1.19
CA HIS G 173 -44.80 11.23 0.20
C HIS G 173 -43.66 10.95 1.17
N LEU G 174 -42.67 10.16 0.75
CA LEU G 174 -41.60 9.71 1.61
C LEU G 174 -40.34 10.52 1.45
N SER G 175 -40.46 11.70 0.88
CA SER G 175 -39.31 12.38 0.32
C SER G 175 -39.29 13.90 0.63
N TYR G 176 -39.17 14.25 1.90
CA TYR G 176 -39.20 15.65 2.29
C TYR G 176 -38.01 16.06 3.16
N THR G 177 -37.00 15.21 3.29
CA THR G 177 -35.97 15.49 4.31
C THR G 177 -35.05 16.60 3.87
N ILE G 178 -34.76 16.71 2.57
CA ILE G 178 -33.94 17.82 2.08
C ILE G 178 -34.65 19.17 2.23
N GLU G 179 -35.92 19.20 1.82
CA GLU G 179 -36.80 20.40 1.87
C GLU G 179 -36.92 20.81 3.37
N ALA G 180 -36.97 19.84 4.27
CA ALA G 180 -37.06 20.14 5.69
C ALA G 180 -35.76 20.72 6.29
N ARG G 181 -34.62 20.11 5.98
CA ARG G 181 -33.33 20.57 6.50
C ARG G 181 -32.94 21.93 5.90
N GLY G 182 -33.26 22.14 4.63
CA GLY G 182 -32.81 23.31 3.90
C GLY G 182 -33.83 24.42 3.85
N GLU G 183 -34.67 24.36 2.84
CA GLU G 183 -35.56 25.46 2.52
C GLU G 183 -36.53 25.82 3.64
N ALA G 184 -37.10 24.81 4.28
CA ALA G 184 -38.07 25.00 5.36
C ALA G 184 -37.43 25.61 6.61
N ALA G 185 -36.21 25.22 6.90
CA ALA G 185 -35.53 25.75 8.07
C ALA G 185 -35.22 27.24 7.83
N ARG G 186 -34.76 27.57 6.62
CA ARG G 186 -34.49 28.96 6.24
C ARG G 186 -35.76 29.79 6.35
N PHE G 187 -36.86 29.24 5.86
CA PHE G 187 -38.13 29.93 5.98
C PHE G 187 -38.48 30.29 7.42
N LEU G 188 -38.42 29.32 8.31
CA LEU G 188 -38.76 29.52 9.71
C LEU G 188 -37.79 30.48 10.38
N ARG G 189 -36.53 30.40 10.03
CA ARG G 189 -35.56 31.32 10.56
C ARG G 189 -35.93 32.74 10.19
N ASP G 190 -36.22 32.96 8.92
CA ASP G 190 -36.63 34.29 8.42
C ASP G 190 -37.84 34.79 9.18
N ARG G 191 -38.80 33.93 9.42
CA ARG G 191 -39.99 34.29 10.17
C ARG G 191 -39.70 34.66 11.63
N ILE G 192 -38.63 34.14 12.21
CA ILE G 192 -38.26 34.47 13.58
C ILE G 192 -37.67 35.92 13.62
N ARG G 193 -37.36 36.50 12.47
CA ARG G 193 -36.92 37.92 12.36
C ARG G 193 -38.06 38.65 11.60
N GLY H 3 -17.11 21.88 -13.52
CA GLY H 3 -15.72 22.00 -14.10
C GLY H 3 -15.55 23.07 -15.13
N ALA H 4 -14.31 23.39 -15.45
CA ALA H 4 -13.07 22.79 -14.95
C ALA H 4 -12.49 23.48 -13.70
N ILE H 5 -13.02 24.64 -13.35
CA ILE H 5 -12.68 25.28 -12.08
C ILE H 5 -13.93 25.57 -11.29
N GLU H 6 -13.94 25.15 -10.03
CA GLU H 6 -15.05 25.37 -9.12
C GLU H 6 -14.53 25.67 -7.73
N ASN H 7 -14.99 26.79 -7.15
CA ASN H 7 -14.57 27.24 -5.82
C ASN H 7 -15.73 27.65 -4.93
N GLY H 8 -16.83 26.92 -5.02
CA GLY H 8 -18.05 27.30 -4.35
C GLY H 8 -17.92 27.35 -2.85
N LEU H 9 -17.09 26.47 -2.30
CA LEU H 9 -16.89 26.37 -0.87
C LEU H 9 -15.95 27.45 -0.39
N GLU H 10 -14.89 27.68 -1.13
CA GLU H 10 -13.96 28.73 -0.75
C GLU H 10 -14.54 30.12 -0.82
N SER H 11 -15.30 30.40 -1.85
CA SER H 11 -15.89 31.71 -2.00
C SER H 11 -17.31 31.80 -1.42
N GLY H 12 -17.93 30.69 -1.06
CA GLY H 12 -19.27 30.75 -0.48
C GLY H 12 -19.21 31.36 0.90
N SER H 13 -20.28 32.05 1.29
CA SER H 13 -20.35 32.68 2.62
C SER H 13 -21.21 31.89 3.63
N ALA H 14 -20.84 31.95 4.91
CA ALA H 14 -21.49 31.13 5.96
C ALA H 14 -22.91 31.55 6.31
N ASN H 15 -23.31 32.71 5.83
CA ASN H 15 -24.69 33.12 5.94
C ASN H 15 -25.62 32.52 4.92
N ALA H 16 -25.06 31.84 3.94
CA ALA H 16 -25.85 31.31 2.82
C ALA H 16 -25.45 29.88 2.51
N CYS H 17 -25.37 29.04 3.54
CA CYS H 17 -25.02 27.64 3.35
C CYS H 17 -26.04 26.97 2.47
N PRO H 18 -25.59 25.97 1.71
CA PRO H 18 -26.50 25.34 0.76
C PRO H 18 -27.04 24.02 1.31
N ASP H 19 -27.79 23.29 0.49
CA ASP H 19 -28.38 22.00 0.88
C ASP H 19 -27.31 20.91 0.93
N ALA H 20 -26.24 21.07 0.14
CA ALA H 20 -25.12 20.11 0.11
C ALA H 20 -23.83 20.71 -0.46
N ILE H 21 -22.70 20.10 -0.08
CA ILE H 21 -21.39 20.49 -0.56
C ILE H 21 -20.70 19.28 -1.19
N LEU H 22 -20.18 19.47 -2.41
CA LEU H 22 -19.40 18.46 -3.09
C LEU H 22 -17.93 18.87 -3.13
N ILE H 23 -17.06 18.01 -2.60
CA ILE H 23 -15.62 18.20 -2.75
C ILE H 23 -15.07 17.15 -3.71
N PHE H 24 -14.34 17.58 -4.74
CA PHE H 24 -13.86 16.67 -5.77
C PHE H 24 -12.37 16.81 -6.01
N ALA H 25 -11.68 15.68 -6.15
CA ALA H 25 -10.27 15.66 -6.53
C ALA H 25 -10.11 15.00 -7.91
N ARG H 26 -9.45 15.73 -8.81
CA ARG H 26 -9.28 15.31 -10.22
C ARG H 26 -8.18 14.29 -10.44
N GLY H 27 -8.11 13.78 -11.66
CA GLY H 27 -7.10 12.79 -12.03
C GLY H 27 -5.76 13.41 -12.41
N SER H 28 -4.74 12.56 -12.57
CA SER H 28 -3.41 13.04 -12.90
C SER H 28 -3.46 13.75 -14.26
N THR H 29 -2.82 14.93 -14.29
CA THR H 29 -2.67 15.79 -15.49
C THR H 29 -3.94 16.52 -15.91
N GLU H 30 -5.07 16.33 -15.24
CA GLU H 30 -6.29 17.03 -15.66
C GLU H 30 -6.14 18.52 -15.32
N PRO H 31 -6.69 19.39 -16.17
CA PRO H 31 -6.65 20.82 -15.95
C PRO H 31 -7.56 21.31 -14.83
N GLY H 32 -7.35 22.56 -14.41
CA GLY H 32 -8.22 23.20 -13.41
C GLY H 32 -8.10 22.52 -12.07
N ASN H 33 -9.20 22.53 -11.33
CA ASN H 33 -9.29 21.76 -10.09
C ASN H 33 -10.40 20.69 -10.11
N MET H 34 -11.20 20.68 -11.16
CA MET H 34 -12.23 19.66 -11.34
C MET H 34 -11.90 18.67 -12.45
N GLY H 35 -10.96 19.04 -13.31
CA GLY H 35 -10.66 18.26 -14.50
C GLY H 35 -11.79 18.43 -15.49
N ILE H 36 -11.80 17.59 -16.52
CA ILE H 36 -12.78 17.76 -17.58
C ILE H 36 -13.56 16.50 -17.91
N THR H 37 -13.34 15.44 -17.16
CA THR H 37 -14.03 14.20 -17.43
C THR H 37 -15.03 13.93 -16.33
N VAL H 38 -14.57 13.19 -15.33
CA VAL H 38 -15.42 12.68 -14.23
C VAL H 38 -15.96 13.80 -13.33
N GLY H 39 -15.13 14.76 -13.00
CA GLY H 39 -15.53 15.84 -12.09
C GLY H 39 -16.77 16.61 -12.53
N PRO H 40 -16.74 17.20 -13.72
CA PRO H 40 -17.91 17.93 -14.24
C PRO H 40 -19.10 17.05 -14.43
N ALA H 41 -18.89 15.82 -14.86
CA ALA H 41 -19.99 14.87 -14.97
C ALA H 41 -20.71 14.61 -13.64
N LEU H 42 -19.94 14.44 -12.57
CA LEU H 42 -20.49 14.17 -11.27
C LEU H 42 -21.19 15.40 -10.71
N ALA H 43 -20.57 16.56 -10.89
CA ALA H 43 -21.14 17.84 -10.43
C ALA H 43 -22.45 18.12 -11.13
N ASN H 44 -22.46 17.88 -12.42
CA ASN H 44 -23.65 17.96 -13.22
C ASN H 44 -24.79 17.07 -12.79
N GLY H 45 -24.50 15.79 -12.59
CA GLY H 45 -25.52 14.82 -12.24
C GLY H 45 -26.14 15.12 -10.90
N LEU H 46 -25.32 15.57 -9.98
CA LEU H 46 -25.74 15.83 -8.63
C LEU H 46 -26.57 17.11 -8.55
N GLU H 47 -26.20 18.10 -9.35
CA GLU H 47 -26.97 19.33 -9.46
C GLU H 47 -28.35 19.13 -10.04
N SER H 48 -28.52 18.09 -10.85
CA SER H 48 -29.84 17.73 -11.37
C SER H 48 -30.78 17.21 -10.27
N HIS H 49 -30.24 16.77 -9.13
CA HIS H 49 -31.03 16.24 -8.03
C HIS H 49 -31.11 17.18 -6.86
N ILE H 50 -30.15 18.07 -6.74
CA ILE H 50 -30.04 18.99 -5.61
C ILE H 50 -29.59 20.33 -6.13
N ARG H 51 -30.53 21.24 -6.29
CA ARG H 51 -30.25 22.46 -7.00
C ARG H 51 -29.30 23.34 -6.26
N ASN H 52 -29.47 23.41 -4.95
CA ASN H 52 -28.72 24.38 -4.16
C ASN H 52 -27.53 23.69 -3.54
N ILE H 53 -26.39 23.84 -4.21
CA ILE H 53 -25.22 23.02 -3.94
C ILE H 53 -23.93 23.83 -4.15
N TRP H 54 -22.93 23.65 -3.29
CA TRP H 54 -21.62 24.23 -3.53
C TRP H 54 -20.70 23.19 -4.07
N ILE H 55 -19.90 23.56 -5.06
CA ILE H 55 -18.98 22.64 -5.71
C ILE H 55 -17.55 23.12 -5.58
N GLN H 56 -16.67 22.24 -5.13
CA GLN H 56 -15.30 22.60 -4.81
C GLN H 56 -14.34 21.57 -5.36
N GLY H 57 -13.46 22.02 -6.25
CA GLY H 57 -12.32 21.21 -6.69
C GLY H 57 -11.19 21.29 -5.66
N VAL H 58 -10.34 20.27 -5.63
CA VAL H 58 -9.17 20.29 -4.75
C VAL H 58 -8.01 20.82 -5.56
N GLY H 59 -7.62 22.07 -5.27
CA GLY H 59 -6.54 22.74 -5.99
C GLY H 59 -5.38 22.95 -5.03
N GLY H 60 -4.91 24.19 -4.91
CA GLY H 60 -3.78 24.51 -4.03
C GLY H 60 -2.56 23.77 -4.49
N PRO H 61 -1.90 23.04 -3.57
CA PRO H 61 -0.68 22.31 -3.97
C PRO H 61 -0.95 21.14 -4.93
N TYR H 62 -2.20 20.68 -5.03
CA TYR H 62 -2.49 19.50 -5.86
C TYR H 62 -2.46 19.88 -7.32
N ASP H 63 -1.27 19.71 -7.89
CA ASP H 63 -1.02 19.98 -9.32
C ASP H 63 -1.18 18.73 -10.20
N ALA H 64 -1.67 17.62 -9.61
CA ALA H 64 -2.04 16.42 -10.35
C ALA H 64 -0.88 15.88 -11.17
N ALA H 65 0.29 15.87 -10.57
CA ALA H 65 1.50 15.42 -11.23
C ALA H 65 1.55 13.90 -11.35
N LEU H 66 2.19 13.40 -12.42
CA LEU H 66 2.36 11.94 -12.60
C LEU H 66 3.23 11.35 -11.52
N ALA H 67 4.34 12.03 -11.21
CA ALA H 67 5.33 11.49 -10.27
C ALA H 67 4.74 11.15 -8.89
N THR H 68 3.84 11.99 -8.39
CA THR H 68 3.29 11.83 -7.02
C THR H 68 2.49 10.53 -6.84
N ASN H 69 2.03 9.93 -7.93
CA ASN H 69 1.36 8.62 -7.87
C ASN H 69 2.20 7.55 -7.20
N PHE H 70 3.51 7.70 -7.30
CA PHE H 70 4.46 6.69 -6.80
C PHE H 70 4.83 6.83 -5.32
N LEU H 71 4.29 7.83 -4.63
CA LEU H 71 4.49 7.94 -3.21
C LEU H 71 3.64 6.90 -2.49
N PRO H 72 4.00 6.63 -1.21
CA PRO H 72 3.13 5.75 -0.46
C PRO H 72 1.80 6.45 -0.25
N ARG H 73 0.76 5.65 -0.41
CA ARG H 73 -0.63 6.05 -0.37
C ARG H 73 -1.22 6.60 -1.68
N GLY H 74 -0.39 6.74 -2.69
CA GLY H 74 -0.84 7.08 -4.02
C GLY H 74 -0.82 8.55 -4.35
N THR H 75 -0.45 9.37 -3.36
CA THR H 75 -0.18 10.81 -3.58
C THR H 75 0.64 11.41 -2.41
N SER H 76 1.01 12.68 -2.55
CA SER H 76 1.80 13.42 -1.56
C SER H 76 0.99 13.77 -0.33
N GLN H 77 1.66 14.01 0.79
CA GLN H 77 1.01 14.43 2.02
C GLN H 77 0.50 15.88 1.92
N ALA H 78 1.23 16.72 1.20
CA ALA H 78 0.81 18.10 0.93
C ALA H 78 -0.60 18.14 0.29
N ASN H 79 -0.82 17.20 -0.64
CA ASN H 79 -2.08 17.08 -1.36
C ASN H 79 -3.20 16.58 -0.45
N ILE H 80 -2.87 15.56 0.33
CA ILE H 80 -3.80 14.98 1.29
C ILE H 80 -4.25 16.06 2.26
N ASP H 81 -3.29 16.87 2.69
CA ASP H 81 -3.56 17.92 3.67
C ASP H 81 -4.48 19.00 3.11
N GLU H 82 -4.29 19.34 1.84
CA GLU H 82 -5.16 20.31 1.22
C GLU H 82 -6.58 19.78 1.21
N GLY H 83 -6.73 18.48 0.98
CA GLY H 83 -8.06 17.85 1.03
C GLY H 83 -8.67 17.95 2.40
N LYS H 84 -7.87 17.62 3.40
CA LYS H 84 -8.29 17.77 4.81
C LYS H 84 -8.69 19.20 5.22
N ARG H 85 -7.96 20.18 4.69
CA ARG H 85 -8.27 21.57 4.95
C ARG H 85 -9.67 21.92 4.47
N LEU H 86 -9.99 21.51 3.25
CA LEU H 86 -11.28 21.78 2.68
C LEU H 86 -12.42 21.13 3.44
N PHE H 87 -12.23 19.91 3.92
CA PHE H 87 -13.26 19.26 4.75
C PHE H 87 -13.51 20.02 6.05
N ALA H 88 -12.44 20.55 6.63
CA ALA H 88 -12.49 21.34 7.86
C ALA H 88 -13.15 22.69 7.61
N LEU H 89 -12.85 23.29 6.48
CA LEU H 89 -13.46 24.55 6.09
C LEU H 89 -14.98 24.40 5.88
N ALA H 90 -15.40 23.24 5.37
CA ALA H 90 -16.83 22.96 5.20
C ALA H 90 -17.52 22.89 6.56
N ASN H 91 -16.83 22.27 7.50
CA ASN H 91 -17.35 22.14 8.84
C ASN H 91 -17.44 23.47 9.59
N GLN H 92 -16.45 24.32 9.36
CA GLN H 92 -16.40 25.67 9.93
C GLN H 92 -17.49 26.56 9.37
N LYS H 93 -17.59 26.63 8.06
CA LYS H 93 -18.60 27.47 7.42
C LYS H 93 -20.03 26.99 7.60
N CYS H 94 -20.24 25.69 7.51
CA CYS H 94 -21.59 25.13 7.41
C CYS H 94 -21.70 23.77 8.10
N PRO H 95 -21.52 23.73 9.43
CA PRO H 95 -21.45 22.48 10.14
C PRO H 95 -22.66 21.60 9.99
N ASN H 96 -23.77 22.17 9.63
CA ASN H 96 -24.99 21.36 9.51
C ASN H 96 -25.34 20.89 8.13
N THR H 97 -24.55 21.35 7.16
CA THR H 97 -24.76 21.02 5.76
C THR H 97 -24.06 19.71 5.45
N PRO H 98 -24.78 18.75 4.84
CA PRO H 98 -24.12 17.50 4.51
C PRO H 98 -23.07 17.67 3.40
N VAL H 99 -21.96 16.94 3.53
CA VAL H 99 -20.84 16.96 2.56
C VAL H 99 -20.75 15.60 1.87
N VAL H 100 -20.61 15.64 0.55
CA VAL H 100 -20.27 14.45 -0.19
C VAL H 100 -18.97 14.72 -0.92
N ALA H 101 -18.30 13.65 -1.31
CA ALA H 101 -16.99 13.77 -1.95
C ALA H 101 -16.79 12.77 -3.07
N GLY H 102 -15.88 13.14 -3.97
CA GLY H 102 -15.56 12.31 -5.11
C GLY H 102 -14.13 12.42 -5.48
N GLY H 103 -13.62 11.40 -6.13
CA GLY H 103 -12.24 11.43 -6.62
C GLY H 103 -12.01 10.47 -7.76
N TYR H 104 -11.13 10.86 -8.65
CA TYR H 104 -10.81 10.07 -9.82
C TYR H 104 -9.31 9.80 -9.91
N SER H 105 -8.96 8.54 -10.12
CA SER H 105 -7.57 8.16 -10.36
C SER H 105 -6.73 8.62 -9.18
N GLN H 106 -5.70 9.44 -9.40
CA GLN H 106 -4.91 9.91 -8.28
C GLN H 106 -5.75 10.69 -7.25
N GLY H 107 -6.74 11.43 -7.73
CA GLY H 107 -7.65 12.13 -6.85
C GLY H 107 -8.42 11.20 -5.90
N ALA H 108 -8.69 9.98 -6.35
CA ALA H 108 -9.34 8.98 -5.51
C ALA H 108 -8.43 8.60 -4.35
N ALA H 109 -7.18 8.36 -4.67
CA ALA H 109 -6.18 8.11 -3.62
C ALA H 109 -6.17 9.26 -2.60
N LEU H 110 -6.19 10.48 -3.13
CA LEU H 110 -6.12 11.71 -2.32
C LEU H 110 -7.28 11.77 -1.36
N ILE H 111 -8.49 11.63 -1.90
CA ILE H 111 -9.70 11.73 -1.08
C ILE H 111 -9.77 10.63 -0.05
N ALA H 112 -9.37 9.42 -0.44
CA ALA H 112 -9.49 8.26 0.44
C ALA H 112 -8.62 8.49 1.63
N ALA H 113 -7.42 8.97 1.37
CA ALA H 113 -6.47 9.24 2.44
C ALA H 113 -6.96 10.33 3.38
N ALA H 114 -7.40 11.43 2.80
CA ALA H 114 -7.87 12.58 3.57
C ALA H 114 -9.05 12.23 4.47
N VAL H 115 -10.02 11.52 3.92
CA VAL H 115 -11.20 11.09 4.69
C VAL H 115 -10.79 10.18 5.85
N SER H 116 -9.85 9.26 5.63
CA SER H 116 -9.42 8.35 6.66
C SER H 116 -8.81 9.08 7.88
N GLU H 117 -8.13 10.20 7.66
CA GLU H 117 -7.50 11.00 8.72
C GLU H 117 -8.41 12.05 9.36
N LEU H 118 -9.66 12.12 8.94
CA LEU H 118 -10.60 13.09 9.50
C LEU H 118 -11.09 12.64 10.86
N SER H 119 -11.58 13.61 11.60
CA SER H 119 -11.86 13.42 12.98
C SER H 119 -13.28 13.65 13.37
N GLY H 120 -13.86 12.65 14.00
CA GLY H 120 -15.10 12.78 14.72
C GLY H 120 -16.20 13.53 13.99
N ALA H 121 -16.40 14.79 14.38
CA ALA H 121 -17.54 15.60 13.86
C ALA H 121 -17.41 15.87 12.38
N VAL H 122 -16.19 16.18 11.97
CA VAL H 122 -15.90 16.50 10.58
C VAL H 122 -16.12 15.29 9.67
N LYS H 123 -15.70 14.12 10.14
CA LYS H 123 -15.92 12.88 9.42
C LYS H 123 -17.39 12.52 9.30
N GLU H 124 -18.14 12.77 10.37
CA GLU H 124 -19.55 12.45 10.42
C GLU H 124 -20.32 13.27 9.38
N GLN H 125 -19.84 14.48 9.14
CA GLN H 125 -20.43 15.39 8.16
C GLN H 125 -20.35 14.87 6.73
N VAL H 126 -19.34 14.05 6.45
CA VAL H 126 -19.18 13.46 5.14
C VAL H 126 -20.09 12.24 5.00
N LYS H 127 -21.23 12.45 4.34
CA LYS H 127 -22.29 11.45 4.24
C LYS H 127 -22.06 10.36 3.18
N GLY H 128 -21.15 10.60 2.25
CA GLY H 128 -20.94 9.68 1.18
C GLY H 128 -19.75 10.06 0.33
N VAL H 129 -19.06 9.03 -0.18
CA VAL H 129 -17.89 9.22 -1.04
C VAL H 129 -17.93 8.30 -2.26
N ALA H 130 -17.71 8.86 -3.45
CA ALA H 130 -17.59 8.05 -4.66
C ALA H 130 -16.18 8.12 -5.20
N LEU H 131 -15.63 6.96 -5.50
CA LEU H 131 -14.27 6.85 -6.05
C LEU H 131 -14.31 6.17 -7.43
N PHE H 132 -13.46 6.64 -8.33
CA PHE H 132 -13.43 6.14 -9.71
C PHE H 132 -12.01 5.78 -10.08
N GLY H 133 -11.79 4.62 -10.67
CA GLY H 133 -10.46 4.24 -11.07
C GLY H 133 -9.53 4.39 -9.88
N TYR H 134 -9.92 3.75 -8.80
CA TYR H 134 -9.28 3.88 -7.47
C TYR H 134 -7.90 3.19 -7.41
N THR H 135 -6.83 3.99 -7.29
CA THR H 135 -5.47 3.46 -7.45
C THR H 135 -5.05 2.63 -6.24
N GLN H 136 -5.75 2.77 -5.13
CA GLN H 136 -5.42 2.04 -3.89
C GLN H 136 -6.50 1.04 -3.60
N ASN H 137 -7.22 0.64 -4.62
CA ASN H 137 -8.34 -0.29 -4.43
C ASN H 137 -7.88 -1.62 -3.86
N LEU H 138 -6.78 -2.14 -4.36
CA LEU H 138 -6.22 -3.39 -3.84
C LEU H 138 -5.66 -3.20 -2.42
N GLN H 139 -4.80 -2.21 -2.28
CA GLN H 139 -4.13 -1.91 -1.02
C GLN H 139 -5.12 -1.64 0.10
N ASN H 140 -6.20 -0.94 -0.17
CA ASN H 140 -7.22 -0.64 0.86
C ASN H 140 -8.43 -1.56 0.80
N ARG H 141 -8.31 -2.64 0.06
CA ARG H 141 -9.27 -3.72 0.06
C ARG H 141 -10.66 -3.23 -0.31
N GLY H 142 -10.75 -2.37 -1.31
CA GLY H 142 -12.04 -1.95 -1.84
C GLY H 142 -12.74 -0.83 -1.10
N GLY H 143 -12.06 -0.24 -0.12
CA GLY H 143 -12.70 0.76 0.73
C GLY H 143 -11.80 1.89 1.17
N ILE H 144 -12.32 2.69 2.11
CA ILE H 144 -11.55 3.77 2.72
C ILE H 144 -11.34 3.41 4.19
N PRO H 145 -10.07 3.36 4.64
CA PRO H 145 -9.73 3.13 6.04
C PRO H 145 -10.50 4.05 7.00
N ASN H 146 -11.08 3.48 8.07
CA ASN H 146 -11.83 4.23 9.09
C ASN H 146 -13.02 4.97 8.53
N TYR H 147 -13.66 4.43 7.51
CA TYR H 147 -14.82 5.09 6.97
C TYR H 147 -15.84 4.04 6.59
N PRO H 148 -17.08 4.23 7.02
CA PRO H 148 -18.10 3.19 6.82
C PRO H 148 -18.15 2.73 5.40
N ARG H 149 -18.19 1.44 5.21
CA ARG H 149 -18.32 0.89 3.86
C ARG H 149 -19.64 1.26 3.22
N GLU H 150 -20.71 1.48 4.00
CA GLU H 150 -22.01 1.74 3.39
C GLU H 150 -22.13 3.18 2.89
N ARG H 151 -21.20 4.03 3.32
CA ARG H 151 -21.08 5.41 2.82
C ARG H 151 -20.11 5.53 1.64
N THR H 152 -19.45 4.42 1.32
CA THR H 152 -18.47 4.36 0.25
C THR H 152 -19.01 3.65 -0.98
N LYS H 153 -18.64 4.14 -2.16
CA LYS H 153 -18.99 3.49 -3.41
C LYS H 153 -17.81 3.61 -4.39
N VAL H 154 -17.28 2.46 -4.84
CA VAL H 154 -16.10 2.43 -5.67
C VAL H 154 -16.45 1.96 -7.07
N PHE H 155 -16.12 2.76 -8.08
CA PHE H 155 -16.22 2.37 -9.48
C PHE H 155 -14.86 1.98 -10.01
N CYS H 156 -14.70 0.70 -10.29
CA CYS H 156 -13.46 0.16 -10.80
C CYS H 156 -13.84 -0.77 -11.93
N ASN H 157 -13.76 -0.27 -13.16
CA ASN H 157 -14.09 -1.03 -14.35
C ASN H 157 -13.26 -2.30 -14.48
N VAL H 158 -13.85 -3.27 -15.16
CA VAL H 158 -13.29 -4.59 -15.23
C VAL H 158 -11.88 -4.64 -15.87
N GLY H 159 -11.61 -3.91 -16.93
CA GLY H 159 -10.24 -3.97 -17.43
C GLY H 159 -9.30 -2.91 -16.91
N ASP H 160 -9.69 -2.20 -15.84
CA ASP H 160 -8.92 -1.08 -15.31
C ASP H 160 -7.83 -1.58 -14.34
N ALA H 161 -6.62 -1.65 -14.87
CA ALA H 161 -5.51 -2.24 -14.16
C ALA H 161 -5.09 -1.54 -12.87
N VAL H 162 -5.45 -0.28 -12.67
CA VAL H 162 -5.02 0.40 -11.43
C VAL H 162 -5.77 -0.17 -10.22
N CYS H 163 -6.91 -0.79 -10.52
CA CYS H 163 -7.79 -1.34 -9.52
C CYS H 163 -7.25 -2.64 -8.95
N THR H 164 -6.36 -3.27 -9.71
CA THR H 164 -5.65 -4.49 -9.25
C THR H 164 -4.17 -4.20 -8.97
N GLY H 165 -3.85 -3.04 -8.39
CA GLY H 165 -2.50 -2.78 -7.86
C GLY H 165 -1.38 -2.51 -8.86
N THR H 166 -1.73 -2.16 -10.09
CA THR H 166 -0.76 -1.83 -11.14
C THR H 166 -0.97 -0.42 -11.67
N LEU H 167 0.07 0.39 -11.83
CA LEU H 167 -0.13 1.72 -12.44
C LEU H 167 0.04 1.72 -13.96
N ILE H 168 -0.79 0.95 -14.65
CA ILE H 168 -0.93 0.81 -16.13
C ILE H 168 -2.25 1.51 -16.56
N ILE H 169 -2.22 2.31 -17.62
CA ILE H 169 -3.43 2.96 -18.08
C ILE H 169 -3.98 2.26 -19.30
N THR H 170 -5.11 1.60 -19.09
CA THR H 170 -5.85 0.97 -20.18
C THR H 170 -7.01 1.87 -20.55
N PRO H 171 -7.63 1.60 -21.68
CA PRO H 171 -8.85 2.33 -22.04
C PRO H 171 -9.98 2.31 -21.00
N ALA H 172 -10.12 1.23 -20.25
CA ALA H 172 -11.14 1.11 -19.23
C ALA H 172 -10.98 2.20 -18.17
N HIS H 173 -9.75 2.66 -17.94
CA HIS H 173 -9.47 3.72 -16.96
C HIS H 173 -10.02 5.10 -17.41
N LEU H 174 -10.32 5.25 -18.69
CA LEU H 174 -10.70 6.53 -19.24
C LEU H 174 -12.19 6.65 -19.41
N SER H 175 -12.94 5.82 -18.72
CA SER H 175 -14.31 5.56 -19.10
C SER H 175 -15.24 5.49 -17.86
N TYR H 176 -15.38 6.61 -17.17
CA TYR H 176 -16.23 6.66 -15.97
C TYR H 176 -17.24 7.82 -16.01
N THR H 177 -17.42 8.48 -17.15
CA THR H 177 -18.27 9.67 -17.15
C THR H 177 -19.75 9.32 -17.04
N ILE H 178 -20.18 8.21 -17.62
CA ILE H 178 -21.57 7.78 -17.48
C ILE H 178 -21.93 7.38 -16.06
N GLU H 179 -21.08 6.58 -15.48
CA GLU H 179 -21.25 6.18 -14.10
C GLU H 179 -21.30 7.38 -13.18
N ALA H 180 -20.48 8.38 -13.48
CA ALA H 180 -20.37 9.53 -12.61
C ALA H 180 -21.63 10.39 -12.68
N ARG H 181 -22.13 10.62 -13.88
CA ARG H 181 -23.32 11.43 -14.07
C ARG H 181 -24.57 10.73 -13.54
N GLY H 182 -24.61 9.42 -13.71
CA GLY H 182 -25.79 8.66 -13.40
C GLY H 182 -25.73 8.01 -12.05
N GLU H 183 -25.20 6.80 -12.02
CA GLU H 183 -25.33 5.95 -10.86
C GLU H 183 -24.69 6.55 -9.60
N ALA H 184 -23.51 7.16 -9.77
CA ALA H 184 -22.78 7.77 -8.65
C ALA H 184 -23.47 8.99 -8.07
N ALA H 185 -24.10 9.78 -8.93
CA ALA H 185 -24.83 10.96 -8.47
C ALA H 185 -26.07 10.54 -7.67
N ARG H 186 -26.77 9.50 -8.14
CA ARG H 186 -27.90 8.93 -7.41
C ARG H 186 -27.46 8.41 -6.06
N PHE H 187 -26.35 7.70 -6.04
CA PHE H 187 -25.84 7.18 -4.77
C PHE H 187 -25.65 8.29 -3.75
N LEU H 188 -24.95 9.35 -4.15
CA LEU H 188 -24.62 10.45 -3.23
C LEU H 188 -25.86 11.21 -2.83
N ARG H 189 -26.81 11.36 -3.74
CA ARG H 189 -28.09 11.97 -3.42
C ARG H 189 -28.79 11.20 -2.30
N ASP H 190 -28.88 9.88 -2.48
CA ASP H 190 -29.47 9.00 -1.48
C ASP H 190 -28.79 9.15 -0.13
N ARG H 191 -27.48 9.22 -0.13
CA ARG H 191 -26.70 9.38 1.11
C ARG H 191 -26.94 10.72 1.83
N ILE H 192 -27.38 11.70 1.09
CA ILE H 192 -27.74 12.98 1.68
C ILE H 192 -29.13 12.96 2.35
N ARG H 193 -29.97 11.98 2.06
CA ARG H 193 -31.21 11.73 2.85
C ARG H 193 -31.19 10.40 3.69
N GLN I 1 20.57 -14.25 -17.71
CA GLN I 1 20.77 -15.46 -18.49
C GLN I 1 20.16 -15.48 -19.90
N LEU I 2 18.86 -15.21 -20.07
CA LEU I 2 18.18 -15.35 -21.41
C LEU I 2 18.45 -14.23 -22.38
N GLY I 3 19.74 -14.01 -22.61
CA GLY I 3 20.23 -12.95 -23.43
C GLY I 3 20.16 -11.62 -22.59
N ALA I 4 20.03 -11.72 -21.23
CA ALA I 4 19.82 -10.51 -20.40
C ALA I 4 21.07 -9.79 -19.89
N ILE I 5 22.22 -10.45 -19.96
CA ILE I 5 23.50 -9.80 -19.71
C ILE I 5 24.43 -10.00 -20.88
N GLU I 6 24.99 -8.90 -21.36
CA GLU I 6 25.93 -8.92 -22.47
C GLU I 6 27.02 -7.87 -22.25
N ASN I 7 28.29 -8.30 -22.37
CA ASN I 7 29.45 -7.44 -22.13
C ASN I 7 30.52 -7.59 -23.19
N GLY I 8 30.09 -7.76 -24.42
CA GLY I 8 30.99 -8.10 -25.50
C GLY I 8 32.03 -7.04 -25.77
N LEU I 9 31.66 -5.79 -25.57
CA LEU I 9 32.54 -4.65 -25.79
C LEU I 9 33.50 -4.47 -24.64
N GLU I 10 33.01 -4.62 -23.42
CA GLU I 10 33.89 -4.53 -22.29
C GLU I 10 34.93 -5.65 -22.19
N SER I 11 34.52 -6.87 -22.45
CA SER I 11 35.45 -7.97 -22.34
C SER I 11 36.13 -8.28 -23.69
N GLY I 12 35.66 -7.70 -24.78
CA GLY I 12 36.29 -7.95 -26.08
C GLY I 12 37.67 -7.31 -26.15
N SER I 13 38.58 -7.94 -26.89
CA SER I 13 39.96 -7.43 -27.03
C SER I 13 40.18 -6.73 -28.38
N ALA I 14 41.04 -5.71 -28.38
CA ALA I 14 41.24 -4.83 -29.55
C ALA I 14 41.97 -5.49 -30.71
N ASN I 15 42.57 -6.66 -30.43
CA ASN I 15 43.22 -7.47 -31.44
C ASN I 15 42.20 -8.34 -32.21
N ALA I 16 40.93 -8.33 -31.79
CA ALA I 16 39.89 -9.14 -32.43
C ALA I 16 38.59 -8.36 -32.61
N CYS I 17 38.67 -7.16 -33.17
CA CYS I 17 37.49 -6.35 -33.41
C CYS I 17 36.53 -7.05 -34.35
N PRO I 18 35.23 -6.82 -34.18
CA PRO I 18 34.26 -7.52 -34.99
C PRO I 18 33.77 -6.66 -36.15
N ASP I 19 32.78 -7.16 -36.89
CA ASP I 19 32.22 -6.44 -38.02
C ASP I 19 31.34 -5.27 -37.56
N ALA I 20 30.75 -5.40 -36.37
CA ALA I 20 29.90 -4.37 -35.79
C ALA I 20 29.75 -4.49 -34.29
N ILE I 21 29.44 -3.35 -33.67
CA ILE I 21 29.20 -3.27 -32.24
C ILE I 21 27.79 -2.72 -31.95
N LEU I 22 27.04 -3.42 -31.12
CA LEU I 22 25.72 -2.95 -30.69
C LEU I 22 25.76 -2.51 -29.22
N ILE I 23 25.37 -1.27 -28.96
CA ILE I 23 25.23 -0.78 -27.58
C ILE I 23 23.74 -0.59 -27.30
N PHE I 24 23.25 -1.21 -26.22
CA PHE I 24 21.83 -1.18 -25.92
C PHE I 24 21.54 -0.74 -24.48
N ALA I 25 20.54 0.13 -24.32
CA ALA I 25 20.06 0.53 -23.00
C ALA I 25 18.63 0.03 -22.80
N ARG I 26 18.44 -0.69 -21.69
CA ARG I 26 17.16 -1.33 -21.38
C ARG I 26 16.12 -0.39 -20.78
N GLY I 27 14.91 -0.91 -20.63
CA GLY I 27 13.81 -0.15 -20.06
C GLY I 27 13.76 -0.18 -18.53
N SER I 28 12.91 0.67 -17.96
CA SER I 28 12.82 0.80 -16.50
C SER I 28 12.41 -0.56 -15.93
N THR I 29 13.13 -0.95 -14.88
CA THR I 29 12.88 -2.18 -14.11
C THR I 29 13.28 -3.47 -14.80
N GLU I 30 13.81 -3.42 -16.02
CA GLU I 30 14.23 -4.66 -16.67
C GLU I 30 15.51 -5.20 -16.05
N PRO I 31 15.64 -6.53 -16.01
CA PRO I 31 16.79 -7.16 -15.38
C PRO I 31 18.02 -7.11 -16.25
N GLY I 32 19.17 -7.42 -15.65
CA GLY I 32 20.45 -7.47 -16.36
C GLY I 32 20.85 -6.12 -16.88
N ASN I 33 21.54 -6.11 -18.02
CA ASN I 33 21.87 -4.85 -18.73
C ASN I 33 21.24 -4.79 -20.13
N MET I 34 20.62 -5.88 -20.58
CA MET I 34 19.92 -5.92 -21.86
C MET I 34 18.42 -5.96 -21.70
N GLY I 35 17.95 -6.31 -20.51
CA GLY I 35 16.53 -6.57 -20.28
C GLY I 35 16.15 -7.91 -20.92
N ILE I 36 14.85 -8.18 -21.00
CA ILE I 36 14.38 -9.44 -21.56
C ILE I 36 13.37 -9.31 -22.70
N THR I 37 13.07 -8.08 -23.13
CA THR I 37 12.09 -7.87 -24.18
C THR I 37 12.82 -7.39 -25.44
N VAL I 38 12.92 -6.07 -25.60
CA VAL I 38 13.40 -5.44 -26.81
C VAL I 38 14.90 -5.74 -27.05
N GLY I 39 15.70 -5.67 -26.00
CA GLY I 39 17.16 -5.82 -26.13
C GLY I 39 17.62 -7.12 -26.78
N PRO I 40 17.27 -8.25 -26.16
CA PRO I 40 17.55 -9.54 -26.77
C PRO I 40 16.93 -9.71 -28.15
N ALA I 41 15.72 -9.22 -28.37
CA ALA I 41 15.09 -9.31 -29.70
C ALA I 41 15.93 -8.59 -30.75
N LEU I 42 16.43 -7.41 -30.42
CA LEU I 42 17.22 -6.61 -31.36
C LEU I 42 18.57 -7.24 -31.60
N ALA I 43 19.20 -7.71 -30.53
CA ALA I 43 20.50 -8.40 -30.63
C ALA I 43 20.39 -9.65 -31.49
N ASN I 44 19.33 -10.40 -31.26
CA ASN I 44 19.02 -11.56 -32.03
C ASN I 44 18.87 -11.28 -33.52
N GLY I 45 18.05 -10.28 -33.84
CA GLY I 45 17.70 -9.99 -35.22
C GLY I 45 18.91 -9.52 -35.98
N LEU I 46 19.74 -8.79 -35.29
CA LEU I 46 20.91 -8.22 -35.90
C LEU I 46 21.99 -9.27 -36.13
N GLU I 47 22.09 -10.20 -35.20
CA GLU I 47 23.00 -11.32 -35.33
C GLU I 47 22.66 -12.27 -36.46
N SER I 48 21.39 -12.32 -36.83
CA SER I 48 20.96 -13.07 -38.01
C SER I 48 21.45 -12.46 -39.34
N HIS I 49 21.83 -11.18 -39.34
CA HIS I 49 22.35 -10.49 -40.52
C HIS I 49 23.86 -10.27 -40.50
N ILE I 50 24.46 -10.24 -39.32
CA ILE I 50 25.87 -9.92 -39.15
C ILE I 50 26.41 -10.81 -38.06
N ARG I 51 27.09 -11.86 -38.47
CA ARG I 51 27.44 -12.94 -37.58
C ARG I 51 28.44 -12.52 -36.55
N ASN I 52 29.42 -11.74 -36.97
CA ASN I 52 30.52 -11.38 -36.10
C ASN I 52 30.26 -10.01 -35.49
N ILE I 53 29.73 -10.03 -34.27
CA ILE I 53 29.17 -8.84 -33.64
C ILE I 53 29.40 -8.84 -32.13
N TRP I 54 29.74 -7.68 -31.57
CA TRP I 54 29.83 -7.54 -30.12
C TRP I 54 28.58 -6.88 -29.62
N ILE I 55 28.07 -7.39 -28.51
CA ILE I 55 26.86 -6.89 -27.92
C ILE I 55 27.11 -6.38 -26.51
N GLN I 56 26.68 -5.17 -26.24
CA GLN I 56 26.94 -4.52 -24.96
C GLN I 56 25.68 -3.87 -24.38
N GLY I 57 25.28 -4.32 -23.20
CA GLY I 57 24.22 -3.65 -22.45
C GLY I 57 24.82 -2.46 -21.71
N VAL I 58 24.00 -1.45 -21.39
CA VAL I 58 24.44 -0.33 -20.57
C VAL I 58 24.10 -0.65 -19.12
N GLY I 59 25.13 -0.95 -18.34
CA GLY I 59 24.96 -1.33 -16.93
C GLY I 59 25.60 -0.25 -16.09
N GLY I 60 26.50 -0.66 -15.20
CA GLY I 60 27.18 0.30 -14.31
C GLY I 60 26.17 0.97 -13.39
N PRO I 61 26.20 2.31 -13.31
CA PRO I 61 25.22 2.99 -12.49
C PRO I 61 23.78 2.88 -12.97
N TYR I 62 23.56 2.48 -14.23
CA TYR I 62 22.19 2.42 -14.77
C TYR I 62 21.41 1.23 -14.23
N ASP I 63 20.73 1.48 -13.12
CA ASP I 63 19.90 0.48 -12.42
C ASP I 63 18.44 0.51 -12.86
N ALA I 64 18.12 1.29 -13.90
CA ALA I 64 16.80 1.26 -14.53
C ALA I 64 15.67 1.53 -13.55
N ALA I 65 15.92 2.48 -12.67
CA ALA I 65 14.95 2.84 -11.64
C ALA I 65 13.78 3.62 -12.24
N LEU I 66 12.60 3.49 -11.62
CA LEU I 66 11.41 4.30 -12.01
C LEU I 66 11.61 5.78 -11.77
N ALA I 67 12.13 6.14 -10.61
CA ALA I 67 12.26 7.53 -10.18
C ALA I 67 13.06 8.37 -11.16
N THR I 68 14.14 7.81 -11.71
CA THR I 68 15.03 8.57 -12.59
C THR I 68 14.38 9.05 -13.90
N ASN I 69 13.27 8.44 -14.29
CA ASN I 69 12.46 8.94 -15.44
C ASN I 69 12.02 10.39 -15.29
N PHE I 70 11.86 10.83 -14.06
CA PHE I 70 11.37 12.18 -13.77
C PHE I 70 12.42 13.26 -13.71
N LEU I 71 13.67 12.90 -13.93
CA LEU I 71 14.70 13.91 -14.07
C LEU I 71 14.58 14.62 -15.40
N PRO I 72 15.18 15.84 -15.48
CA PRO I 72 15.22 16.43 -16.81
C PRO I 72 16.07 15.58 -17.76
N ARG I 73 15.53 15.43 -18.96
CA ARG I 73 16.08 14.64 -20.05
C ARG I 73 15.70 13.18 -20.01
N GLY I 74 14.97 12.80 -18.98
CA GLY I 74 14.34 11.48 -18.93
C GLY I 74 15.15 10.40 -18.21
N THR I 75 16.35 10.76 -17.78
CA THR I 75 17.17 9.93 -16.91
C THR I 75 18.27 10.78 -16.21
N SER I 76 19.04 10.13 -15.34
CA SER I 76 20.15 10.77 -14.59
C SER I 76 21.37 11.02 -15.46
N GLN I 77 22.20 11.97 -15.05
CA GLN I 77 23.46 12.30 -15.78
C GLN I 77 24.47 11.18 -15.62
N ALA I 78 24.45 10.54 -14.45
CA ALA I 78 25.32 9.39 -14.18
C ALA I 78 25.11 8.29 -15.23
N ASN I 79 23.84 8.06 -15.57
CA ASN I 79 23.45 7.05 -16.56
C ASN I 79 23.87 7.44 -17.98
N ILE I 80 23.63 8.71 -18.32
CA ILE I 80 24.02 9.26 -19.61
C ILE I 80 25.52 9.14 -19.82
N ASP I 81 26.26 9.41 -18.75
CA ASP I 81 27.70 9.35 -18.79
C ASP I 81 28.21 7.96 -19.01
N GLU I 82 27.56 6.99 -18.38
CA GLU I 82 27.95 5.60 -18.58
C GLU I 82 27.75 5.21 -20.03
N GLY I 83 26.70 5.72 -20.64
CA GLY I 83 26.49 5.51 -22.06
C GLY I 83 27.60 6.12 -22.90
N LYS I 84 27.95 7.36 -22.61
CA LYS I 84 29.05 8.05 -23.28
C LYS I 84 30.39 7.33 -23.15
N ARG I 85 30.64 6.75 -21.96
CA ARG I 85 31.85 5.98 -21.70
C ARG I 85 31.97 4.82 -22.67
N LEU I 86 30.88 4.08 -22.82
CA LEU I 86 30.86 2.92 -23.70
C LEU I 86 31.09 3.27 -25.17
N PHE I 87 30.52 4.37 -25.63
CA PHE I 87 30.77 4.84 -26.99
C PHE I 87 32.25 5.19 -27.21
N ALA I 88 32.88 5.79 -26.19
CA ALA I 88 34.29 6.17 -26.24
C ALA I 88 35.18 4.94 -26.20
N LEU I 89 34.78 3.95 -25.40
CA LEU I 89 35.50 2.69 -25.31
C LEU I 89 35.47 1.93 -26.63
N ALA I 90 34.36 2.04 -27.36
CA ALA I 90 34.26 1.41 -28.68
C ALA I 90 35.25 2.05 -29.66
N ASN I 91 35.37 3.37 -29.56
CA ASN I 91 36.24 4.13 -30.44
C ASN I 91 37.71 3.88 -30.15
N GLN I 92 38.03 3.71 -28.88
CA GLN I 92 39.36 3.34 -28.43
C GLN I 92 39.76 1.96 -28.87
N LYS I 93 38.92 0.97 -28.57
CA LYS I 93 39.23 -0.42 -28.92
C LYS I 93 39.22 -0.68 -30.42
N CYS I 94 38.28 -0.10 -31.15
CA CYS I 94 37.98 -0.53 -32.51
C CYS I 94 37.50 0.62 -33.36
N PRO I 95 38.35 1.63 -33.57
CA PRO I 95 37.92 2.89 -34.22
C PRO I 95 37.38 2.69 -35.60
N ASN I 96 37.71 1.56 -36.23
CA ASN I 96 37.27 1.33 -37.60
C ASN I 96 36.02 0.50 -37.72
N THR I 97 35.57 -0.05 -36.59
CA THR I 97 34.36 -0.86 -36.55
C THR I 97 33.11 0.00 -36.39
N PRO I 98 32.12 -0.19 -37.27
CA PRO I 98 30.92 0.60 -37.12
C PRO I 98 30.16 0.22 -35.85
N VAL I 99 29.56 1.23 -35.24
CA VAL I 99 28.74 1.09 -34.04
C VAL I 99 27.29 1.40 -34.36
N VAL I 100 26.39 0.54 -33.88
CA VAL I 100 24.97 0.87 -33.87
C VAL I 100 24.47 0.83 -32.44
N ALA I 101 23.35 1.49 -32.20
CA ALA I 101 22.81 1.60 -30.82
C ALA I 101 21.31 1.48 -30.78
N GLY I 102 20.82 1.07 -29.62
CA GLY I 102 19.42 0.95 -29.40
C GLY I 102 19.06 1.35 -27.99
N GLY I 103 17.79 1.72 -27.81
CA GLY I 103 17.28 1.99 -26.47
C GLY I 103 15.79 1.86 -26.37
N TYR I 104 15.31 1.42 -25.20
CA TYR I 104 13.89 1.20 -24.96
C TYR I 104 13.42 1.97 -23.76
N SER I 105 12.34 2.73 -23.92
CA SER I 105 11.72 3.42 -22.82
C SER I 105 12.77 4.34 -22.18
N GLN I 106 13.03 4.21 -20.89
CA GLN I 106 14.00 5.08 -20.27
C GLN I 106 15.39 4.94 -20.96
N GLY I 107 15.71 3.75 -21.41
CA GLY I 107 16.96 3.52 -22.13
C GLY I 107 17.07 4.31 -23.44
N ALA I 108 15.92 4.60 -24.05
CA ALA I 108 15.89 5.44 -25.23
C ALA I 108 16.26 6.88 -24.90
N ALA I 109 15.72 7.38 -23.82
CA ALA I 109 16.12 8.69 -23.30
C ALA I 109 17.64 8.74 -23.06
N LEU I 110 18.14 7.69 -22.44
CA LEU I 110 19.54 7.59 -22.08
C LEU I 110 20.42 7.66 -23.32
N ILE I 111 20.14 6.80 -24.29
CA ILE I 111 20.94 6.74 -25.52
C ILE I 111 20.87 8.02 -26.34
N ALA I 112 19.68 8.60 -26.43
CA ALA I 112 19.49 9.81 -27.20
C ALA I 112 20.37 10.92 -26.64
N ALA I 113 20.35 11.07 -25.31
CA ALA I 113 21.11 12.11 -24.62
C ALA I 113 22.59 11.90 -24.84
N ALA I 114 23.05 10.68 -24.61
CA ALA I 114 24.46 10.32 -24.74
C ALA I 114 24.97 10.60 -26.14
N VAL I 115 24.24 10.16 -27.16
CA VAL I 115 24.64 10.36 -28.56
C VAL I 115 24.74 11.86 -28.87
N SER I 116 23.82 12.66 -28.36
CA SER I 116 23.80 14.11 -28.65
C SER I 116 25.06 14.81 -28.14
N GLU I 117 25.59 14.33 -27.03
CA GLU I 117 26.80 14.93 -26.41
C GLU I 117 28.13 14.39 -26.96
N LEU I 118 28.07 13.46 -27.92
CA LEU I 118 29.30 12.84 -28.46
C LEU I 118 29.99 13.78 -29.39
N SER I 119 31.27 13.51 -29.59
CA SER I 119 32.15 14.45 -30.23
C SER I 119 32.71 13.91 -31.52
N GLY I 120 32.49 14.63 -32.61
CA GLY I 120 33.24 14.44 -33.86
C GLY I 120 33.44 13.02 -34.35
N ALA I 121 34.64 12.48 -34.11
CA ALA I 121 35.01 11.15 -34.60
C ALA I 121 34.12 10.07 -34.00
N VAL I 122 33.88 10.16 -32.67
CA VAL I 122 33.17 9.14 -31.92
C VAL I 122 31.73 9.10 -32.39
N LYS I 123 31.17 10.26 -32.63
CA LYS I 123 29.81 10.36 -33.16
C LYS I 123 29.69 9.78 -34.56
N GLU I 124 30.70 10.03 -35.38
CA GLU I 124 30.72 9.59 -36.77
C GLU I 124 30.69 8.04 -36.83
N GLN I 125 31.34 7.41 -35.85
CA GLN I 125 31.41 5.97 -35.77
C GLN I 125 30.02 5.33 -35.55
N VAL I 126 29.10 6.07 -34.93
CA VAL I 126 27.76 5.58 -34.67
C VAL I 126 26.89 5.73 -35.93
N LYS I 127 26.75 4.64 -36.66
CA LYS I 127 26.13 4.65 -38.00
C LYS I 127 24.62 4.65 -37.97
N GLY I 128 24.04 4.33 -36.84
CA GLY I 128 22.60 4.20 -36.76
C GLY I 128 22.13 3.99 -35.34
N VAL I 129 20.96 4.54 -35.02
CA VAL I 129 20.36 4.36 -33.68
C VAL I 129 18.83 4.08 -33.78
N ALA I 130 18.39 3.03 -33.10
CA ALA I 130 16.94 2.68 -33.04
C ALA I 130 16.41 2.92 -31.63
N LEU I 131 15.32 3.64 -31.55
CA LEU I 131 14.69 3.96 -30.28
C LEU I 131 13.26 3.39 -30.25
N PHE I 132 12.87 2.89 -29.10
CA PHE I 132 11.56 2.27 -28.94
C PHE I 132 10.84 2.89 -27.73
N GLY I 133 9.57 3.24 -27.88
CA GLY I 133 8.85 3.84 -26.78
C GLY I 133 9.65 5.00 -26.22
N TYR I 134 9.98 5.94 -27.12
CA TYR I 134 10.89 7.05 -26.83
C TYR I 134 10.27 8.11 -25.92
N THR I 135 10.77 8.21 -24.68
CA THR I 135 10.14 9.08 -23.65
C THR I 135 10.36 10.59 -23.90
N GLN I 136 11.32 10.94 -24.73
CA GLN I 136 11.60 12.34 -25.12
C GLN I 136 11.25 12.59 -26.58
N ASN I 137 10.37 11.78 -27.14
CA ASN I 137 9.98 11.94 -28.53
C ASN I 137 9.37 13.32 -28.83
N LEU I 138 8.50 13.79 -27.96
CA LEU I 138 7.89 15.11 -28.15
C LEU I 138 8.93 16.20 -27.95
N GLN I 139 9.61 16.14 -26.81
CA GLN I 139 10.59 17.14 -26.42
C GLN I 139 11.67 17.30 -27.45
N ASN I 140 12.11 16.21 -28.05
CA ASN I 140 13.19 16.26 -29.05
C ASN I 140 12.69 16.17 -30.46
N ARG I 141 11.37 16.34 -30.61
CA ARG I 141 10.74 16.47 -31.92
C ARG I 141 10.99 15.30 -32.84
N GLY I 142 10.90 14.10 -32.32
CA GLY I 142 11.04 12.90 -33.12
C GLY I 142 12.44 12.44 -33.44
N GLY I 143 13.45 13.06 -32.84
CA GLY I 143 14.84 12.74 -33.19
C GLY I 143 15.79 12.82 -32.04
N ILE I 144 17.07 12.77 -32.38
CA ILE I 144 18.14 12.97 -31.45
C ILE I 144 18.83 14.29 -31.79
N PRO I 145 18.90 15.23 -30.84
CA PRO I 145 19.70 16.45 -30.99
C PRO I 145 21.13 16.21 -31.52
N ASN I 146 21.53 16.99 -32.53
CA ASN I 146 22.87 16.92 -33.11
C ASN I 146 23.19 15.57 -33.70
N TYR I 147 22.19 14.87 -34.23
CA TYR I 147 22.46 13.59 -34.84
C TYR I 147 21.60 13.47 -36.08
N PRO I 148 22.22 13.13 -37.22
CA PRO I 148 21.48 13.04 -38.48
C PRO I 148 20.16 12.29 -38.35
N ARG I 149 19.10 12.90 -38.87
CA ARG I 149 17.79 12.26 -38.89
C ARG I 149 17.79 10.97 -39.71
N GLU I 150 18.63 10.85 -40.73
CA GLU I 150 18.59 9.66 -41.60
C GLU I 150 19.28 8.44 -40.97
N ARG I 151 20.07 8.69 -39.92
CA ARG I 151 20.69 7.62 -39.10
C ARG I 151 19.83 7.21 -37.90
N THR I 152 18.73 7.91 -37.70
CA THR I 152 17.83 7.69 -36.60
C THR I 152 16.54 7.01 -37.06
N LYS I 153 16.02 6.11 -36.23
CA LYS I 153 14.74 5.45 -36.48
C LYS I 153 14.01 5.30 -35.15
N VAL I 154 12.82 5.89 -35.05
CA VAL I 154 12.05 5.90 -33.80
C VAL I 154 10.80 5.06 -33.97
N PHE I 155 10.65 4.07 -33.09
CA PHE I 155 9.41 3.28 -33.00
C PHE I 155 8.59 3.79 -31.83
N CYS I 156 7.46 4.40 -32.16
CA CYS I 156 6.56 4.96 -31.18
C CYS I 156 5.17 4.55 -31.60
N ASN I 157 4.67 3.47 -31.01
CA ASN I 157 3.37 2.94 -31.34
C ASN I 157 2.28 3.97 -31.13
N VAL I 158 1.19 3.76 -31.86
CA VAL I 158 0.10 4.71 -31.87
C VAL I 158 -0.55 5.00 -30.49
N GLY I 159 -0.80 4.03 -29.65
CA GLY I 159 -1.35 4.40 -28.34
C GLY I 159 -0.34 4.61 -27.22
N ASP I 160 0.92 4.75 -27.57
CA ASP I 160 1.98 4.80 -26.56
C ASP I 160 2.15 6.22 -26.06
N ALA I 161 1.57 6.49 -24.91
CA ALA I 161 1.47 7.85 -24.37
C ALA I 161 2.82 8.55 -24.10
N VAL I 162 3.91 7.78 -23.94
CA VAL I 162 5.19 8.41 -23.58
C VAL I 162 5.72 9.16 -24.77
N CYS I 163 5.21 8.79 -25.94
CA CYS I 163 5.65 9.38 -27.19
C CYS I 163 5.05 10.76 -27.39
N THR I 164 3.96 11.04 -26.71
CA THR I 164 3.33 12.36 -26.74
C THR I 164 3.53 13.10 -25.40
N GLY I 165 4.70 12.96 -24.78
CA GLY I 165 5.07 13.79 -23.62
C GLY I 165 4.46 13.48 -22.27
N THR I 166 3.89 12.30 -22.12
CA THR I 166 3.26 11.89 -20.85
C THR I 166 3.96 10.65 -20.32
N LEU I 167 4.36 10.61 -19.06
CA LEU I 167 4.95 9.38 -18.52
C LEU I 167 3.94 8.40 -17.95
N ILE I 168 3.08 7.87 -18.80
CA ILE I 168 2.27 6.74 -18.34
C ILE I 168 2.41 5.54 -19.23
N ILE I 169 2.14 4.40 -18.63
CA ILE I 169 2.30 3.16 -19.35
C ILE I 169 0.99 2.55 -19.83
N THR I 170 0.80 2.56 -21.14
CA THR I 170 -0.32 1.86 -21.76
C THR I 170 0.18 0.54 -22.34
N PRO I 171 -0.75 -0.31 -22.75
CA PRO I 171 -0.32 -1.58 -23.36
C PRO I 171 0.55 -1.44 -24.62
N ALA I 172 0.33 -0.37 -25.36
CA ALA I 172 1.10 -0.12 -26.54
C ALA I 172 2.59 0.04 -26.25
N HIS I 173 2.92 0.52 -25.06
CA HIS I 173 4.32 0.66 -24.63
C HIS I 173 5.04 -0.68 -24.40
N LEU I 174 4.28 -1.76 -24.25
CA LEU I 174 4.83 -3.09 -23.93
C LEU I 174 5.00 -3.98 -25.14
N SER I 175 5.00 -3.38 -26.32
CA SER I 175 4.77 -4.11 -27.52
C SER I 175 5.72 -3.66 -28.65
N TYR I 176 7.03 -3.91 -28.48
CA TYR I 176 8.01 -3.55 -29.50
C TYR I 176 8.94 -4.70 -29.89
N THR I 177 8.65 -5.92 -29.49
CA THR I 177 9.59 -6.99 -29.71
C THR I 177 9.65 -7.46 -31.17
N ILE I 178 8.53 -7.44 -31.87
CA ILE I 178 8.52 -7.77 -33.30
C ILE I 178 9.29 -6.74 -34.14
N GLU I 179 9.01 -5.49 -33.87
CA GLU I 179 9.67 -4.40 -34.57
C GLU I 179 11.16 -4.46 -34.35
N ALA I 180 11.54 -4.83 -33.16
CA ALA I 180 12.94 -4.86 -32.80
C ALA I 180 13.69 -5.98 -33.53
N ARG I 181 13.08 -7.17 -33.56
CA ARG I 181 13.68 -8.33 -34.22
C ARG I 181 13.72 -8.18 -35.72
N GLY I 182 12.67 -7.58 -36.28
CA GLY I 182 12.52 -7.47 -37.71
C GLY I 182 12.98 -6.14 -38.28
N GLU I 183 12.06 -5.19 -38.33
CA GLU I 183 12.27 -3.95 -39.07
C GLU I 183 13.47 -3.15 -38.59
N ALA I 184 13.64 -3.08 -37.27
CA ALA I 184 14.74 -2.32 -36.64
C ALA I 184 16.10 -2.93 -36.88
N ALA I 185 16.16 -4.25 -36.88
CA ALA I 185 17.41 -4.93 -37.16
C ALA I 185 17.83 -4.72 -38.63
N ARG I 186 16.87 -4.80 -39.54
CA ARG I 186 17.11 -4.51 -40.95
C ARG I 186 17.59 -3.06 -41.13
N PHE I 187 16.94 -2.11 -40.48
CA PHE I 187 17.36 -0.74 -40.55
C PHE I 187 18.84 -0.57 -40.16
N LEU I 188 19.24 -1.12 -39.01
CA LEU I 188 20.61 -0.97 -38.52
C LEU I 188 21.61 -1.70 -39.41
N ARG I 189 21.23 -2.85 -39.93
CA ARG I 189 22.07 -3.57 -40.89
C ARG I 189 22.35 -2.71 -42.10
N ASP I 190 21.30 -2.12 -42.67
CA ASP I 190 21.43 -1.20 -43.81
C ASP I 190 22.36 -0.03 -43.51
N ARG I 191 22.23 0.55 -42.34
CA ARG I 191 23.09 1.65 -41.91
C ARG I 191 24.57 1.26 -41.74
N ILE I 192 24.85 0.00 -41.48
CA ILE I 192 26.23 -0.49 -41.42
C ILE I 192 26.88 -0.51 -42.81
N ARG I 193 26.08 -0.29 -43.85
CA ARG I 193 26.52 -0.12 -45.23
C ARG I 193 26.00 1.26 -45.65
N GLY J 3 8.54 19.30 -38.86
CA GLY J 3 7.88 17.95 -38.75
C GLY J 3 8.70 16.88 -38.12
N ALA J 4 8.08 15.76 -37.77
CA ALA J 4 6.65 15.45 -37.97
C ALA J 4 5.77 15.87 -36.79
N ILE J 5 6.39 16.27 -35.70
CA ILE J 5 5.66 16.83 -34.60
C ILE J 5 6.24 18.15 -34.12
N GLU J 6 5.39 19.17 -34.03
CA GLU J 6 5.80 20.53 -33.67
C GLU J 6 4.73 21.18 -32.81
N ASN J 7 5.14 21.70 -31.65
CA ASN J 7 4.24 22.30 -30.66
C ASN J 7 4.75 23.60 -30.11
N GLY J 8 5.39 24.38 -30.97
CA GLY J 8 6.07 25.58 -30.56
C GLY J 8 5.15 26.60 -29.93
N LEU J 9 3.92 26.66 -30.41
CA LEU J 9 2.94 27.62 -29.92
C LEU J 9 2.37 27.14 -28.61
N GLU J 10 2.07 25.85 -28.52
CA GLU J 10 1.50 25.32 -27.27
C GLU J 10 2.47 25.35 -26.11
N SER J 11 3.72 25.03 -26.36
CA SER J 11 4.71 25.04 -25.30
C SER J 11 5.48 26.36 -25.21
N GLY J 12 5.34 27.25 -26.19
CA GLY J 12 6.03 28.53 -26.12
C GLY J 12 5.44 29.41 -25.02
N SER J 13 6.27 30.25 -24.41
CA SER J 13 5.80 31.15 -23.33
C SER J 13 5.62 32.60 -23.81
N ALA J 14 4.65 33.31 -23.23
CA ALA J 14 4.24 34.66 -23.68
C ALA J 14 5.27 35.76 -23.37
N ASN J 15 6.23 35.46 -22.53
CA ASN J 15 7.33 36.38 -22.24
C ASN J 15 8.47 36.24 -23.31
N ALA J 16 8.34 35.33 -24.27
CA ALA J 16 9.38 35.12 -25.31
C ALA J 16 8.78 34.95 -26.70
N CYS J 17 7.85 35.83 -27.08
CA CYS J 17 7.19 35.71 -28.37
C CYS J 17 8.22 35.82 -29.48
N PRO J 18 7.97 35.16 -30.63
CA PRO J 18 8.92 35.16 -31.72
C PRO J 18 8.55 36.18 -32.78
N ASP J 19 9.33 36.21 -33.87
CA ASP J 19 9.07 37.12 -34.97
C ASP J 19 7.83 36.71 -35.78
N ALA J 20 7.51 35.41 -35.78
CA ALA J 20 6.35 34.88 -36.48
C ALA J 20 5.90 33.52 -35.97
N ILE J 21 4.63 33.20 -36.22
CA ILE J 21 4.05 31.90 -35.85
C ILE J 21 3.44 31.22 -37.06
N LEU J 22 3.79 29.96 -37.26
CA LEU J 22 3.23 29.16 -38.35
C LEU J 22 2.31 28.11 -37.79
N ILE J 23 1.08 28.12 -38.25
CA ILE J 23 0.13 27.04 -37.91
C ILE J 23 -0.15 26.19 -39.15
N PHE J 24 0.03 24.88 -39.03
CA PHE J 24 -0.08 23.98 -40.18
C PHE J 24 -0.97 22.78 -39.95
N ALA J 25 -1.80 22.47 -40.93
CA ALA J 25 -2.66 21.28 -40.88
C ALA J 25 -2.27 20.31 -41.97
N ARG J 26 -2.00 19.08 -41.56
CA ARG J 26 -1.48 18.02 -42.42
C ARG J 26 -2.57 17.35 -43.26
N GLY J 27 -2.12 16.50 -44.19
CA GLY J 27 -3.02 15.77 -45.07
C GLY J 27 -3.59 14.51 -44.46
N SER J 28 -4.57 13.91 -45.13
CA SER J 28 -5.21 12.70 -44.65
C SER J 28 -4.18 11.57 -44.53
N THR J 29 -4.21 10.87 -43.40
CA THR J 29 -3.35 9.71 -43.15
C THR J 29 -1.91 10.10 -42.75
N GLU J 30 -1.51 11.36 -42.81
CA GLU J 30 -0.13 11.71 -42.48
C GLU J 30 0.13 11.56 -40.96
N PRO J 31 1.34 11.10 -40.58
CA PRO J 31 1.70 10.97 -39.17
C PRO J 31 1.95 12.30 -38.43
N GLY J 32 2.00 12.23 -37.09
CA GLY J 32 2.29 13.39 -36.27
C GLY J 32 1.21 14.43 -36.38
N ASN J 33 1.62 15.68 -36.24
CA ASN J 33 0.72 16.82 -36.49
C ASN J 33 1.18 17.74 -37.65
N MET J 34 2.37 17.48 -38.19
CA MET J 34 2.88 18.22 -39.33
C MET J 34 2.89 17.39 -40.60
N GLY J 35 2.80 16.08 -40.45
CA GLY J 35 2.98 15.16 -41.56
C GLY J 35 4.44 15.12 -41.95
N ILE J 36 4.73 14.52 -43.10
CA ILE J 36 6.12 14.34 -43.51
C ILE J 36 6.44 14.84 -44.91
N THR J 37 5.48 15.47 -45.59
CA THR J 37 5.73 15.97 -46.92
C THR J 37 5.75 17.50 -46.91
N VAL J 38 4.59 18.09 -47.14
CA VAL J 38 4.43 19.54 -47.30
C VAL J 38 4.72 20.35 -46.02
N GLY J 39 4.25 19.86 -44.86
CA GLY J 39 4.42 20.55 -43.60
C GLY J 39 5.87 20.88 -43.27
N PRO J 40 6.73 19.84 -43.21
CA PRO J 40 8.13 20.08 -42.87
C PRO J 40 8.83 20.91 -43.93
N ALA J 41 8.46 20.70 -45.18
CA ALA J 41 9.03 21.51 -46.25
C ALA J 41 8.73 23.00 -46.08
N LEU J 42 7.49 23.31 -45.74
CA LEU J 42 7.08 24.70 -45.57
C LEU J 42 7.72 25.32 -44.33
N ALA J 43 7.76 24.55 -43.25
CA ALA J 43 8.41 25.01 -42.01
C ALA J 43 9.88 25.29 -42.23
N ASN J 44 10.51 24.39 -42.95
CA ASN J 44 11.88 24.55 -43.32
C ASN J 44 12.19 25.80 -44.14
N GLY J 45 11.41 26.03 -45.19
CA GLY J 45 11.63 27.12 -46.12
C GLY J 45 11.45 28.44 -45.44
N LEU J 46 10.48 28.48 -44.55
CA LEU J 46 10.14 29.67 -43.84
C LEU J 46 11.17 30.02 -42.76
N GLU J 47 11.68 28.99 -42.11
CA GLU J 47 12.77 29.16 -41.16
C GLU J 47 14.07 29.67 -41.78
N SER J 48 14.25 29.41 -43.06
CA SER J 48 15.40 29.96 -43.78
C SER J 48 15.32 31.46 -43.99
N HIS J 49 14.13 32.04 -43.90
CA HIS J 49 13.91 33.49 -44.06
C HIS J 49 13.66 34.22 -42.74
N ILE J 50 13.18 33.48 -41.72
CA ILE J 50 12.82 34.05 -40.46
C ILE J 50 13.26 33.06 -39.39
N ARG J 51 14.41 33.35 -38.80
CA ARG J 51 15.04 32.38 -37.89
C ARG J 51 14.26 32.18 -36.61
N ASN J 52 13.65 33.24 -36.07
CA ASN J 52 12.97 33.14 -34.79
C ASN J 52 11.47 32.98 -35.00
N ILE J 53 11.03 31.72 -34.94
CA ILE J 53 9.70 31.33 -35.40
C ILE J 53 9.16 30.19 -34.56
N TRP J 54 7.87 30.23 -34.24
CA TRP J 54 7.22 29.09 -33.61
C TRP J 54 6.44 28.32 -34.64
N ILE J 55 6.53 27.00 -34.56
CA ILE J 55 5.87 26.10 -35.50
C ILE J 55 4.90 25.16 -34.82
N GLN J 56 3.67 25.14 -35.31
CA GLN J 56 2.61 24.43 -34.64
C GLN J 56 1.83 23.59 -35.63
N GLY J 57 1.82 22.29 -35.42
CA GLY J 57 0.93 21.40 -36.15
C GLY J 57 -0.46 21.43 -35.53
N VAL J 58 -1.49 21.10 -36.31
CA VAL J 58 -2.83 20.98 -35.78
C VAL J 58 -3.04 19.52 -35.44
N GLY J 59 -3.07 19.22 -34.14
CA GLY J 59 -3.28 17.86 -33.62
C GLY J 59 -4.61 17.79 -32.90
N GLY J 60 -4.58 17.33 -31.66
CA GLY J 60 -5.81 17.19 -30.87
C GLY J 60 -6.75 16.19 -31.52
N PRO J 61 -8.03 16.57 -31.71
CA PRO J 61 -8.95 15.66 -32.37
C PRO J 61 -8.60 15.35 -33.82
N TYR J 62 -7.77 16.18 -34.46
CA TYR J 62 -7.52 16.00 -35.89
C TYR J 62 -6.61 14.81 -36.10
N ASP J 63 -7.25 13.67 -36.30
CA ASP J 63 -6.56 12.41 -36.59
C ASP J 63 -6.40 12.11 -38.09
N ALA J 64 -6.74 13.08 -38.94
CA ALA J 64 -6.45 13.00 -40.38
C ALA J 64 -7.08 11.78 -41.05
N ALA J 65 -8.30 11.48 -40.66
CA ALA J 65 -8.99 10.28 -41.12
C ALA J 65 -9.50 10.49 -42.55
N LEU J 66 -9.58 9.39 -43.30
CA LEU J 66 -10.11 9.43 -44.68
C LEU J 66 -11.58 9.79 -44.69
N ALA J 67 -12.35 9.17 -43.82
CA ALA J 67 -13.81 9.35 -43.80
C ALA J 67 -14.23 10.82 -43.66
N THR J 68 -13.54 11.59 -42.83
CA THR J 68 -13.94 12.98 -42.54
C THR J 68 -13.90 13.91 -43.77
N ASN J 69 -13.17 13.50 -44.81
CA ASN J 69 -13.17 14.26 -46.06
C ASN J 69 -14.55 14.43 -46.66
N PHE J 70 -15.43 13.49 -46.36
CA PHE J 70 -16.77 13.44 -46.97
C PHE J 70 -17.80 14.28 -46.25
N LEU J 71 -17.41 14.94 -45.16
CA LEU J 71 -18.32 15.85 -44.48
C LEU J 71 -18.44 17.15 -45.27
N PRO J 72 -19.47 17.95 -45.00
CA PRO J 72 -19.70 19.12 -45.87
C PRO J 72 -18.62 20.19 -46.11
N ARG J 73 -17.80 20.55 -45.17
CA ARG J 73 -16.77 21.54 -45.67
C ARG J 73 -15.39 20.88 -45.84
N GLY J 74 -15.40 19.56 -46.03
CA GLY J 74 -14.19 18.81 -46.32
C GLY J 74 -13.51 18.24 -45.11
N THR J 75 -14.05 18.56 -43.93
CA THR J 75 -13.61 17.96 -42.67
C THR J 75 -14.67 18.16 -41.55
N SER J 76 -14.42 17.56 -40.40
CA SER J 76 -15.31 17.66 -39.23
C SER J 76 -15.26 19.02 -38.57
N GLN J 77 -16.32 19.37 -37.83
CA GLN J 77 -16.34 20.62 -37.06
C GLN J 77 -15.38 20.57 -35.87
N ALA J 78 -15.24 19.39 -35.28
CA ALA J 78 -14.29 19.20 -34.18
C ALA J 78 -12.88 19.63 -34.59
N ASN J 79 -12.53 19.28 -35.83
CA ASN J 79 -11.20 19.58 -36.39
C ASN J 79 -11.03 21.07 -36.68
N ILE J 80 -12.06 21.64 -37.28
CA ILE J 80 -12.10 23.06 -37.56
C ILE J 80 -11.92 23.84 -36.26
N ASP J 81 -12.59 23.37 -35.21
CA ASP J 81 -12.58 24.06 -33.93
C ASP J 81 -11.20 24.04 -33.31
N GLU J 82 -10.51 22.90 -33.45
CA GLU J 82 -9.18 22.80 -32.91
C GLU J 82 -8.27 23.80 -33.61
N GLY J 83 -8.50 23.99 -34.90
CA GLY J 83 -7.77 25.02 -35.64
C GLY J 83 -8.05 26.42 -35.11
N LYS J 84 -9.34 26.72 -34.91
CA LYS J 84 -9.74 28.00 -34.33
C LYS J 84 -9.17 28.25 -32.95
N ARG J 85 -9.07 27.20 -32.15
CA ARG J 85 -8.48 27.30 -30.83
C ARG J 85 -7.04 27.80 -30.90
N LEU J 86 -6.27 27.20 -31.79
CA LEU J 86 -4.86 27.54 -31.94
C LEU J 86 -4.67 28.97 -32.41
N PHE J 87 -5.51 29.44 -33.31
CA PHE J 87 -5.43 30.85 -33.74
C PHE J 87 -5.71 31.82 -32.59
N ALA J 88 -6.66 31.44 -31.74
CA ALA J 88 -7.02 32.24 -30.56
C ALA J 88 -5.91 32.21 -29.51
N LEU J 89 -5.27 31.05 -29.35
CA LEU J 89 -4.17 30.92 -28.43
C LEU J 89 -3.00 31.79 -28.87
N ALA J 90 -2.81 31.92 -30.18
CA ALA J 90 -1.71 32.75 -30.70
C ALA J 90 -1.97 34.21 -30.36
N ASN J 91 -3.23 34.60 -30.46
CA ASN J 91 -3.63 35.96 -30.18
C ASN J 91 -3.53 36.32 -28.73
N GLN J 92 -3.84 35.36 -27.88
CA GLN J 92 -3.68 35.54 -26.44
C GLN J 92 -2.24 35.59 -25.99
N LYS J 93 -1.43 34.63 -26.40
CA LYS J 93 -0.02 34.61 -26.03
C LYS J 93 0.78 35.76 -26.60
N CYS J 94 0.53 36.11 -27.86
CA CYS J 94 1.42 36.98 -28.61
C CYS J 94 0.65 37.85 -29.61
N PRO J 95 -0.22 38.72 -29.11
CA PRO J 95 -1.12 39.47 -29.99
C PRO J 95 -0.41 40.32 -31.01
N ASN J 96 0.86 40.65 -30.76
CA ASN J 96 1.61 41.52 -31.67
C ASN J 96 2.46 40.79 -32.67
N THR J 97 2.53 39.47 -32.54
CA THR J 97 3.29 38.63 -33.46
C THR J 97 2.46 38.22 -34.65
N PRO J 98 2.99 38.41 -35.87
CA PRO J 98 2.22 37.99 -37.06
C PRO J 98 2.10 36.47 -37.17
N VAL J 99 0.94 36.02 -37.61
CA VAL J 99 0.66 34.59 -37.79
C VAL J 99 0.50 34.29 -39.27
N VAL J 100 1.13 33.21 -39.72
CA VAL J 100 0.86 32.69 -41.05
C VAL J 100 0.39 31.25 -40.88
N ALA J 101 -0.28 30.76 -41.91
CA ALA J 101 -0.87 29.41 -41.85
C ALA J 101 -0.74 28.66 -43.15
N GLY J 102 -0.78 27.34 -43.03
CA GLY J 102 -0.71 26.46 -44.17
C GLY J 102 -1.58 25.25 -43.98
N GLY J 103 -1.94 24.63 -45.08
CA GLY J 103 -2.64 23.39 -45.05
C GLY J 103 -2.49 22.59 -46.32
N TYR J 104 -2.52 21.26 -46.17
CA TYR J 104 -2.39 20.33 -47.30
C TYR J 104 -3.54 19.35 -47.36
N SER J 105 -4.16 19.24 -48.52
CA SER J 105 -5.19 18.25 -48.74
C SER J 105 -6.32 18.49 -47.72
N GLN J 106 -6.70 17.49 -46.92
CA GLN J 106 -7.76 17.71 -45.95
C GLN J 106 -7.43 18.84 -44.97
N GLY J 107 -6.15 19.00 -44.65
CA GLY J 107 -5.70 20.11 -43.81
C GLY J 107 -5.96 21.48 -44.41
N ALA J 108 -5.96 21.57 -45.74
CA ALA J 108 -6.31 22.82 -46.42
C ALA J 108 -7.77 23.16 -46.21
N ALA J 109 -8.63 22.17 -46.34
CA ALA J 109 -10.04 22.33 -46.02
C ALA J 109 -10.24 22.84 -44.59
N LEU J 110 -9.49 22.22 -43.67
CA LEU J 110 -9.55 22.55 -42.26
C LEU J 110 -9.18 24.00 -42.01
N ILE J 111 -8.01 24.41 -42.50
CA ILE J 111 -7.51 25.76 -42.28
C ILE J 111 -8.42 26.80 -42.92
N ALA J 112 -8.91 26.50 -44.12
CA ALA J 112 -9.75 27.44 -44.85
C ALA J 112 -11.02 27.74 -44.07
N ALA J 113 -11.63 26.67 -43.57
CA ALA J 113 -12.83 26.80 -42.75
C ALA J 113 -12.59 27.58 -41.48
N ALA J 114 -11.53 27.21 -40.76
CA ALA J 114 -11.19 27.85 -39.49
C ALA J 114 -10.93 29.34 -39.63
N VAL J 115 -10.15 29.70 -40.62
CA VAL J 115 -9.86 31.11 -40.88
C VAL J 115 -11.14 31.88 -41.17
N SER J 116 -12.05 31.27 -41.93
CA SER J 116 -13.28 31.97 -42.36
C SER J 116 -14.14 32.35 -41.16
N GLU J 117 -14.11 31.52 -40.12
CA GLU J 117 -14.91 31.74 -38.92
C GLU J 117 -14.22 32.60 -37.85
N LEU J 118 -13.01 33.10 -38.14
CA LEU J 118 -12.28 33.92 -37.16
C LEU J 118 -12.83 35.32 -37.13
N SER J 119 -12.56 35.99 -36.01
CA SER J 119 -13.24 37.22 -35.64
C SER J 119 -12.27 38.37 -35.54
N GLY J 120 -12.53 39.41 -36.33
CA GLY J 120 -11.92 40.71 -36.13
C GLY J 120 -10.42 40.75 -35.89
N ALA J 121 -10.03 40.90 -34.62
CA ALA J 121 -8.62 41.07 -34.25
C ALA J 121 -7.78 39.84 -34.56
N VAL J 122 -8.34 38.67 -34.26
CA VAL J 122 -7.66 37.40 -34.44
C VAL J 122 -7.44 37.12 -35.92
N LYS J 123 -8.44 37.43 -36.73
CA LYS J 123 -8.32 37.29 -38.18
C LYS J 123 -7.28 38.23 -38.78
N GLU J 124 -7.24 39.46 -38.27
CA GLU J 124 -6.30 40.47 -38.73
C GLU J 124 -4.84 40.02 -38.50
N GLN J 125 -4.62 39.29 -37.40
CA GLN J 125 -3.30 38.78 -37.02
C GLN J 125 -2.75 37.77 -38.04
N VAL J 126 -3.66 37.08 -38.74
CA VAL J 126 -3.28 36.11 -39.76
C VAL J 126 -2.95 36.84 -41.07
N LYS J 127 -1.65 37.02 -41.30
CA LYS J 127 -1.17 37.84 -42.40
C LYS J 127 -1.15 37.14 -43.75
N GLY J 128 -1.25 35.83 -43.73
CA GLY J 128 -1.11 35.08 -44.96
C GLY J 128 -1.38 33.61 -44.78
N VAL J 129 -1.96 32.99 -45.82
CA VAL J 129 -2.31 31.58 -45.80
C VAL J 129 -1.93 30.88 -47.12
N ALA J 130 -1.20 29.78 -47.03
CA ALA J 130 -0.90 28.95 -48.21
C ALA J 130 -1.65 27.60 -48.14
N LEU J 131 -2.33 27.26 -49.22
CA LEU J 131 -3.05 26.01 -49.31
C LEU J 131 -2.48 25.15 -50.44
N PHE J 132 -2.43 23.85 -50.23
CA PHE J 132 -1.88 22.92 -51.22
C PHE J 132 -2.85 21.79 -51.46
N GLY J 133 -3.06 21.42 -52.71
CA GLY J 133 -4.01 20.35 -53.00
C GLY J 133 -5.33 20.63 -52.27
N TYR J 134 -5.88 21.81 -52.52
CA TYR J 134 -7.05 22.35 -51.82
C TYR J 134 -8.35 21.63 -52.20
N THR J 135 -8.94 20.89 -51.26
CA THR J 135 -10.09 20.02 -51.58
C THR J 135 -11.38 20.80 -51.81
N GLN J 136 -11.43 22.04 -51.34
CA GLN J 136 -12.60 22.91 -51.50
C GLN J 136 -12.29 24.05 -52.46
N ASN J 137 -11.32 23.83 -53.33
CA ASN J 137 -10.96 24.85 -54.30
C ASN J 137 -12.12 25.25 -55.21
N LEU J 138 -12.85 24.27 -55.70
CA LEU J 138 -13.97 24.55 -56.59
C LEU J 138 -15.11 25.20 -55.80
N GLN J 139 -15.49 24.54 -54.70
CA GLN J 139 -16.59 24.99 -53.84
C GLN J 139 -16.39 26.42 -53.35
N ASN J 140 -15.17 26.79 -53.00
CA ASN J 140 -14.88 28.12 -52.48
C ASN J 140 -14.27 29.04 -53.51
N ARG J 141 -14.35 28.62 -54.75
CA ARG J 141 -13.99 29.46 -55.89
C ARG J 141 -12.56 30.00 -55.82
N GLY J 142 -11.62 29.14 -55.45
CA GLY J 142 -10.21 29.49 -55.43
C GLY J 142 -9.72 30.27 -54.23
N GLY J 143 -10.55 30.46 -53.21
CA GLY J 143 -10.17 31.27 -52.06
C GLY J 143 -10.69 30.78 -50.72
N ILE J 144 -10.55 31.63 -49.72
CA ILE J 144 -11.08 31.39 -48.39
C ILE J 144 -12.19 32.40 -48.11
N PRO J 145 -13.40 31.92 -47.79
CA PRO J 145 -14.53 32.80 -47.43
C PRO J 145 -14.15 33.80 -46.34
N ASN J 146 -14.51 35.06 -46.54
CA ASN J 146 -14.25 36.14 -45.57
C ASN J 146 -12.81 36.37 -45.29
N TYR J 147 -11.95 36.14 -46.27
CA TYR J 147 -10.54 36.36 -46.04
C TYR J 147 -9.96 36.97 -47.31
N PRO J 148 -9.24 38.09 -47.15
CA PRO J 148 -8.70 38.79 -48.31
C PRO J 148 -8.02 37.85 -49.29
N ARG J 149 -8.35 37.99 -50.56
CA ARG J 149 -7.70 37.20 -51.60
C ARG J 149 -6.21 37.49 -51.68
N GLU J 150 -5.77 38.70 -51.33
CA GLU J 150 -4.34 39.06 -51.49
C GLU J 150 -3.45 38.48 -50.39
N ARG J 151 -4.08 38.01 -49.32
CA ARG J 151 -3.40 37.25 -48.27
C ARG J 151 -3.41 35.72 -48.48
N THR J 152 -4.13 35.29 -49.50
CA THR J 152 -4.31 33.88 -49.81
C THR J 152 -3.48 33.45 -51.02
N LYS J 153 -2.95 32.25 -50.98
CA LYS J 153 -2.21 31.67 -52.10
C LYS J 153 -2.54 30.18 -52.18
N VAL J 154 -3.07 29.75 -53.30
CA VAL J 154 -3.49 28.36 -53.47
C VAL J 154 -2.58 27.66 -54.48
N PHE J 155 -1.99 26.52 -54.09
CA PHE J 155 -1.27 25.64 -55.01
C PHE J 155 -2.11 24.42 -55.36
N CYS J 156 -2.54 24.37 -56.61
CA CYS J 156 -3.40 23.31 -57.10
C CYS J 156 -2.81 22.88 -58.42
N ASN J 157 -2.00 21.84 -58.43
CA ASN J 157 -1.34 21.35 -59.63
C ASN J 157 -2.33 20.95 -60.71
N VAL J 158 -1.84 20.98 -61.93
CA VAL J 158 -2.69 20.77 -63.09
C VAL J 158 -3.44 19.48 -63.15
N GLY J 159 -2.84 18.36 -62.83
CA GLY J 159 -3.69 17.15 -62.84
C GLY J 159 -4.33 16.74 -61.52
N ASP J 160 -4.37 17.65 -60.56
CA ASP J 160 -4.80 17.32 -59.20
C ASP J 160 -6.32 17.42 -59.07
N ALA J 161 -6.97 16.27 -59.11
CA ALA J 161 -8.42 16.17 -59.24
C ALA J 161 -9.19 16.76 -58.09
N VAL J 162 -8.55 16.91 -56.93
CA VAL J 162 -9.30 17.41 -55.77
C VAL J 162 -9.58 18.89 -55.93
N CYS J 163 -8.78 19.50 -56.78
CA CYS J 163 -8.91 20.92 -57.06
C CYS J 163 -10.15 21.23 -57.93
N THR J 164 -10.64 20.23 -58.67
CA THR J 164 -11.82 20.39 -59.49
C THR J 164 -12.97 19.58 -58.91
N GLY J 165 -13.11 19.58 -57.59
CA GLY J 165 -14.32 19.06 -56.93
C GLY J 165 -14.52 17.55 -56.84
N THR J 166 -13.45 16.79 -57.06
CA THR J 166 -13.50 15.34 -57.01
C THR J 166 -12.57 14.86 -55.93
N LEU J 167 -13.02 13.97 -55.05
CA LEU J 167 -12.11 13.39 -54.06
C LEU J 167 -11.35 12.12 -54.54
N ILE J 168 -10.50 12.26 -55.55
CA ILE J 168 -9.57 11.17 -55.83
C ILE J 168 -8.13 11.61 -55.85
N ILE J 169 -7.27 10.64 -55.67
CA ILE J 169 -5.87 10.94 -55.61
C ILE J 169 -5.07 10.54 -56.83
N THR J 170 -4.60 11.55 -57.55
CA THR J 170 -3.68 11.35 -58.66
C THR J 170 -2.27 11.66 -58.23
N PRO J 171 -1.30 11.33 -59.07
CA PRO J 171 0.07 11.62 -58.70
C PRO J 171 0.35 13.09 -58.49
N ALA J 172 -0.39 13.93 -59.19
CA ALA J 172 -0.21 15.37 -59.06
C ALA J 172 -0.51 15.86 -57.64
N HIS J 173 -1.36 15.15 -56.93
CA HIS J 173 -1.69 15.48 -55.54
C HIS J 173 -0.54 15.23 -54.57
N LEU J 174 0.44 14.43 -55.00
CA LEU J 174 1.54 14.01 -54.11
C LEU J 174 2.80 14.81 -54.29
N SER J 175 2.69 15.97 -54.88
CA SER J 175 3.84 16.64 -55.46
C SER J 175 3.87 18.16 -55.18
N TYR J 176 3.99 18.54 -53.92
CA TYR J 176 3.93 19.96 -53.55
C TYR J 176 5.12 20.40 -52.73
N THR J 177 6.12 19.55 -52.58
CA THR J 177 7.17 19.86 -51.60
C THR J 177 8.09 20.97 -52.06
N ILE J 178 8.36 21.05 -53.35
CA ILE J 178 9.18 22.15 -53.89
C ILE J 178 8.48 23.50 -53.81
N GLU J 179 7.21 23.53 -54.22
CA GLU J 179 6.33 24.73 -54.15
C GLU J 179 6.22 25.16 -52.66
N ALA J 180 6.18 24.21 -51.73
CA ALA J 180 6.11 24.53 -50.30
C ALA J 180 7.39 25.14 -49.71
N ARG J 181 8.54 24.52 -50.03
CA ARG J 181 9.83 24.99 -49.54
C ARG J 181 10.23 26.32 -50.16
N GLY J 182 9.89 26.50 -51.43
CA GLY J 182 10.33 27.65 -52.18
C GLY J 182 9.30 28.75 -52.27
N GLU J 183 8.44 28.68 -53.28
CA GLU J 183 7.58 29.76 -53.62
C GLU J 183 6.61 30.18 -52.50
N ALA J 184 6.05 29.18 -51.84
CA ALA J 184 5.08 29.40 -50.75
C ALA J 184 5.71 30.04 -49.54
N ALA J 185 6.93 29.65 -49.24
CA ALA J 185 7.62 30.21 -48.09
C ALA J 185 7.93 31.69 -48.37
N ARG J 186 8.39 31.99 -49.59
CA ARG J 186 8.64 33.37 -49.99
C ARG J 186 7.37 34.19 -49.89
N PHE J 187 6.27 33.65 -50.36
CA PHE J 187 5.00 34.35 -50.27
C PHE J 187 4.68 34.75 -48.82
N LEU J 188 4.75 33.79 -47.90
CA LEU J 188 4.38 34.05 -46.52
C LEU J 188 5.33 35.01 -45.87
N ARG J 189 6.60 34.92 -46.22
CA ARG J 189 7.60 35.84 -45.72
C ARG J 189 7.22 37.25 -46.13
N ASP J 190 6.93 37.44 -47.41
CA ASP J 190 6.51 38.74 -47.93
C ASP J 190 5.30 39.27 -47.20
N ARG J 191 4.33 38.42 -46.94
CA ARG J 191 3.14 38.81 -46.19
C ARG J 191 3.42 39.25 -44.74
N ILE J 192 4.50 38.76 -44.16
CA ILE J 192 4.91 39.17 -42.82
C ILE J 192 5.54 40.58 -42.80
N ARG J 193 5.96 41.13 -43.95
CA ARG J 193 6.38 42.55 -44.10
C ARG J 193 5.51 43.47 -45.03
N GLY K 3 25.62 26.44 -69.87
CA GLY K 3 26.99 26.59 -70.48
C GLY K 3 27.13 27.68 -71.49
N ALA K 4 28.36 28.02 -71.85
CA ALA K 4 29.62 27.42 -71.39
C ALA K 4 30.25 28.09 -70.17
N ILE K 5 29.73 29.25 -69.79
CA ILE K 5 30.11 29.87 -68.52
C ILE K 5 28.86 30.13 -67.69
N GLU K 6 28.88 29.68 -66.42
CA GLU K 6 27.78 29.89 -65.47
C GLU K 6 28.34 30.17 -64.10
N ASN K 7 27.89 31.28 -63.51
CA ASN K 7 28.36 31.73 -62.19
C ASN K 7 27.24 32.14 -61.25
N GLY K 8 26.14 31.42 -61.30
CA GLY K 8 24.94 31.79 -60.61
C GLY K 8 25.10 31.81 -59.11
N LEU K 9 25.94 30.93 -58.61
CA LEU K 9 26.19 30.82 -57.17
C LEU K 9 27.16 31.88 -56.70
N GLU K 10 28.22 32.12 -57.47
CA GLU K 10 29.16 33.18 -57.11
C GLU K 10 28.56 34.58 -57.17
N SER K 11 27.75 34.87 -58.18
CA SER K 11 27.15 36.18 -58.28
C SER K 11 25.75 36.26 -57.69
N GLY K 12 25.15 35.15 -57.33
CA GLY K 12 23.84 35.19 -56.68
C GLY K 12 23.92 35.79 -55.28
N SER K 13 22.86 36.47 -54.85
CA SER K 13 22.83 37.10 -53.52
C SER K 13 21.97 36.32 -52.51
N ALA K 14 22.37 36.37 -51.23
CA ALA K 14 21.76 35.51 -50.17
C ALA K 14 20.36 35.93 -49.78
N ASN K 15 19.94 37.09 -50.24
CA ASN K 15 18.56 37.52 -50.11
C ASN K 15 17.62 36.94 -51.12
N ALA K 16 18.15 36.25 -52.13
CA ALA K 16 17.32 35.72 -53.21
C ALA K 16 17.71 34.29 -53.55
N CYS K 17 17.83 33.45 -52.53
CA CYS K 17 18.17 32.05 -52.76
C CYS K 17 17.14 31.39 -53.64
N PRO K 18 17.55 30.40 -54.42
CA PRO K 18 16.63 29.76 -55.35
C PRO K 18 16.09 28.44 -54.80
N ASP K 19 15.33 27.73 -55.63
CA ASP K 19 14.78 26.43 -55.22
C ASP K 19 15.84 25.32 -55.20
N ALA K 20 16.88 25.47 -56.02
CA ALA K 20 18.00 24.53 -56.05
C ALA K 20 19.27 25.15 -56.64
N ILE K 21 20.41 24.53 -56.29
CA ILE K 21 21.72 24.93 -56.80
C ILE K 21 22.41 23.74 -57.47
N LEU K 22 22.90 23.94 -58.70
CA LEU K 22 23.65 22.93 -59.44
C LEU K 22 25.11 23.31 -59.53
N ILE K 23 25.99 22.44 -59.05
CA ILE K 23 27.44 22.64 -59.20
C ILE K 23 27.97 21.60 -60.17
N PHE K 24 28.66 22.05 -61.23
CA PHE K 24 29.11 21.16 -62.28
C PHE K 24 30.58 21.32 -62.60
N ALA K 25 31.25 20.20 -62.78
CA ALA K 25 32.66 20.18 -63.19
C ALA K 25 32.79 19.54 -64.56
N ARG K 26 33.43 20.26 -65.46
CA ARG K 26 33.56 19.87 -66.87
C ARG K 26 34.67 18.87 -67.12
N GLY K 27 34.70 18.37 -68.36
CA GLY K 27 35.70 17.38 -68.78
C GLY K 27 37.03 18.00 -69.21
N SER K 28 38.04 17.17 -69.39
CA SER K 28 39.36 17.66 -69.76
C SER K 28 39.29 18.36 -71.11
N THR K 29 39.93 19.55 -71.15
CA THR K 29 40.02 20.43 -72.33
C THR K 29 38.72 21.17 -72.72
N GLU K 30 37.62 20.98 -72.00
CA GLU K 30 36.39 21.68 -72.36
C GLU K 30 36.52 23.16 -72.02
N PRO K 31 35.95 24.04 -72.86
CA PRO K 31 35.99 25.49 -72.62
C PRO K 31 35.09 25.97 -71.50
N GLY K 32 35.29 27.22 -71.07
CA GLY K 32 34.49 27.82 -70.02
C GLY K 32 34.65 27.11 -68.69
N ASN K 33 33.58 27.11 -67.89
CA ASN K 33 33.54 26.33 -66.66
C ASN K 33 32.44 25.24 -66.66
N MET K 34 31.60 25.22 -67.69
CA MET K 34 30.55 24.22 -67.84
C MET K 34 30.86 23.24 -68.97
N GLY K 35 31.78 23.63 -69.86
CA GLY K 35 32.04 22.86 -71.07
C GLY K 35 30.91 23.04 -72.02
N ILE K 36 30.87 22.23 -73.06
CA ILE K 36 29.84 22.39 -74.09
C ILE K 36 29.06 21.13 -74.42
N THR K 37 29.30 20.06 -73.69
CA THR K 37 28.61 18.83 -73.96
C THR K 37 27.64 18.52 -72.83
N VAL K 38 28.14 17.77 -71.86
CA VAL K 38 27.33 17.28 -70.75
C VAL K 38 26.77 18.40 -69.85
N GLY K 39 27.61 19.37 -69.54
CA GLY K 39 27.26 20.39 -68.59
C GLY K 39 25.99 21.14 -68.97
N PRO K 40 26.00 21.76 -70.15
CA PRO K 40 24.84 22.50 -70.60
C PRO K 40 23.63 21.62 -70.75
N ALA K 41 23.82 20.40 -71.22
CA ALA K 41 22.70 19.43 -71.32
C ALA K 41 22.03 19.15 -69.98
N LEU K 42 22.84 18.96 -68.94
CA LEU K 42 22.33 18.69 -67.62
C LEU K 42 21.64 19.93 -67.03
N ALA K 43 22.25 21.09 -67.22
CA ALA K 43 21.68 22.34 -66.72
C ALA K 43 20.36 22.61 -67.38
N ASN K 44 20.31 22.38 -68.67
CA ASN K 44 19.11 22.48 -69.44
C ASN K 44 17.98 21.59 -68.99
N GLY K 45 18.27 20.31 -68.82
CA GLY K 45 17.27 19.32 -68.43
C GLY K 45 16.68 19.59 -67.06
N LEU K 46 17.53 20.06 -66.18
CA LEU K 46 17.14 20.31 -64.83
C LEU K 46 16.31 21.58 -64.71
N GLU K 47 16.66 22.58 -65.51
CA GLU K 47 15.89 23.80 -65.58
C GLU K 47 14.48 23.58 -66.11
N SER K 48 14.30 22.55 -66.92
CA SER K 48 12.98 22.22 -67.41
C SER K 48 12.07 21.68 -66.30
N HIS K 49 12.63 21.22 -65.20
CA HIS K 49 11.87 20.69 -64.07
C HIS K 49 11.83 21.62 -62.89
N ILE K 50 12.81 22.51 -62.79
CA ILE K 50 12.93 23.41 -61.68
C ILE K 50 13.36 24.76 -62.21
N ARG K 51 12.40 25.67 -62.32
CA ARG K 51 12.65 26.92 -62.99
C ARG K 51 13.61 27.82 -62.29
N ASN K 52 13.49 27.89 -60.98
CA ASN K 52 14.27 28.85 -60.19
C ASN K 52 15.49 28.17 -59.60
N ILE K 53 16.61 28.33 -60.30
CA ILE K 53 17.78 27.50 -60.07
C ILE K 53 19.05 28.33 -60.29
N TRP K 54 20.07 28.14 -59.46
CA TRP K 54 21.41 28.71 -59.74
C TRP K 54 22.33 27.66 -60.29
N ILE K 55 23.09 28.04 -61.29
CA ILE K 55 23.98 27.13 -61.98
C ILE K 55 25.42 27.62 -61.88
N GLN K 56 26.29 26.73 -61.46
CA GLN K 56 27.67 27.09 -61.20
C GLN K 56 28.64 26.08 -61.78
N GLY K 57 29.49 26.53 -62.70
CA GLY K 57 30.61 25.72 -63.18
C GLY K 57 31.75 25.77 -62.17
N VAL K 58 32.62 24.77 -62.17
CA VAL K 58 33.82 24.80 -61.34
C VAL K 58 34.96 25.34 -62.18
N GLY K 59 35.37 26.57 -61.88
CA GLY K 59 36.44 27.28 -62.62
C GLY K 59 37.59 27.48 -61.68
N GLY K 60 38.04 28.71 -61.56
CA GLY K 60 39.20 29.02 -60.72
C GLY K 60 40.45 28.32 -61.22
N PRO K 61 41.17 27.63 -60.33
CA PRO K 61 42.35 26.87 -60.79
C PRO K 61 42.03 25.69 -61.74
N TYR K 62 40.77 25.23 -61.80
CA TYR K 62 40.45 24.08 -62.64
C TYR K 62 40.45 24.46 -64.11
N ASP K 63 41.63 24.31 -64.72
CA ASP K 63 41.84 24.58 -66.15
C ASP K 63 41.66 23.35 -67.03
N ALA K 64 41.18 22.23 -66.45
CA ALA K 64 40.77 21.03 -67.21
C ALA K 64 41.91 20.48 -68.07
N ALA K 65 43.11 20.50 -67.49
CA ALA K 65 44.32 20.07 -68.19
C ALA K 65 44.36 18.54 -68.33
N LEU K 66 44.97 18.05 -69.42
CA LEU K 66 45.14 16.61 -69.62
C LEU K 66 46.03 16.00 -68.55
N ALA K 67 47.14 16.68 -68.24
CA ALA K 67 48.16 16.13 -67.34
C ALA K 67 47.62 15.77 -65.96
N THR K 68 46.74 16.62 -65.43
CA THR K 68 46.21 16.42 -64.06
C THR K 68 45.39 15.14 -63.88
N ASN K 69 44.90 14.54 -64.97
CA ASN K 69 44.27 13.22 -64.91
C ASN K 69 45.13 12.12 -64.28
N PHE K 70 46.44 12.27 -64.43
CA PHE K 70 47.40 11.26 -63.97
C PHE K 70 47.83 11.41 -62.53
N LEU K 71 47.31 12.38 -61.81
CA LEU K 71 47.53 12.47 -60.35
C LEU K 71 46.71 11.42 -59.62
N PRO K 72 47.11 11.11 -58.37
CA PRO K 72 46.26 10.24 -57.58
C PRO K 72 44.94 10.94 -57.32
N ARG K 73 43.89 10.15 -57.47
CA ARG K 73 42.49 10.55 -57.37
C ARG K 73 41.89 11.12 -58.64
N GLY K 74 42.70 11.26 -59.68
CA GLY K 74 42.19 11.60 -61.01
C GLY K 74 42.18 13.09 -61.33
N THR K 75 42.58 13.90 -60.36
CA THR K 75 42.83 15.34 -60.55
C THR K 75 43.67 15.94 -59.39
N SER K 76 44.03 17.20 -59.51
CA SER K 76 44.87 17.91 -58.54
C SER K 76 44.10 18.24 -57.28
N GLN K 77 44.82 18.45 -56.18
CA GLN K 77 44.19 18.87 -54.95
C GLN K 77 43.66 20.32 -55.03
N ALA K 78 44.38 21.18 -55.77
CA ALA K 78 43.94 22.56 -55.98
C ALA K 78 42.54 22.61 -56.57
N ASN K 79 42.28 21.69 -57.52
CA ASN K 79 40.99 21.56 -58.19
C ASN K 79 39.91 21.05 -57.27
N ILE K 80 40.25 20.03 -56.52
CA ILE K 80 39.35 19.45 -55.53
C ILE K 80 38.91 20.51 -54.52
N ASP K 81 39.89 21.30 -54.09
CA ASP K 81 39.66 22.34 -53.10
C ASP K 81 38.74 23.43 -53.63
N GLU K 82 38.90 23.80 -54.88
CA GLU K 82 37.98 24.76 -55.49
C GLU K 82 36.54 24.24 -55.48
N GLY K 83 36.38 22.95 -55.72
CA GLY K 83 35.08 22.31 -55.63
C GLY K 83 34.53 22.40 -54.24
N LYS K 84 35.34 22.08 -53.26
CA LYS K 84 34.96 22.18 -51.85
C LYS K 84 34.55 23.61 -51.45
N ARG K 85 35.27 24.60 -51.98
CA ARG K 85 34.99 25.98 -51.70
C ARG K 85 33.56 26.34 -52.12
N LEU K 86 33.20 25.94 -53.32
CA LEU K 86 31.89 26.21 -53.86
C LEU K 86 30.77 25.54 -53.09
N PHE K 87 30.97 24.32 -52.63
CA PHE K 87 29.98 23.67 -51.77
C PHE K 87 29.76 24.45 -50.47
N ALA K 88 30.86 24.97 -49.93
CA ALA K 88 30.82 25.71 -48.67
C ALA K 88 30.13 27.04 -48.88
N LEU K 89 30.39 27.65 -50.03
CA LEU K 89 29.77 28.92 -50.35
C LEU K 89 28.28 28.78 -50.51
N ALA K 90 27.84 27.63 -51.01
CA ALA K 90 26.41 27.37 -51.15
C ALA K 90 25.77 27.27 -49.79
N ASN K 91 26.50 26.67 -48.87
CA ASN K 91 26.00 26.50 -47.53
C ASN K 91 25.94 27.82 -46.76
N GLN K 92 26.92 28.67 -47.00
CA GLN K 92 26.98 30.02 -46.43
C GLN K 92 25.88 30.93 -46.93
N LYS K 93 25.74 31.01 -48.25
CA LYS K 93 24.71 31.84 -48.84
C LYS K 93 23.29 31.37 -48.62
N CYS K 94 23.06 30.06 -48.71
CA CYS K 94 21.72 29.49 -48.83
C CYS K 94 21.65 28.13 -48.16
N PRO K 95 21.89 28.09 -46.83
CA PRO K 95 21.93 26.80 -46.13
C PRO K 95 20.70 25.94 -46.26
N ASN K 96 19.56 26.52 -46.57
CA ASN K 96 18.33 25.74 -46.66
C ASN K 96 17.96 25.26 -48.05
N THR K 97 18.75 25.70 -49.03
CA THR K 97 18.51 25.38 -50.41
C THR K 97 19.20 24.08 -50.73
N PRO K 98 18.47 23.11 -51.29
CA PRO K 98 19.15 21.89 -51.70
C PRO K 98 20.16 22.10 -52.83
N VAL K 99 21.27 21.37 -52.74
CA VAL K 99 22.36 21.37 -53.74
C VAL K 99 22.43 20.03 -54.44
N VAL K 100 22.52 20.07 -55.77
CA VAL K 100 22.84 18.88 -56.55
C VAL K 100 24.14 19.15 -57.30
N ALA K 101 24.82 18.09 -57.71
CA ALA K 101 26.10 18.21 -58.38
C ALA K 101 26.27 17.24 -59.53
N GLY K 102 27.14 17.61 -60.45
CA GLY K 102 27.44 16.78 -61.62
C GLY K 102 28.87 16.93 -62.03
N GLY K 103 29.37 15.92 -62.72
CA GLY K 103 30.72 15.95 -63.23
C GLY K 103 30.88 15.01 -64.39
N TYR K 104 31.75 15.41 -65.31
CA TYR K 104 32.04 14.62 -66.48
C TYR K 104 33.55 14.37 -66.60
N SER K 105 33.91 13.10 -66.82
CA SER K 105 35.29 12.72 -67.13
C SER K 105 36.17 13.19 -65.97
N GLN K 106 37.18 14.00 -66.21
CA GLN K 106 37.99 14.48 -65.09
C GLN K 106 37.18 15.22 -64.04
N GLY K 107 36.17 15.95 -64.49
CA GLY K 107 35.26 16.66 -63.59
C GLY K 107 34.50 15.73 -62.66
N ALA K 108 34.24 14.51 -63.10
CA ALA K 108 33.63 13.49 -62.24
C ALA K 108 34.58 13.09 -61.11
N ALA K 109 35.84 12.86 -61.45
CA ALA K 109 36.87 12.61 -60.43
C ALA K 109 36.91 13.75 -59.41
N LEU K 110 36.86 14.99 -59.92
CA LEU K 110 36.94 16.20 -59.12
C LEU K 110 35.81 16.26 -58.12
N ILE K 111 34.59 16.12 -58.63
CA ILE K 111 33.42 16.21 -57.78
C ILE K 111 33.38 15.10 -56.74
N ALA K 112 33.76 13.89 -57.16
CA ALA K 112 33.67 12.71 -56.28
C ALA K 112 34.58 12.90 -55.11
N ALA K 113 35.79 13.39 -55.39
CA ALA K 113 36.76 13.67 -54.35
C ALA K 113 36.28 14.77 -53.39
N ALA K 114 35.81 15.88 -53.94
CA ALA K 114 35.37 17.01 -53.16
C ALA K 114 34.22 16.64 -52.24
N VAL K 115 33.23 15.93 -52.76
CA VAL K 115 32.08 15.51 -51.95
C VAL K 115 32.53 14.62 -50.80
N SER K 116 33.48 13.73 -51.06
CA SER K 116 33.93 12.76 -50.03
C SER K 116 34.55 13.46 -48.82
N GLU K 117 35.21 14.59 -49.07
CA GLU K 117 35.89 15.36 -48.01
C GLU K 117 34.99 16.38 -47.32
N LEU K 118 33.72 16.44 -47.70
CA LEU K 118 32.79 17.43 -47.10
C LEU K 118 32.33 16.98 -45.74
N SER K 119 31.88 17.94 -44.96
CA SER K 119 31.69 17.78 -43.53
C SER K 119 30.25 17.98 -43.15
N GLY K 120 29.68 16.96 -42.52
CA GLY K 120 28.43 17.11 -41.78
C GLY K 120 27.32 17.86 -42.48
N ALA K 121 27.12 19.12 -42.08
CA ALA K 121 25.98 19.92 -42.54
C ALA K 121 26.06 20.21 -44.02
N VAL K 122 27.27 20.55 -44.47
CA VAL K 122 27.50 20.86 -45.88
C VAL K 122 27.25 19.64 -46.77
N LYS K 123 27.71 18.47 -46.33
CA LYS K 123 27.48 17.23 -47.06
C LYS K 123 25.98 16.87 -47.13
N GLU K 124 25.27 17.12 -46.05
CA GLU K 124 23.87 16.80 -45.95
C GLU K 124 23.08 17.62 -46.98
N GLN K 125 23.54 18.84 -47.22
CA GLN K 125 22.90 19.75 -48.16
C GLN K 125 22.95 19.23 -49.61
N VAL K 126 23.97 18.44 -49.92
CA VAL K 126 24.11 17.85 -51.24
C VAL K 126 23.19 16.61 -51.39
N LYS K 127 22.03 16.82 -52.01
CA LYS K 127 20.97 15.81 -52.09
C LYS K 127 21.19 14.76 -53.15
N GLY K 128 22.08 15.02 -54.07
CA GLY K 128 22.25 14.09 -55.17
C GLY K 128 23.44 14.48 -56.04
N VAL K 129 24.13 13.48 -56.58
CA VAL K 129 25.28 13.72 -57.51
C VAL K 129 25.25 12.76 -58.73
N ALA K 130 25.39 13.33 -59.93
CA ALA K 130 25.45 12.53 -61.15
C ALA K 130 26.83 12.61 -61.76
N LEU K 131 27.39 11.46 -62.08
CA LEU K 131 28.72 11.37 -62.66
C LEU K 131 28.63 10.71 -64.04
N PHE K 132 29.44 11.18 -64.97
CA PHE K 132 29.43 10.69 -66.34
C PHE K 132 30.84 10.35 -66.78
N GLY K 133 31.05 9.20 -67.39
CA GLY K 133 32.39 8.80 -67.81
C GLY K 133 33.35 8.91 -66.65
N TYR K 134 32.99 8.28 -65.55
CA TYR K 134 33.66 8.41 -64.27
C TYR K 134 35.04 7.73 -64.27
N THR K 135 36.11 8.53 -64.19
CA THR K 135 37.49 8.00 -64.34
C THR K 135 37.97 7.18 -63.14
N GLN K 136 37.32 7.33 -62.00
CA GLN K 136 37.64 6.58 -60.78
C GLN K 136 36.56 5.56 -60.46
N ASN K 137 35.81 5.14 -61.48
CA ASN K 137 34.71 4.21 -61.27
C ASN K 137 35.18 2.87 -60.72
N LEU K 138 36.28 2.37 -61.25
CA LEU K 138 36.85 1.14 -60.74
C LEU K 138 37.45 1.30 -59.35
N GLN K 139 38.33 2.29 -59.23
CA GLN K 139 39.02 2.61 -57.97
C GLN K 139 38.07 2.85 -56.82
N ASN K 140 36.96 3.54 -57.05
CA ASN K 140 35.99 3.82 -56.00
C ASN K 140 34.76 2.91 -56.03
N ARG K 141 34.87 1.83 -56.79
CA ARG K 141 33.90 0.74 -56.77
C ARG K 141 32.51 1.23 -57.09
N GLY K 142 32.40 2.10 -58.08
CA GLY K 142 31.09 2.53 -58.55
C GLY K 142 30.40 3.61 -57.77
N GLY K 143 31.10 4.20 -56.79
CA GLY K 143 30.48 5.20 -55.95
C GLY K 143 31.40 6.33 -55.52
N ILE K 144 30.93 7.12 -54.57
CA ILE K 144 31.70 8.20 -53.97
C ILE K 144 31.94 7.85 -52.51
N PRO K 145 33.22 7.83 -52.09
CA PRO K 145 33.61 7.56 -50.71
C PRO K 145 32.86 8.46 -49.72
N ASN K 146 32.32 7.88 -48.64
CA ASN K 146 31.58 8.61 -47.61
C ASN K 146 30.38 9.35 -48.11
N TYR K 147 29.71 8.82 -49.12
CA TYR K 147 28.53 9.47 -49.60
C TYR K 147 27.50 8.40 -49.96
N PRO K 148 26.28 8.57 -49.45
CA PRO K 148 25.26 7.57 -49.67
C PRO K 148 25.17 7.12 -51.12
N ARG K 149 25.13 5.81 -51.32
CA ARG K 149 24.96 5.27 -52.64
C ARG K 149 23.63 5.66 -53.25
N GLU K 150 22.58 5.87 -52.45
CA GLU K 150 21.26 6.13 -53.03
C GLU K 150 21.14 7.58 -53.53
N ARG K 151 22.06 8.43 -53.11
CA ARG K 151 22.15 9.81 -53.61
C ARG K 151 23.09 9.95 -54.81
N THR K 152 23.75 8.86 -55.16
CA THR K 152 24.70 8.81 -56.24
C THR K 152 24.13 8.09 -57.48
N LYS K 153 24.47 8.58 -58.65
CA LYS K 153 24.08 7.95 -59.90
C LYS K 153 25.25 8.08 -60.91
N VAL K 154 25.77 6.95 -61.39
CA VAL K 154 26.92 6.94 -62.27
C VAL K 154 26.52 6.48 -63.65
N PHE K 155 26.84 7.29 -64.66
CA PHE K 155 26.68 6.91 -66.05
C PHE K 155 28.03 6.54 -66.63
N CYS K 156 28.19 5.24 -66.90
CA CYS K 156 29.43 4.70 -67.46
C CYS K 156 29.03 3.79 -68.61
N ASN K 157 29.07 4.32 -69.83
CA ASN K 157 28.66 3.56 -71.02
C ASN K 157 29.48 2.27 -71.19
N VAL K 158 28.86 1.33 -71.86
CA VAL K 158 29.42 0.02 -72.00
C VAL K 158 30.84 -0.05 -72.66
N GLY K 159 31.11 0.70 -73.72
CA GLY K 159 32.47 0.64 -74.24
C GLY K 159 33.41 1.72 -73.72
N ASP K 160 33.05 2.39 -72.62
CA ASP K 160 33.82 3.49 -72.12
C ASP K 160 34.94 3.01 -71.19
N ALA K 161 36.14 2.96 -71.74
CA ALA K 161 37.29 2.37 -71.07
C ALA K 161 37.72 3.05 -69.77
N VAL K 162 37.36 4.31 -69.55
CA VAL K 162 37.81 4.98 -68.35
C VAL K 162 37.10 4.38 -67.13
N CYS K 163 35.96 3.76 -67.40
CA CYS K 163 35.12 3.22 -66.36
C CYS K 163 35.69 1.93 -65.81
N THR K 164 36.57 1.30 -66.58
CA THR K 164 37.26 0.08 -66.14
C THR K 164 38.73 0.36 -65.89
N GLY K 165 39.06 1.51 -65.33
CA GLY K 165 40.43 1.79 -64.85
C GLY K 165 41.53 2.05 -65.87
N THR K 166 41.16 2.42 -67.08
CA THR K 166 42.09 2.77 -68.16
C THR K 166 41.88 4.17 -68.66
N LEU K 167 42.91 4.97 -68.81
CA LEU K 167 42.70 6.33 -69.33
C LEU K 167 42.87 6.35 -70.88
N ILE K 168 42.02 5.58 -71.60
CA ILE K 168 41.80 5.46 -73.10
C ILE K 168 40.48 6.13 -73.51
N ILE K 169 40.47 6.93 -74.58
CA ILE K 169 39.25 7.58 -75.00
C ILE K 169 38.66 6.89 -76.19
N THR K 170 37.54 6.23 -75.96
CA THR K 170 36.77 5.59 -77.03
C THR K 170 35.59 6.49 -77.35
N PRO K 171 34.90 6.18 -78.45
CA PRO K 171 33.71 6.98 -78.81
C PRO K 171 32.61 6.96 -77.75
N ALA K 172 32.51 5.88 -77.00
CA ALA K 172 31.52 5.77 -75.93
C ALA K 172 31.70 6.82 -74.87
N HIS K 173 32.93 7.29 -74.66
CA HIS K 173 33.24 8.36 -73.70
C HIS K 173 32.71 9.73 -74.12
N LEU K 174 32.38 9.89 -75.41
CA LEU K 174 31.93 11.18 -75.94
C LEU K 174 30.44 11.32 -76.05
N SER K 175 29.70 10.49 -75.35
CA SER K 175 28.33 10.22 -75.69
C SER K 175 27.42 10.14 -74.45
N TYR K 176 27.30 11.26 -73.75
CA TYR K 176 26.50 11.27 -72.52
C TYR K 176 25.47 12.40 -72.51
N THR K 177 25.26 13.08 -73.64
CA THR K 177 24.41 14.26 -73.61
C THR K 177 22.94 13.90 -73.44
N ILE K 178 22.50 12.79 -74.02
CA ILE K 178 21.11 12.37 -73.85
C ILE K 178 20.80 11.98 -72.43
N GLU K 179 21.68 11.20 -71.86
CA GLU K 179 21.54 10.76 -70.49
C GLU K 179 21.53 11.93 -69.54
N ALA K 180 22.33 12.93 -69.85
CA ALA K 180 22.45 14.10 -69.00
C ALA K 180 21.17 14.94 -69.03
N ARG K 181 20.63 15.17 -70.23
CA ARG K 181 19.42 15.99 -70.41
C ARG K 181 18.20 15.28 -69.86
N GLY K 182 18.15 13.98 -70.04
CA GLY K 182 16.99 13.20 -69.66
C GLY K 182 17.08 12.53 -68.31
N GLU K 183 17.63 11.33 -68.30
CA GLU K 183 17.57 10.47 -67.13
C GLU K 183 18.22 11.06 -65.89
N ALA K 184 19.38 11.68 -66.08
CA ALA K 184 20.14 12.27 -64.99
C ALA K 184 19.45 13.47 -64.38
N ALA K 185 18.79 14.27 -65.21
CA ALA K 185 18.07 15.44 -64.73
C ALA K 185 16.86 15.01 -63.90
N ARG K 186 16.15 13.99 -64.37
CA ARG K 186 15.05 13.39 -63.61
C ARG K 186 15.52 12.84 -62.27
N PHE K 187 16.62 12.12 -62.27
CA PHE K 187 17.18 11.62 -61.03
C PHE K 187 17.42 12.74 -60.00
N LEU K 188 18.09 13.80 -60.41
CA LEU K 188 18.44 14.90 -59.50
C LEU K 188 17.22 15.66 -59.06
N ARG K 189 16.24 15.81 -59.95
CA ARG K 189 14.98 16.41 -59.57
C ARG K 189 14.31 15.61 -58.44
N ASP K 190 14.22 14.31 -58.64
CA ASP K 190 13.65 13.42 -57.63
C ASP K 190 14.37 13.58 -56.30
N ARG K 191 15.70 13.62 -56.34
CA ARG K 191 16.50 13.76 -55.12
C ARG K 191 16.25 15.10 -54.38
N ILE K 192 15.80 16.12 -55.10
CA ILE K 192 15.46 17.39 -54.51
C ILE K 192 14.09 17.36 -53.78
N ARG K 193 13.24 16.37 -54.06
CA ARG K 193 12.04 16.10 -53.24
C ARG K 193 12.13 14.74 -52.43
N LEU L 2 -47.95 14.84 -14.80
CA LEU L 2 -47.36 13.82 -15.73
C LEU L 2 -46.51 14.33 -16.98
N GLY L 3 -46.10 15.59 -17.03
CA GLY L 3 -44.87 15.91 -17.76
C GLY L 3 -44.45 17.23 -17.14
N ALA L 4 -44.53 17.20 -15.82
CA ALA L 4 -44.78 18.43 -15.08
C ALA L 4 -43.53 19.15 -14.54
N ILE L 5 -42.39 18.47 -14.53
CA ILE L 5 -41.12 19.10 -14.22
C ILE L 5 -40.12 18.83 -15.33
N GLU L 6 -39.51 19.90 -15.82
CA GLU L 6 -38.52 19.82 -16.87
C GLU L 6 -37.44 20.84 -16.62
N ASN L 7 -36.19 20.38 -16.65
CA ASN L 7 -35.02 21.23 -16.36
C ASN L 7 -33.88 21.03 -17.36
N GLY L 8 -34.24 20.82 -18.61
CA GLY L 8 -33.28 20.44 -19.62
C GLY L 8 -32.20 21.47 -19.85
N LEU L 9 -32.56 22.74 -19.69
CA LEU L 9 -31.64 23.86 -19.91
C LEU L 9 -30.76 24.03 -18.72
N GLU L 10 -31.32 23.94 -17.53
CA GLU L 10 -30.50 24.04 -16.34
C GLU L 10 -29.50 22.91 -16.17
N SER L 11 -29.91 21.69 -16.44
CA SER L 11 -29.01 20.57 -16.26
C SER L 11 -28.27 20.22 -17.54
N GLY L 12 -28.66 20.79 -18.68
CA GLY L 12 -27.99 20.48 -19.95
C GLY L 12 -26.59 21.09 -19.97
N SER L 13 -25.65 20.44 -20.65
CA SER L 13 -24.25 20.90 -20.69
C SER L 13 -23.93 21.57 -22.03
N ALA L 14 -23.03 22.57 -22.00
CA ALA L 14 -22.75 23.41 -23.18
C ALA L 14 -21.96 22.71 -24.27
N ASN L 15 -21.45 21.53 -23.95
CA ASN L 15 -20.83 20.66 -24.96
C ASN L 15 -21.81 19.86 -25.78
N ALA L 16 -23.09 19.89 -25.41
CA ALA L 16 -24.07 19.06 -26.07
C ALA L 16 -25.33 19.85 -26.35
N CYS L 17 -25.18 21.03 -26.93
CA CYS L 17 -26.35 21.87 -27.23
C CYS L 17 -27.26 21.16 -28.19
N PRO L 18 -28.56 21.40 -28.08
CA PRO L 18 -29.51 20.73 -28.93
C PRO L 18 -29.91 21.58 -30.14
N ASP L 19 -30.87 21.07 -30.93
CA ASP L 19 -31.35 21.77 -32.10
C ASP L 19 -32.23 22.96 -31.71
N ALA L 20 -32.90 22.87 -30.56
CA ALA L 20 -33.75 23.97 -30.06
C ALA L 20 -33.98 23.88 -28.56
N ILE L 21 -34.30 25.04 -27.98
CA ILE L 21 -34.61 25.16 -26.55
C ILE L 21 -36.00 25.76 -26.37
N LEU L 22 -36.83 25.10 -25.56
CA LEU L 22 -38.16 25.60 -25.23
C LEU L 22 -38.19 26.06 -23.78
N ILE L 23 -38.56 27.31 -23.57
CA ILE L 23 -38.77 27.83 -22.22
C ILE L 23 -40.27 28.08 -22.02
N PHE L 24 -40.84 27.50 -20.96
CA PHE L 24 -42.27 27.58 -20.74
C PHE L 24 -42.64 28.06 -19.35
N ALA L 25 -43.63 28.95 -19.27
CA ALA L 25 -44.17 29.40 -17.99
C ALA L 25 -45.60 28.93 -17.84
N ARG L 26 -45.87 28.23 -16.74
CA ARG L 26 -47.19 27.61 -16.47
C ARG L 26 -48.22 28.58 -15.94
N GLY L 27 -49.45 28.09 -15.84
CA GLY L 27 -50.59 28.90 -15.35
C GLY L 27 -50.72 28.93 -13.83
N SER L 28 -51.58 29.81 -13.32
CA SER L 28 -51.73 29.99 -11.87
C SER L 28 -52.20 28.67 -11.26
N THR L 29 -51.54 28.28 -10.17
CA THR L 29 -51.85 27.07 -9.37
C THR L 29 -51.45 25.75 -10.04
N GLU L 30 -50.88 25.77 -11.22
CA GLU L 30 -50.46 24.50 -11.83
C GLU L 30 -49.22 23.95 -11.12
N PRO L 31 -49.10 22.63 -11.05
CA PRO L 31 -48.00 22.01 -10.33
C PRO L 31 -46.72 22.02 -11.13
N GLY L 32 -45.61 21.69 -10.47
CA GLY L 32 -44.31 21.57 -11.12
C GLY L 32 -43.84 22.91 -11.65
N ASN L 33 -43.06 22.87 -12.74
CA ASN L 33 -42.67 24.08 -13.47
C ASN L 33 -43.19 24.11 -14.93
N MET L 34 -43.81 23.03 -15.39
CA MET L 34 -44.48 22.98 -16.68
C MET L 34 -46.01 23.00 -16.59
N GLY L 35 -46.54 22.68 -15.43
CA GLY L 35 -47.96 22.46 -15.28
C GLY L 35 -48.36 21.14 -15.93
N ILE L 36 -49.65 20.92 -16.09
CA ILE L 36 -50.11 19.63 -16.62
C ILE L 36 -51.03 19.74 -17.81
N THR L 37 -51.28 20.96 -18.28
CA THR L 37 -52.21 21.15 -19.39
C THR L 37 -51.42 21.58 -20.62
N VAL L 38 -51.31 22.88 -20.80
CA VAL L 38 -50.73 23.47 -22.00
C VAL L 38 -49.23 23.17 -22.16
N GLY L 39 -48.48 23.26 -21.06
CA GLY L 39 -47.03 23.04 -21.11
C GLY L 39 -46.57 21.73 -21.69
N PRO L 40 -46.99 20.62 -21.09
CA PRO L 40 -46.70 19.31 -21.64
C PRO L 40 -47.23 19.10 -23.06
N ALA L 41 -48.42 19.59 -23.36
CA ALA L 41 -48.96 19.50 -24.71
C ALA L 41 -48.06 20.16 -25.74
N LEU L 42 -47.57 21.35 -25.40
CA LEU L 42 -46.69 22.11 -26.30
C LEU L 42 -45.33 21.45 -26.45
N ALA L 43 -44.78 20.98 -25.35
CA ALA L 43 -43.51 20.26 -25.35
C ALA L 43 -43.61 19.01 -26.20
N ASN L 44 -44.69 18.29 -26.00
CA ASN L 44 -44.98 17.10 -26.78
C ASN L 44 -45.07 17.33 -28.27
N GLY L 45 -45.81 18.35 -28.66
CA GLY L 45 -46.06 18.63 -30.07
C GLY L 45 -44.80 19.03 -30.78
N LEU L 46 -43.99 19.77 -30.06
CA LEU L 46 -42.80 20.32 -30.61
C LEU L 46 -41.74 19.23 -30.75
N GLU L 47 -41.72 18.32 -29.79
CA GLU L 47 -40.83 17.17 -29.85
C GLU L 47 -41.12 16.22 -30.99
N SER L 48 -42.37 16.19 -31.43
CA SER L 48 -42.73 15.41 -32.60
C SER L 48 -42.15 15.97 -33.91
N HIS L 49 -41.74 17.24 -33.91
CA HIS L 49 -41.15 17.90 -35.10
C HIS L 49 -39.65 18.08 -34.98
N ILE L 50 -39.11 18.11 -33.77
CA ILE L 50 -37.69 18.40 -33.57
C ILE L 50 -36.93 17.38 -32.74
N ARG L 51 -35.95 16.80 -33.41
CA ARG L 51 -35.42 15.58 -32.92
C ARG L 51 -34.74 15.69 -31.60
N ASN L 52 -33.96 16.75 -31.43
CA ASN L 52 -33.22 16.99 -30.23
C ASN L 52 -33.52 18.34 -29.61
N ILE L 53 -34.10 18.36 -28.41
CA ILE L 53 -34.67 19.57 -27.85
C ILE L 53 -34.51 19.60 -26.34
N TRP L 54 -34.20 20.76 -25.78
CA TRP L 54 -34.20 20.93 -24.32
C TRP L 54 -35.47 21.62 -23.92
N ILE L 55 -36.07 21.13 -22.84
CA ILE L 55 -37.33 21.65 -22.36
C ILE L 55 -37.14 22.20 -20.92
N GLN L 56 -37.56 23.44 -20.70
CA GLN L 56 -37.33 24.13 -19.43
C GLN L 56 -38.58 24.83 -18.94
N GLY L 57 -39.05 24.41 -17.77
CA GLY L 57 -40.12 25.14 -17.09
C GLY L 57 -39.54 26.35 -16.36
N VAL L 58 -40.36 27.36 -16.12
CA VAL L 58 -39.94 28.49 -15.29
C VAL L 58 -40.37 28.20 -13.86
N GLY L 59 -39.40 27.90 -13.01
CA GLY L 59 -39.65 27.60 -11.60
C GLY L 59 -39.03 28.68 -10.72
N GLY L 60 -38.19 28.29 -9.76
CA GLY L 60 -37.57 29.24 -8.86
C GLY L 60 -38.62 29.96 -8.06
N PRO L 61 -38.58 31.30 -8.03
CA PRO L 61 -39.57 32.03 -7.26
C PRO L 61 -40.97 31.94 -7.82
N TYR L 62 -41.13 31.52 -9.08
CA TYR L 62 -42.46 31.49 -9.69
C TYR L 62 -43.25 30.33 -9.13
N ASP L 63 -44.00 30.62 -8.07
CA ASP L 63 -44.88 29.65 -7.42
C ASP L 63 -46.33 29.68 -7.94
N ALA L 64 -46.58 30.44 -9.02
CA ALA L 64 -47.87 30.43 -9.73
C ALA L 64 -49.05 30.78 -8.83
N ALA L 65 -48.83 31.77 -7.97
CA ALA L 65 -49.82 32.17 -6.99
C ALA L 65 -50.95 32.96 -7.64
N LEU L 66 -52.14 32.85 -7.09
CA LEU L 66 -53.30 33.64 -7.57
C LEU L 66 -53.09 35.13 -7.36
N ALA L 67 -52.61 35.50 -6.17
CA ALA L 67 -52.48 36.91 -5.81
C ALA L 67 -51.64 37.73 -6.78
N THR L 68 -50.54 37.14 -7.27
CA THR L 68 -49.59 37.87 -8.13
C THR L 68 -50.17 38.33 -9.47
N ASN L 69 -51.28 37.73 -9.88
CA ASN L 69 -51.98 38.19 -11.07
C ASN L 69 -52.40 39.63 -11.02
N PHE L 70 -52.62 40.13 -9.81
CA PHE L 70 -53.15 41.49 -9.61
C PHE L 70 -52.08 42.56 -9.55
N LEU L 71 -50.82 42.19 -9.69
CA LEU L 71 -49.76 43.19 -9.83
C LEU L 71 -49.91 43.82 -11.22
N PRO L 72 -49.46 45.04 -11.38
CA PRO L 72 -49.74 45.74 -12.68
C PRO L 72 -49.39 45.06 -14.10
N ARG L 73 -48.27 44.36 -14.30
CA ARG L 73 -48.01 43.66 -15.60
C ARG L 73 -48.50 42.21 -15.63
N GLY L 74 -49.32 41.85 -14.64
CA GLY L 74 -49.94 40.54 -14.58
C GLY L 74 -49.16 39.51 -13.78
N THR L 75 -47.98 39.88 -13.29
CA THR L 75 -47.20 39.04 -12.36
C THR L 75 -46.11 39.87 -11.63
N SER L 76 -45.41 39.25 -10.69
CA SER L 76 -44.38 39.90 -9.92
C SER L 76 -43.11 40.12 -10.75
N GLN L 77 -42.30 41.07 -10.33
CA GLN L 77 -41.00 41.28 -10.96
C GLN L 77 -40.01 40.12 -10.68
N ALA L 78 -40.08 39.53 -9.48
CA ALA L 78 -39.24 38.40 -9.13
C ALA L 78 -39.41 37.27 -10.13
N ASN L 79 -40.66 37.07 -10.55
CA ASN L 79 -41.01 36.05 -11.53
C ASN L 79 -40.51 36.37 -12.94
N ILE L 80 -40.72 37.62 -13.33
CA ILE L 80 -40.22 38.12 -14.61
C ILE L 80 -38.72 37.94 -14.69
N ASP L 81 -38.04 38.24 -13.60
CA ASP L 81 -36.59 38.16 -13.54
C ASP L 81 -36.08 36.74 -13.68
N GLU L 82 -36.79 35.81 -13.07
CA GLU L 82 -36.44 34.40 -13.22
C GLU L 82 -36.56 33.95 -14.67
N GLY L 83 -37.57 34.45 -15.36
CA GLY L 83 -37.69 34.23 -16.78
C GLY L 83 -36.50 34.79 -17.56
N LYS L 84 -36.16 36.04 -17.27
CA LYS L 84 -35.01 36.68 -17.91
C LYS L 84 -33.69 35.92 -17.68
N ARG L 85 -33.53 35.37 -16.48
CA ARG L 85 -32.35 34.60 -16.13
C ARG L 85 -32.18 33.40 -17.04
N LEU L 86 -33.27 32.67 -17.22
CA LEU L 86 -33.26 31.52 -18.09
C LEU L 86 -32.96 31.83 -19.57
N PHE L 87 -33.50 32.93 -20.09
CA PHE L 87 -33.16 33.35 -21.44
C PHE L 87 -31.66 33.66 -21.59
N ALA L 88 -31.09 34.26 -20.55
CA ALA L 88 -29.66 34.62 -20.52
C ALA L 88 -28.79 33.38 -20.39
N LEU L 89 -29.26 32.42 -19.60
CA LEU L 89 -28.57 31.15 -19.46
C LEU L 89 -28.54 30.37 -20.77
N ALA L 90 -29.60 30.46 -21.55
CA ALA L 90 -29.64 29.81 -22.85
C ALA L 90 -28.60 30.41 -23.77
N ASN L 91 -28.45 31.73 -23.70
CA ASN L 91 -27.53 32.44 -24.55
C ASN L 91 -26.09 32.17 -24.19
N GLN L 92 -25.83 32.03 -22.92
CA GLN L 92 -24.51 31.67 -22.45
C GLN L 92 -24.13 30.24 -22.75
N LYS L 93 -24.99 29.28 -22.45
CA LYS L 93 -24.70 27.89 -22.75
C LYS L 93 -24.62 27.59 -24.26
N CYS L 94 -25.52 28.16 -25.05
CA CYS L 94 -25.76 27.69 -26.43
C CYS L 94 -26.14 28.82 -27.37
N PRO L 95 -25.23 29.78 -27.56
CA PRO L 95 -25.62 31.04 -28.21
C PRO L 95 -26.11 30.83 -29.62
N ASN L 96 -25.79 29.71 -30.21
CA ASN L 96 -26.16 29.46 -31.59
C ASN L 96 -27.41 28.65 -31.76
N THR L 97 -27.95 28.15 -30.65
CA THR L 97 -29.16 27.35 -30.65
C THR L 97 -30.40 28.24 -30.59
N PRO L 98 -31.34 28.06 -31.52
CA PRO L 98 -32.55 28.85 -31.44
C PRO L 98 -33.39 28.52 -30.22
N VAL L 99 -34.00 29.56 -29.66
CA VAL L 99 -34.88 29.47 -28.51
C VAL L 99 -36.30 29.81 -28.91
N VAL L 100 -37.25 29.02 -28.45
CA VAL L 100 -38.65 29.37 -28.54
C VAL L 100 -39.21 29.39 -27.13
N ALA L 101 -40.34 30.06 -26.96
CA ALA L 101 -40.95 30.21 -25.64
C ALA L 101 -42.44 30.13 -25.68
N GLY L 102 -43.01 29.79 -24.53
CA GLY L 102 -44.45 29.67 -24.40
C GLY L 102 -44.88 30.08 -23.02
N GLY L 103 -46.16 30.45 -22.91
CA GLY L 103 -46.74 30.78 -21.63
C GLY L 103 -48.24 30.69 -21.62
N TYR L 104 -48.79 30.32 -20.48
CA TYR L 104 -50.22 30.14 -20.32
C TYR L 104 -50.72 30.95 -19.14
N SER L 105 -51.79 31.70 -19.37
CA SER L 105 -52.45 32.44 -18.33
C SER L 105 -51.43 33.36 -17.66
N GLN L 106 -51.24 33.27 -16.34
CA GLN L 106 -50.25 34.13 -15.68
C GLN L 106 -48.84 33.95 -16.27
N GLY L 107 -48.50 32.73 -16.67
CA GLY L 107 -47.25 32.46 -17.35
C GLY L 107 -47.07 33.21 -18.67
N ALA L 108 -48.17 33.49 -19.36
CA ALA L 108 -48.13 34.31 -20.57
C ALA L 108 -47.73 35.77 -20.27
N ALA L 109 -48.31 36.32 -19.21
CA ALA L 109 -47.92 37.62 -18.71
C ALA L 109 -46.43 37.65 -18.38
N LEU L 110 -45.98 36.61 -17.70
CA LEU L 110 -44.59 36.48 -17.27
C LEU L 110 -43.64 36.50 -18.47
N ILE L 111 -43.88 35.62 -19.43
CA ILE L 111 -43.02 35.49 -20.61
C ILE L 111 -43.02 36.75 -21.45
N ALA L 112 -44.19 37.35 -21.62
CA ALA L 112 -44.32 38.57 -22.43
C ALA L 112 -43.45 39.67 -21.85
N ALA L 113 -43.53 39.84 -20.54
CA ALA L 113 -42.79 40.86 -19.86
C ALA L 113 -41.31 40.63 -19.98
N ALA L 114 -40.89 39.41 -19.68
CA ALA L 114 -39.48 39.02 -19.71
C ALA L 114 -38.87 39.27 -21.10
N VAL L 115 -39.56 38.82 -22.14
CA VAL L 115 -39.08 38.97 -23.49
C VAL L 115 -38.92 40.45 -23.83
N SER L 116 -39.85 41.28 -23.38
CA SER L 116 -39.82 42.72 -23.72
C SER L 116 -38.57 43.41 -23.14
N GLU L 117 -38.10 42.94 -21.99
CA GLU L 117 -36.94 43.52 -21.32
C GLU L 117 -35.61 42.90 -21.75
N LEU L 118 -35.63 41.97 -22.68
CA LEU L 118 -34.38 41.34 -23.15
C LEU L 118 -33.62 42.26 -24.08
N SER L 119 -32.33 41.95 -24.20
CA SER L 119 -31.38 42.86 -24.80
C SER L 119 -30.75 42.26 -26.04
N GLY L 120 -30.90 42.97 -27.16
CA GLY L 120 -30.08 42.73 -28.36
C GLY L 120 -29.89 41.30 -28.80
N ALA L 121 -28.73 40.72 -28.48
CA ALA L 121 -28.36 39.40 -28.92
C ALA L 121 -29.32 38.35 -28.35
N VAL L 122 -29.62 38.49 -27.06
CA VAL L 122 -30.40 37.50 -26.34
C VAL L 122 -31.80 37.47 -26.88
N LYS L 123 -32.32 38.64 -27.19
CA LYS L 123 -33.64 38.74 -27.78
C LYS L 123 -33.69 38.14 -29.17
N GLU L 124 -32.64 38.35 -29.93
CA GLU L 124 -32.57 37.88 -31.30
C GLU L 124 -32.63 36.34 -31.33
N GLN L 125 -32.05 35.72 -30.30
CA GLN L 125 -32.03 34.26 -30.18
C GLN L 125 -33.43 33.65 -30.03
N VAL L 126 -34.36 34.43 -29.49
CA VAL L 126 -35.73 33.98 -29.29
C VAL L 126 -36.51 34.11 -30.59
N LYS L 127 -36.61 33.01 -31.32
CA LYS L 127 -37.16 33.00 -32.67
C LYS L 127 -38.68 33.04 -32.74
N GLY L 128 -39.33 32.75 -31.62
CA GLY L 128 -40.78 32.65 -31.64
C GLY L 128 -41.33 32.47 -30.25
N VAL L 129 -42.52 33.04 -30.03
CA VAL L 129 -43.22 32.94 -28.75
C VAL L 129 -44.71 32.63 -28.94
N ALA L 130 -45.22 31.62 -28.26
CA ALA L 130 -46.66 31.31 -28.25
C ALA L 130 -47.30 31.61 -26.87
N LEU L 131 -48.40 32.34 -26.86
CA LEU L 131 -49.07 32.72 -25.64
C LEU L 131 -50.50 32.19 -25.67
N PHE L 132 -50.97 31.74 -24.52
CA PHE L 132 -52.29 31.14 -24.43
C PHE L 132 -53.06 31.79 -23.28
N GLY L 133 -54.31 32.16 -23.49
CA GLY L 133 -55.09 32.79 -22.44
C GLY L 133 -54.27 33.93 -21.88
N TYR L 134 -53.88 34.83 -22.76
CA TYR L 134 -52.98 35.95 -22.46
C TYR L 134 -53.63 37.05 -21.62
N THR L 135 -53.20 37.18 -20.36
CA THR L 135 -53.88 38.07 -19.43
C THR L 135 -53.64 39.58 -19.71
N GLN L 136 -52.61 39.89 -20.50
CA GLN L 136 -52.30 41.28 -20.87
C GLN L 136 -52.57 41.50 -22.33
N ASN L 137 -53.44 40.69 -22.91
CA ASN L 137 -53.76 40.80 -24.33
C ASN L 137 -54.35 42.15 -24.71
N LEU L 138 -55.24 42.68 -23.88
CA LEU L 138 -55.80 44.02 -24.11
C LEU L 138 -54.77 45.13 -23.87
N GLN L 139 -54.14 45.10 -22.69
CA GLN L 139 -53.14 46.07 -22.30
C GLN L 139 -52.00 46.17 -23.30
N ASN L 140 -51.54 45.06 -23.84
CA ASN L 140 -50.41 45.07 -24.79
C ASN L 140 -50.84 44.97 -26.24
N ARG L 141 -52.12 45.19 -26.44
CA ARG L 141 -52.69 45.28 -27.78
C ARG L 141 -52.37 44.06 -28.66
N GLY L 142 -52.53 42.87 -28.10
CA GLY L 142 -52.39 41.64 -28.88
C GLY L 142 -50.97 41.16 -29.15
N GLY L 143 -49.98 41.79 -28.52
CA GLY L 143 -48.59 41.47 -28.77
C GLY L 143 -47.68 41.54 -27.55
N ILE L 144 -46.38 41.45 -27.81
CA ILE L 144 -45.35 41.63 -26.81
C ILE L 144 -44.58 42.92 -27.13
N PRO L 145 -44.51 43.87 -26.18
CA PRO L 145 -43.74 45.09 -26.34
C PRO L 145 -42.28 44.83 -26.77
N ASN L 146 -41.81 45.56 -27.78
CA ASN L 146 -40.44 45.44 -28.30
C ASN L 146 -40.11 44.08 -28.84
N TYR L 147 -41.08 43.38 -29.40
CA TYR L 147 -40.82 42.08 -29.96
C TYR L 147 -41.61 41.95 -31.25
N PRO L 148 -40.94 41.56 -32.32
CA PRO L 148 -41.60 41.46 -33.62
C PRO L 148 -42.94 40.76 -33.55
N ARG L 149 -43.95 41.36 -34.16
CA ARG L 149 -45.25 40.74 -34.23
C ARG L 149 -45.23 39.43 -35.03
N GLU L 150 -44.34 39.28 -36.01
CA GLU L 150 -44.35 38.07 -36.85
C GLU L 150 -43.74 36.86 -36.14
N ARG L 151 -43.01 37.12 -35.05
CA ARG L 151 -42.47 36.05 -34.18
C ARG L 151 -43.42 35.68 -33.02
N THR L 152 -44.52 36.43 -32.90
CA THR L 152 -45.49 36.26 -31.83
C THR L 152 -46.76 35.58 -32.34
N LYS L 153 -47.35 34.72 -31.53
CA LYS L 153 -48.61 34.08 -31.84
C LYS L 153 -49.43 33.97 -30.56
N VAL L 154 -50.62 34.59 -30.55
CA VAL L 154 -51.46 34.64 -29.35
C VAL L 154 -52.71 33.81 -29.54
N PHE L 155 -52.94 32.85 -28.65
CA PHE L 155 -54.21 32.09 -28.61
C PHE L 155 -55.11 32.62 -27.50
N CYS L 156 -56.21 33.25 -27.89
CA CYS L 156 -57.14 33.86 -26.96
C CYS L 156 -58.51 33.46 -27.43
N ASN L 157 -59.06 32.41 -26.84
CA ASN L 157 -60.37 31.89 -27.23
C ASN L 157 -61.46 32.92 -27.09
N VAL L 158 -62.51 32.75 -27.86
CA VAL L 158 -63.58 33.71 -27.91
C VAL L 158 -64.27 34.02 -26.63
N GLY L 159 -64.59 33.05 -25.78
CA GLY L 159 -65.21 33.46 -24.52
C GLY L 159 -64.26 33.68 -23.35
N ASP L 160 -62.96 33.79 -23.63
CA ASP L 160 -61.97 33.84 -22.57
C ASP L 160 -61.77 35.28 -22.09
N ALA L 161 -62.40 35.58 -20.96
CA ALA L 161 -62.51 36.94 -20.46
C ALA L 161 -61.19 37.62 -20.15
N VAL L 162 -60.12 36.84 -19.94
CA VAL L 162 -58.86 37.46 -19.54
C VAL L 162 -58.24 38.19 -20.71
N CYS L 163 -58.68 37.79 -21.89
CA CYS L 163 -58.17 38.35 -23.14
C CYS L 163 -58.73 39.73 -23.39
N THR L 164 -59.85 40.05 -22.75
CA THR L 164 -60.46 41.38 -22.85
C THR L 164 -60.33 42.15 -21.54
N GLY L 165 -59.19 42.01 -20.86
CA GLY L 165 -58.86 42.84 -19.70
C GLY L 165 -59.56 42.57 -18.38
N THR L 166 -60.16 41.40 -18.23
CA THR L 166 -60.87 41.03 -16.99
C THR L 166 -60.25 39.78 -16.39
N LEU L 167 -59.93 39.78 -15.11
CA LEU L 167 -59.35 38.55 -14.53
C LEU L 167 -60.36 37.57 -13.97
N ILE L 168 -61.17 37.02 -14.85
CA ILE L 168 -62.02 35.92 -14.39
C ILE L 168 -61.84 34.71 -15.22
N ILE L 169 -62.17 33.58 -14.64
CA ILE L 169 -61.99 32.33 -15.32
C ILE L 169 -63.26 31.69 -15.85
N THR L 170 -63.38 31.68 -17.18
CA THR L 170 -64.48 30.99 -17.83
C THR L 170 -63.97 29.65 -18.34
N PRO L 171 -64.89 28.76 -18.76
CA PRO L 171 -64.47 27.50 -19.35
C PRO L 171 -63.57 27.64 -20.55
N ALA L 172 -63.74 28.72 -21.30
CA ALA L 172 -62.90 28.95 -22.49
C ALA L 172 -61.43 29.10 -22.13
N HIS L 173 -61.15 29.56 -20.92
CA HIS L 173 -59.77 29.73 -20.44
C HIS L 173 -59.09 28.37 -20.14
N LEU L 174 -59.87 27.29 -20.02
CA LEU L 174 -59.33 25.98 -19.66
C LEU L 174 -59.13 25.08 -20.83
N SER L 175 -59.10 25.66 -22.02
CA SER L 175 -59.27 24.91 -23.24
C SER L 175 -58.24 25.35 -24.32
N TYR L 176 -56.94 25.09 -24.08
CA TYR L 176 -55.91 25.40 -25.05
C TYR L 176 -54.99 24.22 -25.37
N THR L 177 -55.31 23.02 -24.97
CA THR L 177 -54.38 21.93 -25.10
C THR L 177 -54.26 21.43 -26.54
N ILE L 178 -55.35 21.47 -27.30
CA ILE L 178 -55.27 21.10 -28.73
C ILE L 178 -54.46 22.11 -29.55
N GLU L 179 -54.74 23.39 -29.33
CA GLU L 179 -54.09 24.52 -30.02
C GLU L 179 -52.58 24.44 -29.67
N ALA L 180 -52.25 24.01 -28.47
CA ALA L 180 -50.85 23.91 -28.04
C ALA L 180 -50.10 22.76 -28.70
N ARG L 181 -50.72 21.57 -28.74
CA ARG L 181 -50.12 20.35 -29.32
C ARG L 181 -49.99 20.49 -30.83
N GLY L 182 -50.98 21.12 -31.46
CA GLY L 182 -51.05 21.21 -32.90
C GLY L 182 -50.53 22.50 -33.46
N GLU L 183 -51.43 23.47 -33.58
CA GLU L 183 -51.15 24.68 -34.35
C GLU L 183 -49.95 25.48 -33.81
N ALA L 184 -49.87 25.60 -32.49
CA ALA L 184 -48.78 26.35 -31.84
C ALA L 184 -47.42 25.69 -32.01
N ALA L 185 -47.39 24.35 -31.96
CA ALA L 185 -46.13 23.66 -32.15
C ALA L 185 -45.62 23.82 -33.58
N ARG L 186 -46.53 23.73 -34.56
CA ARG L 186 -46.20 23.98 -35.95
C ARG L 186 -45.67 25.39 -36.14
N PHE L 187 -46.35 26.38 -35.55
CA PHE L 187 -45.89 27.74 -35.64
C PHE L 187 -44.42 27.89 -35.17
N LEU L 188 -44.11 27.34 -33.99
CA LEU L 188 -42.77 27.48 -33.43
C LEU L 188 -41.74 26.72 -34.22
N ARG L 189 -42.13 25.56 -34.74
CA ARG L 189 -41.26 24.81 -35.61
C ARG L 189 -40.87 25.65 -36.84
N ASP L 190 -41.87 26.23 -37.49
CA ASP L 190 -41.65 27.12 -38.64
C ASP L 190 -40.72 28.27 -38.30
N ARG L 191 -40.91 28.89 -37.14
CA ARG L 191 -40.04 29.98 -36.67
C ARG L 191 -38.59 29.56 -36.41
N ILE L 192 -38.37 28.29 -36.13
CA ILE L 192 -36.99 27.79 -36.00
C ILE L 192 -36.24 27.75 -37.35
N ARG L 193 -36.88 28.11 -38.47
CA ARG L 193 -36.17 28.13 -39.77
C ARG L 193 -36.07 29.47 -40.50
#